data_5KYO
#
_entry.id   5KYO
#
_cell.length_a   99.426
_cell.length_b   100.031
_cell.length_c   99.963
_cell.angle_alpha   63.46
_cell.angle_beta   63.66
_cell.angle_gamma   63.67
#
_symmetry.space_group_name_H-M   'P 1'
#
loop_
_entity.id
_entity.type
_entity.pdbx_description
1 polymer CYP101J2
2 non-polymer 'PROTOPORPHYRIN IX CONTAINING FE'
3 water water
#
_entity_poly.entity_id   1
_entity_poly.type   'polypeptide(L)'
_entity_poly.pdbx_seq_one_letter_code
;MGSSHHHHHHSSGLVPRGSHMEASVKGAAGQMTERPDNVPADRVFDFDIYRDVPEGLDFHQSWREIMRQAPHPLMWTPHN
GGHWVALRSDLAETVMSDFERFSNHTVLVPKETAGEAYRLIPLSLDPPEHRPFRSLLNENLGPKPLRPIEQVVTDLAVSL
IEGFRPKGRCNFTHEFAEQLPVRIFMRIVDLPVEDLPKLKHLADQYTRPDGSIPLDDVTKQFREYLRPVIEARRIKPGED
MISRMINGEVGGRPLTDIEAENICIQVLVGGLDTVVNMLGFTFSHLAKDHALRRAIAADPSLIDDALLEFFRRFPVVSSA
REVLRDQEFEGVLLKAGDMVMAPTVVVAMDDARNEDPLEFRLGRKARQHSTFGKGSHTCPGAHLARMEMKVVLREWFARI
PEFRIEDDAPLRYSNGIVGSVKPFVLEWPV
;
_entity_poly.pdbx_strand_id   A,B,C,D,E,F
#
# COMPACT_ATOMS: atom_id res chain seq x y z
N MET A 32 -54.54 -14.38 9.94
CA MET A 32 -55.93 -14.79 9.77
C MET A 32 -56.58 -15.17 11.10
N THR A 33 -55.90 -14.83 12.20
CA THR A 33 -56.40 -15.18 13.53
C THR A 33 -56.94 -13.97 14.28
N GLU A 34 -57.93 -14.22 15.13
CA GLU A 34 -58.54 -13.20 15.97
C GLU A 34 -57.49 -12.47 16.81
N ARG A 35 -57.55 -11.15 16.81
CA ARG A 35 -56.66 -10.33 17.62
C ARG A 35 -57.00 -10.50 19.10
N PRO A 36 -56.04 -11.03 19.88
CA PRO A 36 -56.21 -11.35 21.29
C PRO A 36 -56.18 -10.09 22.16
N ASP A 37 -56.69 -10.20 23.39
CA ASP A 37 -56.84 -9.04 24.28
C ASP A 37 -55.55 -8.61 24.95
N ASN A 38 -54.44 -9.27 24.64
CA ASN A 38 -53.16 -8.80 25.15
C ASN A 38 -52.38 -8.07 24.05
N VAL A 39 -53.03 -7.91 22.90
CA VAL A 39 -52.38 -7.24 21.78
C VAL A 39 -52.98 -5.86 21.51
N PRO A 40 -52.30 -4.79 21.96
CA PRO A 40 -52.70 -3.45 21.51
C PRO A 40 -52.72 -3.37 19.98
N ALA A 41 -53.76 -2.76 19.42
CA ALA A 41 -53.87 -2.63 17.98
C ALA A 41 -52.81 -1.69 17.43
N ASP A 42 -52.16 -0.96 18.34
CA ASP A 42 -51.04 -0.10 18.00
C ASP A 42 -49.81 -0.90 17.56
N ARG A 43 -49.78 -2.18 17.93
CA ARG A 43 -48.63 -3.04 17.59
C ARG A 43 -48.93 -4.04 16.49
N VAL A 44 -50.08 -3.88 15.82
CA VAL A 44 -50.48 -4.76 14.72
C VAL A 44 -49.81 -4.39 13.38
N PHE A 45 -49.30 -5.40 12.66
CA PHE A 45 -48.64 -5.20 11.37
C PHE A 45 -48.76 -6.45 10.50
N ASP A 46 -48.63 -6.28 9.19
CA ASP A 46 -49.00 -7.30 8.20
C ASP A 46 -47.79 -8.11 7.76
N PHE A 47 -47.41 -9.09 8.58
CA PHE A 47 -46.16 -9.79 8.40
C PHE A 47 -46.38 -11.29 8.19
N ASP A 48 -45.94 -11.81 7.05
CA ASP A 48 -45.97 -13.25 6.78
C ASP A 48 -44.52 -13.70 6.51
N ILE A 49 -43.98 -14.52 7.42
CA ILE A 49 -42.57 -14.94 7.32
C ILE A 49 -42.40 -15.90 6.15
N TYR A 50 -43.51 -16.36 5.58
CA TYR A 50 -43.45 -17.25 4.42
C TYR A 50 -43.68 -16.55 3.07
N ARG A 51 -44.11 -15.30 3.14
CA ARG A 51 -44.45 -14.50 1.95
C ARG A 51 -43.21 -13.97 1.23
N ASP A 52 -43.24 -14.00 -0.10
CA ASP A 52 -42.10 -13.57 -0.90
C ASP A 52 -41.72 -12.12 -0.71
N VAL A 53 -40.44 -11.85 -0.89
CA VAL A 53 -39.96 -10.48 -0.97
C VAL A 53 -40.64 -9.83 -2.17
N PRO A 54 -41.18 -8.61 -1.99
CA PRO A 54 -41.77 -7.88 -3.12
C PRO A 54 -40.81 -7.69 -4.28
N GLU A 55 -41.24 -8.09 -5.47
CA GLU A 55 -40.49 -7.81 -6.69
C GLU A 55 -40.55 -6.30 -6.95
N GLY A 56 -39.39 -5.64 -6.93
CA GLY A 56 -38.11 -6.29 -6.74
C GLY A 56 -37.20 -5.50 -5.81
N LEU A 57 -37.42 -5.67 -4.51
CA LEU A 57 -36.54 -5.15 -3.49
C LEU A 57 -35.44 -6.17 -3.21
N ASP A 58 -34.35 -5.73 -2.58
CA ASP A 58 -33.37 -6.65 -2.05
C ASP A 58 -33.91 -7.28 -0.77
N PHE A 59 -33.63 -8.56 -0.55
CA PHE A 59 -34.09 -9.29 0.64
C PHE A 59 -33.83 -8.52 1.93
N HIS A 60 -32.58 -8.15 2.18
CA HIS A 60 -32.27 -7.53 3.46
C HIS A 60 -32.80 -6.08 3.55
N GLN A 61 -32.84 -5.41 2.41
CA GLN A 61 -33.40 -4.06 2.33
C GLN A 61 -34.87 -4.08 2.72
N SER A 62 -35.63 -4.99 2.12
CA SER A 62 -37.03 -5.25 2.46
C SER A 62 -37.26 -5.33 3.98
N TRP A 63 -36.43 -6.13 4.63
CA TRP A 63 -36.51 -6.32 6.08
C TRP A 63 -36.23 -5.00 6.81
N ARG A 64 -35.26 -4.24 6.33
CA ARG A 64 -34.92 -2.98 6.95
C ARG A 64 -36.08 -1.99 6.88
N GLU A 65 -36.83 -2.03 5.78
CA GLU A 65 -38.02 -1.18 5.65
C GLU A 65 -39.11 -1.59 6.62
N ILE A 66 -39.27 -2.90 6.82
CA ILE A 66 -40.20 -3.41 7.81
C ILE A 66 -39.82 -2.91 9.20
N MET A 67 -38.53 -2.99 9.51
CA MET A 67 -38.00 -2.53 10.79
C MET A 67 -38.19 -1.01 10.97
N ARG A 68 -38.07 -0.28 9.87
CA ARG A 68 -38.09 1.18 9.91
C ARG A 68 -39.51 1.71 10.06
N GLN A 69 -40.48 1.00 9.49
CA GLN A 69 -41.87 1.43 9.53
C GLN A 69 -42.60 1.06 10.83
N ALA A 70 -42.01 0.16 11.60
CA ALA A 70 -42.66 -0.36 12.81
C ALA A 70 -42.62 0.60 13.99
N PRO A 71 -43.80 1.00 14.48
CA PRO A 71 -44.02 1.90 15.62
C PRO A 71 -43.40 1.44 16.93
N HIS A 72 -43.15 0.13 17.07
CA HIS A 72 -42.52 -0.43 18.27
C HIS A 72 -41.49 -1.49 17.90
N PRO A 73 -40.48 -1.68 18.76
CA PRO A 73 -39.51 -2.77 18.63
C PRO A 73 -40.17 -4.14 18.62
N LEU A 74 -41.33 -4.26 19.28
CA LEU A 74 -42.04 -5.53 19.32
C LEU A 74 -43.41 -5.35 18.72
N MET A 75 -43.63 -5.94 17.55
CA MET A 75 -44.93 -5.88 16.89
C MET A 75 -45.61 -7.25 16.91
N TRP A 76 -46.85 -7.29 16.43
CA TRP A 76 -47.66 -8.51 16.45
C TRP A 76 -48.39 -8.65 15.12
N THR A 77 -48.37 -9.86 14.57
CA THR A 77 -48.98 -10.13 13.26
C THR A 77 -50.05 -11.21 13.40
N PRO A 78 -51.19 -11.03 12.72
CA PRO A 78 -52.26 -12.03 12.75
C PRO A 78 -51.94 -13.31 11.95
N HIS A 79 -50.91 -13.26 11.12
CA HIS A 79 -50.57 -14.39 10.26
C HIS A 79 -49.92 -15.53 11.06
N ASN A 80 -50.06 -16.76 10.57
CA ASN A 80 -49.36 -17.92 11.15
C ASN A 80 -49.65 -18.10 12.64
N GLY A 81 -50.93 -18.26 13.00
CA GLY A 81 -51.32 -18.44 14.39
C GLY A 81 -51.39 -17.16 15.24
N GLY A 82 -50.80 -16.08 14.73
CA GLY A 82 -50.68 -14.85 15.50
C GLY A 82 -49.44 -14.90 16.38
N HIS A 83 -48.52 -13.96 16.18
CA HIS A 83 -47.29 -13.99 16.95
C HIS A 83 -46.55 -12.66 16.98
N TRP A 84 -45.78 -12.46 18.05
CA TRP A 84 -44.97 -11.26 18.19
C TRP A 84 -43.68 -11.38 17.38
N VAL A 85 -43.14 -10.23 16.95
CA VAL A 85 -41.89 -10.20 16.22
C VAL A 85 -40.94 -9.15 16.79
N ALA A 86 -39.75 -9.58 17.19
CA ALA A 86 -38.72 -8.65 17.66
C ALA A 86 -38.06 -8.01 16.44
N LEU A 87 -38.13 -6.67 16.39
CA LEU A 87 -37.69 -5.93 15.22
C LEU A 87 -36.48 -5.01 15.46
N ARG A 88 -35.85 -5.16 16.62
CA ARG A 88 -34.59 -4.46 16.89
C ARG A 88 -33.52 -5.45 17.32
N SER A 89 -32.26 -5.07 17.17
CA SER A 89 -31.14 -5.99 17.40
C SER A 89 -31.06 -6.52 18.82
N ASP A 90 -30.93 -5.61 19.79
CA ASP A 90 -30.75 -6.00 21.18
C ASP A 90 -31.91 -6.86 21.66
N LEU A 91 -33.11 -6.49 21.22
CA LEU A 91 -34.33 -7.24 21.55
C LEU A 91 -34.28 -8.68 21.00
N ALA A 92 -34.01 -8.79 19.71
CA ALA A 92 -33.88 -10.10 19.05
C ALA A 92 -32.90 -11.03 19.77
N GLU A 93 -31.74 -10.50 20.14
CA GLU A 93 -30.72 -11.31 20.80
C GLU A 93 -31.14 -11.73 22.20
N THR A 94 -31.94 -10.88 22.84
CA THR A 94 -32.50 -11.20 24.16
C THR A 94 -33.48 -12.36 24.08
N VAL A 95 -34.44 -12.28 23.16
CA VAL A 95 -35.40 -13.39 22.98
C VAL A 95 -34.63 -14.64 22.57
N MET A 96 -33.65 -14.45 21.70
CA MET A 96 -32.82 -15.57 21.23
C MET A 96 -32.12 -16.32 22.36
N SER A 97 -31.64 -15.58 23.34
CA SER A 97 -30.73 -16.13 24.35
C SER A 97 -31.34 -16.34 25.74
N ASP A 98 -32.39 -15.58 26.08
CA ASP A 98 -32.94 -15.62 27.43
C ASP A 98 -33.93 -16.77 27.64
N PHE A 99 -33.39 -17.97 27.80
CA PHE A 99 -34.20 -19.18 27.89
C PHE A 99 -35.13 -19.18 29.11
N GLU A 100 -34.76 -18.45 30.16
CA GLU A 100 -35.59 -18.38 31.36
C GLU A 100 -36.97 -17.78 31.07
N ARG A 101 -37.05 -16.94 30.03
CA ARG A 101 -38.31 -16.33 29.65
C ARG A 101 -38.83 -16.81 28.30
N PHE A 102 -37.92 -17.08 27.37
CA PHE A 102 -38.30 -17.47 26.02
C PHE A 102 -37.71 -18.84 25.68
N SER A 103 -38.59 -19.81 25.46
CA SER A 103 -38.21 -21.22 25.42
C SER A 103 -38.11 -21.80 24.00
N ASN A 104 -37.18 -22.72 23.81
CA ASN A 104 -37.05 -23.44 22.53
C ASN A 104 -38.09 -24.56 22.39
N HIS A 105 -39.13 -24.52 23.23
CA HIS A 105 -40.15 -25.58 23.21
C HIS A 105 -40.92 -25.58 21.90
N THR A 106 -41.20 -24.38 21.37
CA THR A 106 -41.67 -24.22 20.01
C THR A 106 -40.82 -23.14 19.35
N VAL A 107 -40.37 -23.38 18.12
CA VAL A 107 -39.52 -22.43 17.41
C VAL A 107 -40.05 -22.13 16.03
N LEU A 108 -41.16 -22.73 15.68
CA LEU A 108 -41.74 -22.60 14.35
C LEU A 108 -43.17 -22.08 14.46
N VAL A 109 -43.56 -21.26 13.48
CA VAL A 109 -44.94 -20.80 13.37
C VAL A 109 -45.60 -21.40 12.12
N PRO A 110 -46.91 -21.69 12.19
CA PRO A 110 -47.83 -21.56 13.34
C PRO A 110 -47.51 -22.56 14.44
N LYS A 111 -47.72 -22.15 15.69
CA LYS A 111 -47.40 -23.01 16.84
C LYS A 111 -48.17 -24.33 16.86
N GLU A 112 -49.48 -24.28 16.60
CA GLU A 112 -50.31 -25.47 16.74
C GLU A 112 -50.38 -26.29 15.45
N THR A 113 -49.47 -26.03 14.52
CA THR A 113 -49.29 -26.96 13.41
C THR A 113 -47.80 -27.25 13.27
N ALA A 114 -47.05 -26.35 12.64
CA ALA A 114 -45.63 -26.57 12.41
C ALA A 114 -44.85 -26.71 13.72
N GLY A 115 -45.14 -25.84 14.67
CA GLY A 115 -44.43 -25.84 15.94
C GLY A 115 -44.51 -27.17 16.69
N GLU A 116 -45.71 -27.74 16.75
CA GLU A 116 -45.83 -29.04 17.41
C GLU A 116 -45.29 -30.13 16.50
N ALA A 117 -45.51 -29.99 15.19
CA ALA A 117 -45.10 -31.01 14.22
C ALA A 117 -43.61 -31.32 14.26
N TYR A 118 -42.80 -30.27 14.40
CA TYR A 118 -41.35 -30.43 14.32
C TYR A 118 -40.61 -30.43 15.65
N ARG A 119 -41.33 -30.24 16.76
CA ARG A 119 -40.73 -30.28 18.08
C ARG A 119 -40.05 -31.63 18.36
N LEU A 120 -38.74 -31.61 18.58
CA LEU A 120 -37.98 -32.83 18.75
C LEU A 120 -36.79 -32.60 19.69
N ILE A 121 -36.73 -33.34 20.79
CA ILE A 121 -35.59 -33.22 21.71
C ILE A 121 -34.33 -33.69 20.97
N PRO A 122 -33.16 -33.10 21.28
CA PRO A 122 -32.87 -32.08 22.31
C PRO A 122 -32.96 -30.61 21.85
N LEU A 123 -33.27 -30.34 20.60
CA LEU A 123 -33.30 -28.96 20.13
C LEU A 123 -34.43 -28.17 20.80
N SER A 124 -35.46 -28.91 21.23
CA SER A 124 -36.59 -28.34 21.92
C SER A 124 -36.29 -28.09 23.40
N LEU A 125 -35.16 -28.60 23.88
CA LEU A 125 -34.79 -28.43 25.28
C LEU A 125 -34.28 -27.03 25.61
N ASP A 126 -34.50 -26.62 26.85
CA ASP A 126 -33.90 -25.39 27.40
C ASP A 126 -32.84 -25.82 28.39
N PRO A 127 -31.90 -24.91 28.70
CA PRO A 127 -31.06 -25.21 29.87
C PRO A 127 -31.94 -25.24 31.12
N PRO A 128 -31.55 -26.02 32.14
CA PRO A 128 -30.32 -26.81 32.23
C PRO A 128 -30.29 -28.11 31.40
N GLU A 129 -31.44 -28.63 30.96
CA GLU A 129 -31.51 -29.94 30.32
C GLU A 129 -30.79 -29.98 28.97
N HIS A 130 -30.71 -28.84 28.33
CA HIS A 130 -30.08 -28.73 27.00
C HIS A 130 -28.56 -28.73 27.07
N ARG A 131 -28.02 -28.51 28.27
CA ARG A 131 -26.57 -28.42 28.46
C ARG A 131 -25.77 -29.61 27.91
N PRO A 132 -26.06 -30.84 28.39
CA PRO A 132 -25.15 -31.92 27.98
C PRO A 132 -25.24 -32.20 26.49
N PHE A 133 -26.40 -31.98 25.90
CA PHE A 133 -26.56 -32.21 24.47
C PHE A 133 -25.82 -31.17 23.65
N ARG A 134 -25.91 -29.91 24.09
CA ARG A 134 -25.15 -28.82 23.48
C ARG A 134 -23.65 -29.13 23.46
N SER A 135 -23.14 -29.65 24.57
CA SER A 135 -21.74 -30.05 24.62
C SER A 135 -21.41 -31.10 23.56
N LEU A 136 -22.28 -32.10 23.46
CA LEU A 136 -22.11 -33.21 22.54
C LEU A 136 -22.13 -32.74 21.09
N LEU A 137 -23.09 -31.88 20.76
CA LEU A 137 -23.19 -31.31 19.42
C LEU A 137 -21.97 -30.48 19.06
N ASN A 138 -21.59 -29.60 19.99
CA ASN A 138 -20.49 -28.69 19.72
C ASN A 138 -19.14 -29.40 19.59
N GLU A 139 -18.88 -30.41 20.42
N GLU A 139 -18.88 -30.40 20.41
CA GLU A 139 -17.58 -31.07 20.35
CA GLU A 139 -17.59 -31.07 20.34
C GLU A 139 -17.45 -31.97 19.12
C GLU A 139 -17.46 -31.95 19.10
N ASN A 140 -18.53 -32.62 18.72
CA ASN A 140 -18.49 -33.57 17.61
C ASN A 140 -18.46 -32.92 16.22
N LEU A 141 -18.83 -31.64 16.15
CA LEU A 141 -18.79 -30.87 14.90
C LEU A 141 -17.64 -29.88 14.96
N GLY A 142 -16.72 -30.09 15.91
CA GLY A 142 -15.60 -29.17 16.11
C GLY A 142 -14.54 -29.32 15.04
N PRO A 143 -13.58 -28.37 15.01
CA PRO A 143 -12.48 -28.39 14.03
C PRO A 143 -11.73 -29.73 13.99
N LYS A 144 -11.46 -30.35 15.13
CA LYS A 144 -10.68 -31.58 15.13
C LYS A 144 -11.42 -32.73 14.41
N PRO A 145 -12.61 -33.15 14.91
CA PRO A 145 -13.16 -34.33 14.21
C PRO A 145 -13.65 -34.03 12.80
N LEU A 146 -13.78 -32.75 12.43
CA LEU A 146 -14.17 -32.38 11.07
C LEU A 146 -12.97 -32.16 10.13
N ARG A 147 -11.76 -32.32 10.66
CA ARG A 147 -10.55 -32.15 9.84
C ARG A 147 -10.56 -32.89 8.47
N PRO A 148 -11.00 -34.16 8.42
CA PRO A 148 -10.97 -34.83 7.12
C PRO A 148 -12.06 -34.36 6.17
N ILE A 149 -13.00 -33.56 6.65
CA ILE A 149 -14.13 -33.17 5.81
C ILE A 149 -13.65 -32.14 4.78
N GLU A 150 -12.58 -31.42 5.09
CA GLU A 150 -12.10 -30.40 4.17
C GLU A 150 -11.79 -30.96 2.77
N GLN A 151 -11.11 -32.10 2.71
CA GLN A 151 -10.79 -32.70 1.42
C GLN A 151 -12.02 -33.27 0.75
N VAL A 152 -12.99 -33.71 1.55
CA VAL A 152 -14.27 -34.14 1.01
C VAL A 152 -15.01 -32.98 0.31
N VAL A 153 -15.02 -31.81 0.93
CA VAL A 153 -15.70 -30.66 0.34
C VAL A 153 -14.92 -30.26 -0.91
N THR A 154 -13.59 -30.31 -0.82
CA THR A 154 -12.76 -29.91 -1.96
C THR A 154 -13.01 -30.77 -3.19
N ASP A 155 -13.00 -32.09 -3.03
CA ASP A 155 -13.17 -32.98 -4.16
C ASP A 155 -14.55 -32.86 -4.78
N LEU A 156 -15.55 -32.66 -3.94
CA LEU A 156 -16.94 -32.52 -4.41
C LEU A 156 -17.15 -31.22 -5.20
N ALA A 157 -16.73 -30.09 -4.61
CA ALA A 157 -16.75 -28.80 -5.28
C ALA A 157 -16.05 -28.86 -6.61
N VAL A 158 -14.84 -29.42 -6.63
CA VAL A 158 -14.07 -29.50 -7.87
C VAL A 158 -14.80 -30.31 -8.94
N SER A 159 -15.36 -31.45 -8.54
CA SER A 159 -16.04 -32.33 -9.49
CA SER A 159 -16.02 -32.33 -9.49
C SER A 159 -17.25 -31.64 -10.08
N LEU A 160 -17.98 -30.93 -9.24
CA LEU A 160 -19.17 -30.25 -9.71
C LEU A 160 -18.81 -29.13 -10.68
N ILE A 161 -17.81 -28.32 -10.30
CA ILE A 161 -17.41 -27.19 -11.14
C ILE A 161 -16.86 -27.68 -12.47
N GLU A 162 -16.03 -28.72 -12.46
CA GLU A 162 -15.46 -29.15 -13.73
C GLU A 162 -16.55 -29.70 -14.63
N GLY A 163 -17.60 -30.21 -14.00
CA GLY A 163 -18.78 -30.74 -14.68
C GLY A 163 -19.44 -29.72 -15.60
N PHE A 164 -19.76 -28.54 -15.08
CA PHE A 164 -20.50 -27.58 -15.89
C PHE A 164 -19.66 -26.45 -16.47
N ARG A 165 -18.38 -26.37 -16.11
CA ARG A 165 -17.50 -25.31 -16.58
C ARG A 165 -17.51 -25.16 -18.12
N PRO A 166 -17.44 -26.28 -18.87
CA PRO A 166 -17.39 -26.08 -20.33
C PRO A 166 -18.70 -25.60 -20.93
N LYS A 167 -19.78 -25.60 -20.16
CA LYS A 167 -21.10 -25.16 -20.65
C LYS A 167 -21.24 -23.65 -20.64
N GLY A 168 -20.42 -22.96 -19.86
CA GLY A 168 -20.48 -21.51 -19.81
C GLY A 168 -21.68 -20.96 -19.06
N ARG A 169 -22.44 -21.84 -18.40
CA ARG A 169 -23.58 -21.42 -17.62
C ARG A 169 -24.03 -22.56 -16.72
N CYS A 170 -24.67 -22.19 -15.61
CA CYS A 170 -25.33 -23.18 -14.77
C CYS A 170 -26.41 -22.56 -13.90
N ASN A 171 -27.42 -23.35 -13.58
CA ASN A 171 -28.30 -23.00 -12.48
C ASN A 171 -27.54 -23.27 -11.19
N PHE A 172 -27.12 -22.20 -10.50
CA PHE A 172 -26.19 -22.36 -9.38
C PHE A 172 -26.82 -23.13 -8.22
N THR A 173 -28.06 -22.82 -7.88
CA THR A 173 -28.73 -23.48 -6.78
CA THR A 173 -28.68 -23.49 -6.75
C THR A 173 -28.86 -24.99 -7.02
N HIS A 174 -29.46 -25.36 -8.16
CA HIS A 174 -29.70 -26.78 -8.41
C HIS A 174 -28.44 -27.57 -8.78
N GLU A 175 -27.57 -26.97 -9.61
CA GLU A 175 -26.41 -27.71 -10.12
C GLU A 175 -25.19 -27.70 -9.22
N PHE A 176 -25.17 -26.84 -8.21
CA PHE A 176 -23.99 -26.74 -7.34
C PHE A 176 -24.37 -26.78 -5.86
N ALA A 177 -25.03 -25.71 -5.38
CA ALA A 177 -25.27 -25.50 -3.96
C ALA A 177 -26.01 -26.68 -3.36
N GLU A 178 -27.06 -27.14 -4.02
CA GLU A 178 -27.90 -28.24 -3.52
C GLU A 178 -27.20 -29.61 -3.54
N GLN A 179 -26.12 -29.71 -4.31
CA GLN A 179 -25.39 -30.97 -4.44
C GLN A 179 -24.40 -31.23 -3.30
N LEU A 180 -24.27 -30.28 -2.38
CA LEU A 180 -23.21 -30.34 -1.36
C LEU A 180 -23.64 -30.94 0.01
N PRO A 181 -24.72 -30.43 0.63
CA PRO A 181 -24.80 -30.73 2.07
C PRO A 181 -25.12 -32.17 2.48
N VAL A 182 -25.88 -32.90 1.68
CA VAL A 182 -26.24 -34.25 2.09
C VAL A 182 -24.99 -35.13 1.95
N ARG A 183 -24.28 -34.96 0.85
CA ARG A 183 -23.01 -35.66 0.65
C ARG A 183 -22.01 -35.37 1.76
N ILE A 184 -21.94 -34.14 2.24
CA ILE A 184 -21.00 -33.83 3.33
C ILE A 184 -21.46 -34.46 4.64
N PHE A 185 -22.75 -34.36 4.92
CA PHE A 185 -23.32 -35.02 6.10
C PHE A 185 -22.98 -36.51 6.09
N MET A 186 -23.12 -37.14 4.93
CA MET A 186 -22.97 -38.58 4.82
C MET A 186 -21.52 -39.01 5.08
N ARG A 187 -20.57 -38.11 4.83
CA ARG A 187 -19.18 -38.43 5.12
C ARG A 187 -18.89 -38.23 6.61
N ILE A 188 -19.61 -37.30 7.23
CA ILE A 188 -19.46 -37.02 8.65
C ILE A 188 -19.92 -38.22 9.48
N VAL A 189 -21.06 -38.80 9.08
CA VAL A 189 -21.61 -39.93 9.78
C VAL A 189 -21.26 -41.27 9.11
N ASP A 190 -20.45 -41.22 8.03
CA ASP A 190 -19.96 -42.40 7.29
C ASP A 190 -21.08 -43.36 6.82
N LEU A 191 -21.87 -42.88 5.90
CA LEU A 191 -22.89 -43.67 5.25
C LEU A 191 -22.51 -43.91 3.80
N PRO A 192 -22.89 -45.06 3.24
CA PRO A 192 -22.50 -45.38 1.86
C PRO A 192 -23.04 -44.37 0.81
N VAL A 193 -22.21 -43.95 -0.14
CA VAL A 193 -22.61 -42.93 -1.11
C VAL A 193 -23.79 -43.39 -1.97
N GLU A 194 -23.99 -44.70 -2.09
CA GLU A 194 -25.14 -45.21 -2.83
C GLU A 194 -26.47 -44.75 -2.23
N ASP A 195 -26.47 -44.37 -0.95
CA ASP A 195 -27.70 -43.96 -0.28
C ASP A 195 -28.03 -42.47 -0.45
N LEU A 196 -27.25 -41.73 -1.21
CA LEU A 196 -27.51 -40.29 -1.35
C LEU A 196 -28.92 -39.94 -1.83
N PRO A 197 -29.43 -40.58 -2.91
CA PRO A 197 -30.77 -40.20 -3.36
C PRO A 197 -31.82 -40.46 -2.30
N LYS A 198 -31.71 -41.59 -1.61
CA LYS A 198 -32.66 -41.92 -0.56
C LYS A 198 -32.63 -40.85 0.53
N LEU A 199 -31.42 -40.47 0.96
CA LEU A 199 -31.26 -39.48 2.02
C LEU A 199 -31.68 -38.07 1.58
N LYS A 200 -31.34 -37.70 0.35
CA LYS A 200 -31.79 -36.41 -0.18
CA LYS A 200 -31.78 -36.43 -0.22
C LYS A 200 -33.30 -36.31 -0.20
N HIS A 201 -33.96 -37.38 -0.64
CA HIS A 201 -35.42 -37.44 -0.72
C HIS A 201 -36.06 -37.30 0.66
N LEU A 202 -35.53 -38.00 1.65
CA LEU A 202 -36.06 -37.90 3.01
C LEU A 202 -35.88 -36.51 3.61
N ALA A 203 -34.69 -35.95 3.45
CA ALA A 203 -34.44 -34.60 3.98
C ALA A 203 -35.32 -33.54 3.28
N ASP A 204 -35.57 -33.71 1.99
CA ASP A 204 -36.41 -32.76 1.24
C ASP A 204 -37.86 -32.85 1.74
N GLN A 205 -38.37 -34.07 1.84
CA GLN A 205 -39.76 -34.25 2.28
C GLN A 205 -39.94 -33.96 3.77
N TYR A 206 -38.85 -33.95 4.52
CA TYR A 206 -38.96 -33.66 5.95
C TYR A 206 -39.09 -32.17 6.13
N THR A 207 -38.40 -31.40 5.29
CA THR A 207 -38.39 -29.96 5.44
C THR A 207 -39.40 -29.33 4.49
N ILE A 213 -46.51 -38.39 1.16
CA ILE A 213 -45.62 -38.83 2.24
C ILE A 213 -45.79 -37.96 3.48
N PRO A 214 -46.67 -38.37 4.41
CA PRO A 214 -46.90 -37.60 5.64
C PRO A 214 -45.63 -37.43 6.46
N LEU A 215 -45.52 -36.33 7.21
CA LEU A 215 -44.29 -36.03 7.96
C LEU A 215 -43.90 -37.15 8.91
N ASP A 216 -44.88 -37.63 9.67
CA ASP A 216 -44.63 -38.68 10.66
C ASP A 216 -44.11 -39.95 9.97
N ASP A 217 -44.56 -40.18 8.74
CA ASP A 217 -44.06 -41.28 7.93
C ASP A 217 -42.60 -41.03 7.45
N VAL A 218 -42.23 -39.77 7.29
CA VAL A 218 -40.86 -39.48 6.88
C VAL A 218 -39.92 -39.72 8.06
N THR A 219 -40.36 -39.34 9.25
CA THR A 219 -39.55 -39.52 10.44
C THR A 219 -39.33 -40.99 10.71
N LYS A 220 -40.39 -41.79 10.52
CA LYS A 220 -40.28 -43.24 10.66
C LYS A 220 -39.30 -43.81 9.64
N GLN A 221 -39.33 -43.28 8.42
CA GLN A 221 -38.41 -43.73 7.37
C GLN A 221 -36.96 -43.35 7.72
N PHE A 222 -36.77 -42.17 8.30
CA PHE A 222 -35.46 -41.77 8.83
C PHE A 222 -34.95 -42.77 9.87
N ARG A 223 -35.80 -43.14 10.82
CA ARG A 223 -35.39 -44.05 11.87
C ARG A 223 -35.14 -45.46 11.35
N GLU A 224 -35.97 -45.91 10.41
CA GLU A 224 -35.80 -47.24 9.83
C GLU A 224 -34.47 -47.34 9.06
N TYR A 225 -34.02 -46.21 8.54
CA TYR A 225 -32.74 -46.15 7.85
C TYR A 225 -31.56 -46.07 8.83
N LEU A 226 -31.70 -45.25 9.88
CA LEU A 226 -30.61 -44.92 10.78
C LEU A 226 -30.38 -45.92 11.91
N ARG A 227 -31.45 -46.53 12.39
CA ARG A 227 -31.31 -47.42 13.54
C ARG A 227 -30.38 -48.62 13.26
N PRO A 228 -30.50 -49.27 12.08
CA PRO A 228 -29.55 -50.38 11.89
C PRO A 228 -28.10 -49.92 11.87
N VAL A 229 -27.85 -48.72 11.37
CA VAL A 229 -26.49 -48.20 11.32
C VAL A 229 -25.98 -47.93 12.72
N ILE A 230 -26.84 -47.38 13.57
CA ILE A 230 -26.48 -47.07 14.94
C ILE A 230 -26.24 -48.38 15.70
N GLU A 231 -27.10 -49.37 15.49
CA GLU A 231 -26.96 -50.67 16.13
C GLU A 231 -25.70 -51.41 15.65
N ALA A 232 -25.41 -51.31 14.35
CA ALA A 232 -24.15 -51.84 13.80
C ALA A 232 -22.92 -51.21 14.46
N ARG A 233 -23.00 -49.93 14.81
CA ARG A 233 -21.83 -49.23 15.36
C ARG A 233 -21.69 -49.43 16.87
N ARG A 234 -22.76 -49.87 17.50
CA ARG A 234 -22.67 -50.32 18.90
C ARG A 234 -21.86 -51.59 18.98
N ILE A 235 -21.94 -52.40 17.93
CA ILE A 235 -21.21 -53.68 17.85
C ILE A 235 -19.79 -53.46 17.34
N LYS A 236 -19.64 -52.61 16.33
CA LYS A 236 -18.34 -52.34 15.73
C LYS A 236 -18.16 -50.84 15.54
N PRO A 237 -17.71 -50.13 16.57
CA PRO A 237 -17.58 -48.68 16.47
C PRO A 237 -16.43 -48.26 15.56
N GLY A 238 -16.59 -47.12 14.92
CA GLY A 238 -15.59 -46.54 14.05
C GLY A 238 -15.20 -45.18 14.58
N GLU A 239 -14.82 -44.26 13.67
CA GLU A 239 -14.38 -42.93 14.08
C GLU A 239 -15.37 -41.84 13.67
N ASP A 240 -16.45 -42.24 13.02
CA ASP A 240 -17.48 -41.33 12.52
C ASP A 240 -18.29 -40.72 13.65
N MET A 241 -19.19 -39.79 13.31
CA MET A 241 -19.91 -39.05 14.34
C MET A 241 -20.93 -39.90 15.11
N ILE A 242 -21.56 -40.85 14.44
CA ILE A 242 -22.46 -41.78 15.14
C ILE A 242 -21.71 -42.60 16.20
N SER A 243 -20.56 -43.16 15.81
CA SER A 243 -19.74 -43.91 16.76
C SER A 243 -19.32 -43.03 17.94
N ARG A 244 -19.01 -41.75 17.67
CA ARG A 244 -18.53 -40.85 18.70
C ARG A 244 -19.63 -40.52 19.67
N MET A 245 -20.83 -40.34 19.15
CA MET A 245 -21.97 -40.04 20.00
C MET A 245 -22.35 -41.26 20.84
N ILE A 246 -22.26 -42.44 20.25
CA ILE A 246 -22.52 -43.71 20.92
C ILE A 246 -21.62 -43.93 22.14
N ASN A 247 -20.34 -43.60 21.99
CA ASN A 247 -19.38 -43.75 23.08
C ASN A 247 -19.32 -42.53 23.97
N GLY A 248 -20.23 -41.60 23.75
CA GLY A 248 -20.36 -40.45 24.63
C GLY A 248 -21.41 -40.68 25.71
N GLU A 249 -21.53 -39.71 26.62
CA GLU A 249 -22.60 -39.71 27.61
C GLU A 249 -23.19 -38.31 27.66
N VAL A 250 -24.36 -38.17 28.27
CA VAL A 250 -24.91 -36.85 28.52
C VAL A 250 -25.24 -36.65 30.01
N GLY A 251 -26.07 -37.52 30.56
CA GLY A 251 -26.37 -37.46 31.98
C GLY A 251 -25.48 -38.42 32.75
N GLY A 252 -24.37 -38.82 32.12
CA GLY A 252 -23.54 -39.88 32.67
C GLY A 252 -24.09 -41.22 32.24
N ARG A 253 -25.09 -41.16 31.37
CA ARG A 253 -25.69 -42.34 30.76
C ARG A 253 -25.51 -42.27 29.25
N PRO A 254 -25.40 -43.43 28.61
CA PRO A 254 -25.33 -43.46 27.14
C PRO A 254 -26.53 -42.79 26.46
N LEU A 255 -26.35 -42.39 25.20
CA LEU A 255 -27.50 -41.96 24.41
C LEU A 255 -28.35 -43.17 24.05
N THR A 256 -29.66 -42.97 23.99
CA THR A 256 -30.57 -43.97 23.44
C THR A 256 -30.55 -43.87 21.92
N ASP A 257 -31.01 -44.94 21.25
CA ASP A 257 -31.19 -44.90 19.81
C ASP A 257 -32.06 -43.72 19.36
N ILE A 258 -33.15 -43.48 20.08
CA ILE A 258 -34.05 -42.37 19.77
C ILE A 258 -33.29 -41.04 19.73
N GLU A 259 -32.49 -40.79 20.76
CA GLU A 259 -31.73 -39.53 20.87
C GLU A 259 -30.69 -39.38 19.75
N ALA A 260 -29.97 -40.45 19.44
CA ALA A 260 -28.99 -40.41 18.37
C ALA A 260 -29.65 -40.23 17.02
N GLU A 261 -30.81 -40.87 16.82
CA GLU A 261 -31.55 -40.71 15.57
C GLU A 261 -32.02 -39.26 15.41
N ASN A 262 -32.56 -38.70 16.50
CA ASN A 262 -33.04 -37.32 16.51
C ASN A 262 -31.91 -36.38 16.13
N ILE A 263 -30.74 -36.61 16.72
CA ILE A 263 -29.59 -35.74 16.48
C ILE A 263 -29.10 -35.83 15.03
N CYS A 264 -28.97 -37.05 14.51
CA CYS A 264 -28.63 -37.26 13.10
C CYS A 264 -29.52 -36.46 12.13
N ILE A 265 -30.85 -36.54 12.34
CA ILE A 265 -31.81 -35.83 11.51
C ILE A 265 -31.62 -34.32 11.64
N GLN A 266 -31.52 -33.88 12.88
CA GLN A 266 -31.38 -32.45 13.15
C GLN A 266 -30.07 -31.90 12.57
N VAL A 267 -29.00 -32.68 12.63
CA VAL A 267 -27.73 -32.28 12.03
C VAL A 267 -27.78 -32.29 10.49
N LEU A 268 -28.41 -33.30 9.90
CA LEU A 268 -28.64 -33.32 8.44
C LEU A 268 -29.47 -32.11 7.96
N VAL A 269 -30.61 -31.89 8.59
CA VAL A 269 -31.47 -30.79 8.14
C VAL A 269 -30.89 -29.43 8.48
N GLY A 270 -30.21 -29.34 9.63
CA GLY A 270 -29.70 -28.07 10.14
C GLY A 270 -28.69 -27.41 9.22
N GLY A 271 -28.00 -28.23 8.44
CA GLY A 271 -26.95 -27.73 7.56
C GLY A 271 -27.30 -27.86 6.09
N LEU A 272 -28.56 -28.12 5.80
CA LEU A 272 -29.01 -28.23 4.40
C LEU A 272 -29.47 -26.86 3.83
N ASP A 273 -30.69 -26.45 4.07
CA ASP A 273 -31.17 -25.19 3.47
C ASP A 273 -30.33 -23.97 3.89
N THR A 274 -29.86 -23.94 5.15
CA THR A 274 -28.94 -22.89 5.61
C THR A 274 -27.72 -22.71 4.67
N VAL A 275 -26.96 -23.76 4.47
CA VAL A 275 -25.76 -23.69 3.62
C VAL A 275 -26.11 -23.42 2.15
N VAL A 276 -27.14 -24.07 1.63
CA VAL A 276 -27.56 -23.87 0.25
C VAL A 276 -27.98 -22.39 0.03
N ASN A 277 -28.79 -21.87 0.95
CA ASN A 277 -29.28 -20.50 0.84
C ASN A 277 -28.16 -19.49 1.05
N MET A 278 -27.26 -19.78 1.99
CA MET A 278 -26.12 -18.88 2.23
C MET A 278 -25.25 -18.80 0.97
N LEU A 279 -24.95 -19.95 0.40
CA LEU A 279 -24.17 -19.98 -0.85
C LEU A 279 -24.89 -19.24 -1.97
N GLY A 280 -26.22 -19.34 -1.97
CA GLY A 280 -27.00 -18.58 -2.94
C GLY A 280 -26.80 -17.08 -2.83
N PHE A 281 -26.90 -16.54 -1.61
CA PHE A 281 -26.71 -15.10 -1.41
C PHE A 281 -25.28 -14.70 -1.74
N THR A 282 -24.32 -15.55 -1.35
CA THR A 282 -22.90 -15.26 -1.57
C THR A 282 -22.61 -15.14 -3.05
N PHE A 283 -22.98 -16.17 -3.81
CA PHE A 283 -22.65 -16.14 -5.23
C PHE A 283 -23.53 -15.23 -6.11
N SER A 284 -24.78 -15.02 -5.71
N SER A 284 -24.78 -15.01 -5.74
CA SER A 284 -25.60 -14.03 -6.39
CA SER A 284 -25.56 -13.99 -6.49
C SER A 284 -25.01 -12.65 -6.21
C SER A 284 -24.97 -12.62 -6.23
N HIS A 285 -24.48 -12.40 -5.01
CA HIS A 285 -23.84 -11.13 -4.72
C HIS A 285 -22.56 -10.90 -5.52
N LEU A 286 -21.69 -11.91 -5.50
CA LEU A 286 -20.46 -11.88 -6.26
C LEU A 286 -20.78 -11.61 -7.71
N ALA A 287 -21.88 -12.18 -8.18
CA ALA A 287 -22.27 -12.03 -9.57
C ALA A 287 -22.59 -10.57 -9.90
N LYS A 288 -23.11 -9.83 -8.92
CA LYS A 288 -23.49 -8.44 -9.13
C LYS A 288 -22.40 -7.43 -8.78
N ASP A 289 -21.63 -7.75 -7.76
CA ASP A 289 -20.63 -6.82 -7.21
C ASP A 289 -19.30 -7.08 -7.94
N HIS A 290 -19.14 -6.49 -9.12
CA HIS A 290 -17.97 -6.85 -9.91
C HIS A 290 -16.69 -6.35 -9.26
N ALA A 291 -16.75 -5.24 -8.53
CA ALA A 291 -15.59 -4.76 -7.79
C ALA A 291 -15.04 -5.83 -6.84
N LEU A 292 -15.94 -6.45 -6.08
CA LEU A 292 -15.56 -7.50 -5.14
C LEU A 292 -15.07 -8.77 -5.83
N ARG A 293 -15.83 -9.23 -6.81
CA ARG A 293 -15.47 -10.42 -7.58
C ARG A 293 -14.08 -10.32 -8.21
N ARG A 294 -13.80 -9.21 -8.90
CA ARG A 294 -12.49 -9.06 -9.54
C ARG A 294 -11.35 -8.96 -8.52
N ALA A 295 -11.58 -8.36 -7.35
CA ALA A 295 -10.53 -8.31 -6.34
C ALA A 295 -10.17 -9.71 -5.83
N ILE A 296 -11.21 -10.50 -5.57
CA ILE A 296 -10.98 -11.84 -5.03
C ILE A 296 -10.31 -12.72 -6.07
N ALA A 297 -10.68 -12.54 -7.34
CA ALA A 297 -10.09 -13.33 -8.41
C ALA A 297 -8.61 -13.01 -8.58
N ALA A 298 -8.28 -11.72 -8.50
CA ALA A 298 -6.89 -11.26 -8.65
C ALA A 298 -6.08 -11.44 -7.37
N ASP A 299 -6.75 -11.81 -6.28
CA ASP A 299 -6.10 -11.97 -4.97
C ASP A 299 -6.91 -12.86 -4.05
N PRO A 300 -6.68 -14.18 -4.11
CA PRO A 300 -7.47 -15.12 -3.29
C PRO A 300 -7.19 -15.01 -1.81
N SER A 301 -6.16 -14.27 -1.40
CA SER A 301 -5.88 -14.13 0.03
C SER A 301 -6.98 -13.32 0.70
N LEU A 302 -7.81 -12.67 -0.11
CA LEU A 302 -8.93 -11.88 0.40
C LEU A 302 -10.09 -12.75 0.87
N ILE A 303 -10.00 -14.06 0.64
CA ILE A 303 -11.19 -14.90 0.81
C ILE A 303 -11.57 -15.06 2.29
N ASP A 304 -10.57 -15.19 3.16
CA ASP A 304 -10.79 -15.35 4.59
C ASP A 304 -11.62 -14.23 5.21
N ASP A 305 -11.37 -12.98 4.79
CA ASP A 305 -12.11 -11.88 5.39
CA ASP A 305 -12.05 -11.81 5.33
C ASP A 305 -13.38 -11.56 4.61
N ALA A 306 -13.39 -11.87 3.31
CA ALA A 306 -14.61 -11.78 2.51
C ALA A 306 -15.63 -12.73 3.11
N LEU A 307 -15.16 -13.91 3.50
CA LEU A 307 -15.99 -14.90 4.16
C LEU A 307 -16.69 -14.33 5.39
N LEU A 308 -15.92 -13.69 6.25
CA LEU A 308 -16.47 -13.11 7.46
C LEU A 308 -17.56 -12.08 7.15
N GLU A 309 -17.38 -11.31 6.06
CA GLU A 309 -18.35 -10.28 5.67
C GLU A 309 -19.61 -10.87 5.01
N PHE A 310 -19.46 -11.97 4.28
CA PHE A 310 -20.62 -12.71 3.77
C PHE A 310 -21.49 -13.20 4.94
N PHE A 311 -20.89 -13.69 6.02
CA PHE A 311 -21.75 -14.18 7.09
C PHE A 311 -22.42 -13.04 7.85
N ARG A 312 -21.72 -11.90 7.98
CA ARG A 312 -22.35 -10.71 8.57
C ARG A 312 -23.45 -10.14 7.68
N ARG A 313 -23.20 -10.05 6.38
CA ARG A 313 -24.07 -9.31 5.46
C ARG A 313 -25.36 -10.05 5.12
N PHE A 314 -25.34 -11.39 5.13
CA PHE A 314 -26.48 -12.17 4.68
C PHE A 314 -27.08 -13.14 5.70
N PRO A 315 -27.57 -12.61 6.83
CA PRO A 315 -28.24 -13.51 7.79
C PRO A 315 -29.48 -14.13 7.11
N VAL A 316 -29.79 -15.40 7.38
CA VAL A 316 -30.92 -16.03 6.71
C VAL A 316 -31.97 -16.64 7.65
N VAL A 317 -31.58 -16.98 8.87
CA VAL A 317 -32.46 -17.75 9.76
C VAL A 317 -33.38 -16.87 10.64
N SER A 318 -34.67 -17.24 10.66
CA SER A 318 -35.63 -16.66 11.61
C SER A 318 -36.20 -17.75 12.52
N SER A 319 -35.71 -17.78 13.74
CA SER A 319 -36.17 -18.76 14.72
C SER A 319 -37.12 -18.03 15.66
N ALA A 320 -37.92 -18.80 16.40
CA ALA A 320 -38.88 -18.19 17.32
C ALA A 320 -38.74 -18.81 18.69
N ARG A 321 -39.51 -18.32 19.67
CA ARG A 321 -39.50 -18.84 21.03
C ARG A 321 -40.92 -18.85 21.62
N GLU A 322 -41.18 -19.79 22.52
CA GLU A 322 -42.47 -19.86 23.19
C GLU A 322 -42.40 -19.22 24.57
N VAL A 323 -43.43 -18.44 24.89
CA VAL A 323 -43.55 -17.89 26.23
C VAL A 323 -44.20 -18.94 27.12
N LEU A 324 -43.56 -19.26 28.24
CA LEU A 324 -44.09 -20.30 29.10
C LEU A 324 -44.95 -19.73 30.23
N ARG A 325 -44.66 -18.50 30.65
CA ARG A 325 -45.39 -17.83 31.72
C ARG A 325 -45.86 -16.44 31.31
N ASP A 326 -46.97 -15.98 31.86
CA ASP A 326 -47.39 -14.59 31.68
C ASP A 326 -46.24 -13.67 32.07
N GLN A 327 -45.82 -12.81 31.14
CA GLN A 327 -44.67 -11.95 31.37
C GLN A 327 -44.83 -10.53 30.85
N GLU A 328 -44.47 -9.57 31.70
CA GLU A 328 -44.35 -8.20 31.26
C GLU A 328 -43.07 -8.07 30.46
N PHE A 329 -43.22 -7.69 29.20
CA PHE A 329 -42.09 -7.53 28.30
C PHE A 329 -42.44 -6.47 27.27
N GLU A 330 -41.52 -5.51 27.09
CA GLU A 330 -41.64 -4.47 26.08
C GLU A 330 -42.96 -3.69 26.15
N GLY A 331 -43.46 -3.51 27.36
CA GLY A 331 -44.63 -2.67 27.57
C GLY A 331 -45.94 -3.36 27.23
N VAL A 332 -45.88 -4.65 26.95
CA VAL A 332 -47.09 -5.42 26.73
C VAL A 332 -47.11 -6.64 27.64
N LEU A 333 -48.25 -7.30 27.69
CA LEU A 333 -48.38 -8.55 28.43
C LEU A 333 -48.29 -9.74 27.50
N LEU A 334 -47.22 -10.52 27.65
CA LEU A 334 -47.07 -11.75 26.91
C LEU A 334 -47.74 -12.91 27.62
N LYS A 335 -48.85 -13.39 27.07
CA LYS A 335 -49.58 -14.49 27.69
C LYS A 335 -48.75 -15.75 27.60
N ALA A 336 -48.97 -16.68 28.53
CA ALA A 336 -48.36 -17.99 28.41
C ALA A 336 -48.87 -18.62 27.12
N GLY A 337 -47.96 -19.26 26.37
CA GLY A 337 -48.30 -19.88 25.10
C GLY A 337 -48.10 -18.95 23.92
N ASP A 338 -47.74 -17.70 24.20
CA ASP A 338 -47.44 -16.77 23.12
C ASP A 338 -46.14 -17.16 22.38
N MET A 339 -46.09 -16.89 21.08
CA MET A 339 -44.90 -17.14 20.29
C MET A 339 -44.19 -15.82 19.99
N VAL A 340 -42.87 -15.83 20.08
CA VAL A 340 -42.10 -14.63 19.72
C VAL A 340 -41.01 -14.96 18.71
N MET A 341 -41.12 -14.36 17.53
CA MET A 341 -40.14 -14.52 16.46
CA MET A 341 -40.14 -14.52 16.46
C MET A 341 -38.97 -13.57 16.71
N ALA A 342 -37.75 -14.07 16.56
CA ALA A 342 -36.56 -13.27 16.84
C ALA A 342 -35.52 -13.49 15.74
N PRO A 343 -35.71 -12.85 14.58
CA PRO A 343 -34.89 -13.15 13.41
C PRO A 343 -33.43 -12.71 13.53
N THR A 344 -32.52 -13.59 13.14
CA THR A 344 -31.13 -13.22 13.08
C THR A 344 -30.98 -12.02 12.15
N VAL A 345 -31.91 -11.89 11.21
CA VAL A 345 -31.90 -10.85 10.17
C VAL A 345 -31.92 -9.43 10.76
N VAL A 346 -32.75 -9.22 11.78
CA VAL A 346 -32.93 -7.88 12.33
C VAL A 346 -31.75 -7.45 13.20
N VAL A 347 -30.86 -8.39 13.49
CA VAL A 347 -29.68 -8.10 14.31
C VAL A 347 -28.61 -7.33 13.52
N ALA A 348 -28.01 -7.96 12.51
CA ALA A 348 -26.94 -7.30 11.76
C ALA A 348 -27.44 -6.17 10.87
N MET A 349 -28.75 -6.16 10.56
CA MET A 349 -29.28 -5.13 9.68
C MET A 349 -29.74 -3.88 10.42
N ASP A 350 -29.70 -3.93 11.75
CA ASP A 350 -30.09 -2.78 12.56
C ASP A 350 -29.03 -1.68 12.51
N ASP A 351 -29.36 -0.55 11.87
CA ASP A 351 -28.36 0.50 11.69
C ASP A 351 -28.19 1.35 12.95
N ALA A 352 -29.03 1.12 13.95
CA ALA A 352 -28.87 1.79 15.23
C ALA A 352 -27.80 1.09 16.06
N ARG A 353 -27.25 0.00 15.51
CA ARG A 353 -26.20 -0.79 16.16
C ARG A 353 -25.15 -1.24 15.16
N ASN A 354 -25.36 -0.92 13.88
CA ASN A 354 -24.42 -1.30 12.83
C ASN A 354 -24.21 -0.21 11.79
N GLU A 355 -22.99 -0.11 11.28
CA GLU A 355 -22.66 0.94 10.31
C GLU A 355 -22.91 0.50 8.88
N ASP A 356 -23.81 1.20 8.17
CA ASP A 356 -24.15 0.89 6.77
C ASP A 356 -24.18 -0.61 6.49
N PRO A 357 -25.11 -1.31 7.13
CA PRO A 357 -24.97 -2.78 7.16
C PRO A 357 -25.25 -3.46 5.82
N LEU A 358 -25.90 -2.76 4.90
CA LEU A 358 -26.17 -3.32 3.58
C LEU A 358 -24.94 -3.27 2.70
N GLU A 359 -23.94 -2.50 3.11
CA GLU A 359 -22.74 -2.40 2.30
C GLU A 359 -21.83 -3.59 2.54
N PHE A 360 -21.34 -4.19 1.46
CA PHE A 360 -20.34 -5.24 1.60
C PHE A 360 -18.97 -4.60 1.60
N ARG A 361 -18.29 -4.66 2.75
CA ARG A 361 -16.97 -4.07 2.92
C ARG A 361 -15.94 -5.08 3.42
N LEU A 362 -14.83 -5.21 2.71
CA LEU A 362 -13.68 -5.94 3.23
C LEU A 362 -12.95 -5.18 4.33
N GLY A 363 -13.14 -3.88 4.41
CA GLY A 363 -12.40 -3.09 5.39
C GLY A 363 -12.80 -3.23 6.86
N ARG A 364 -13.89 -3.95 7.13
CA ARG A 364 -14.60 -3.80 8.40
C ARG A 364 -13.82 -4.10 9.68
N LYS A 365 -13.83 -3.13 10.57
CA LYS A 365 -13.15 -3.21 11.84
C LYS A 365 -14.06 -3.82 12.90
N ALA A 366 -15.36 -3.70 12.67
CA ALA A 366 -16.34 -4.30 13.57
C ALA A 366 -17.28 -5.19 12.77
N ARG A 367 -17.40 -6.45 13.20
CA ARG A 367 -18.29 -7.39 12.52
C ARG A 367 -19.07 -8.26 13.50
N GLN A 368 -19.85 -7.60 14.37
CA GLN A 368 -20.72 -8.31 15.29
C GLN A 368 -22.03 -8.66 14.59
N HIS A 369 -22.50 -9.89 14.78
CA HIS A 369 -23.72 -10.37 14.14
C HIS A 369 -24.19 -11.63 14.84
N SER A 370 -25.44 -12.04 14.63
CA SER A 370 -25.91 -13.30 15.18
CA SER A 370 -25.89 -13.31 15.17
C SER A 370 -26.40 -14.24 14.07
N THR A 371 -25.67 -14.32 12.97
CA THR A 371 -26.09 -15.18 11.88
C THR A 371 -26.22 -16.64 12.36
N PHE A 372 -25.43 -16.97 13.38
CA PHE A 372 -25.43 -18.33 13.93
C PHE A 372 -26.17 -18.35 15.28
N GLY A 373 -26.93 -17.29 15.54
CA GLY A 373 -27.76 -17.22 16.72
C GLY A 373 -27.02 -16.75 17.95
N LYS A 374 -27.62 -16.97 19.12
CA LYS A 374 -27.02 -16.54 20.38
C LYS A 374 -27.67 -17.36 21.50
N GLY A 375 -26.88 -17.71 22.51
CA GLY A 375 -27.39 -18.46 23.63
C GLY A 375 -26.98 -19.92 23.56
N SER A 376 -27.67 -20.75 24.33
CA SER A 376 -27.33 -22.15 24.43
C SER A 376 -27.47 -22.84 23.06
N HIS A 377 -28.37 -22.33 22.23
CA HIS A 377 -28.67 -22.99 20.96
C HIS A 377 -27.86 -22.41 19.79
N THR A 378 -26.74 -21.78 20.11
CA THR A 378 -25.85 -21.24 19.08
C THR A 378 -25.38 -22.38 18.17
N CYS A 379 -25.38 -22.09 16.86
CA CYS A 379 -25.17 -23.12 15.84
C CYS A 379 -23.91 -23.90 16.08
N PRO A 380 -24.04 -25.20 16.30
CA PRO A 380 -22.83 -26.01 16.46
C PRO A 380 -22.19 -26.34 15.10
N GLY A 381 -22.86 -25.98 14.00
CA GLY A 381 -22.35 -26.27 12.67
C GLY A 381 -21.64 -25.09 12.01
N ALA A 382 -21.35 -24.06 12.82
CA ALA A 382 -20.79 -22.83 12.29
C ALA A 382 -19.38 -23.05 11.72
N HIS A 383 -18.61 -23.94 12.35
N HIS A 383 -18.62 -23.94 12.34
CA HIS A 383 -17.27 -24.30 11.88
CA HIS A 383 -17.27 -24.24 11.84
C HIS A 383 -17.34 -24.96 10.50
C HIS A 383 -17.32 -24.98 10.50
N LEU A 384 -18.27 -25.89 10.35
CA LEU A 384 -18.48 -26.58 9.10
C LEU A 384 -18.93 -25.63 8.02
N ALA A 385 -19.79 -24.69 8.40
CA ALA A 385 -20.33 -23.68 7.48
C ALA A 385 -19.22 -22.81 6.91
N ARG A 386 -18.36 -22.28 7.77
CA ARG A 386 -17.17 -21.54 7.33
C ARG A 386 -16.13 -22.36 6.52
N MET A 387 -15.91 -23.62 6.88
CA MET A 387 -15.00 -24.49 6.11
C MET A 387 -15.53 -24.71 4.70
N GLU A 388 -16.82 -25.00 4.58
CA GLU A 388 -17.49 -25.16 3.28
C GLU A 388 -17.37 -23.90 2.41
N MET A 389 -17.68 -22.74 2.99
CA MET A 389 -17.61 -21.47 2.27
CA MET A 389 -17.61 -21.47 2.25
C MET A 389 -16.21 -21.21 1.71
N LYS A 390 -15.21 -21.44 2.54
CA LYS A 390 -13.82 -21.23 2.15
C LYS A 390 -13.40 -22.09 0.97
N VAL A 391 -13.70 -23.38 1.06
CA VAL A 391 -13.31 -24.29 -0.01
C VAL A 391 -14.05 -23.92 -1.29
N VAL A 392 -15.31 -23.55 -1.14
CA VAL A 392 -16.12 -23.27 -2.32
C VAL A 392 -15.61 -22.02 -3.02
N LEU A 393 -15.34 -20.98 -2.24
CA LEU A 393 -14.84 -19.74 -2.77
C LEU A 393 -13.48 -19.99 -3.44
N ARG A 394 -12.63 -20.77 -2.79
CA ARG A 394 -11.28 -20.98 -3.33
C ARG A 394 -11.31 -21.78 -4.63
N GLU A 395 -12.03 -22.89 -4.65
CA GLU A 395 -12.11 -23.68 -5.88
C GLU A 395 -12.91 -23.02 -7.00
N TRP A 396 -13.95 -22.25 -6.66
CA TRP A 396 -14.70 -21.59 -7.70
C TRP A 396 -13.78 -20.56 -8.36
N PHE A 397 -13.13 -19.72 -7.56
CA PHE A 397 -12.34 -18.62 -8.14
C PHE A 397 -11.09 -19.13 -8.86
N ALA A 398 -10.60 -20.31 -8.53
CA ALA A 398 -9.48 -20.88 -9.26
C ALA A 398 -9.87 -21.23 -10.71
N ARG A 399 -11.14 -21.60 -10.90
CA ARG A 399 -11.63 -22.19 -12.14
C ARG A 399 -12.54 -21.28 -12.99
N ILE A 400 -13.40 -20.51 -12.34
CA ILE A 400 -14.30 -19.55 -12.98
C ILE A 400 -14.16 -18.21 -12.26
N PRO A 401 -13.06 -17.48 -12.57
CA PRO A 401 -12.75 -16.23 -11.89
C PRO A 401 -13.80 -15.18 -12.18
N GLU A 402 -14.37 -15.23 -13.39
CA GLU A 402 -15.22 -14.16 -13.88
C GLU A 402 -16.55 -14.68 -14.40
N PHE A 403 -17.63 -14.15 -13.84
CA PHE A 403 -18.95 -14.66 -14.11
C PHE A 403 -19.96 -13.57 -13.75
N ARG A 404 -21.21 -13.79 -14.10
CA ARG A 404 -22.27 -12.87 -13.70
C ARG A 404 -23.62 -13.55 -13.84
N ILE A 405 -24.68 -12.91 -13.37
CA ILE A 405 -26.02 -13.43 -13.60
C ILE A 405 -26.29 -13.45 -15.09
N GLU A 406 -26.89 -14.52 -15.61
CA GLU A 406 -27.16 -14.56 -17.05
C GLU A 406 -28.04 -13.38 -17.43
N ASP A 407 -27.62 -12.68 -18.48
CA ASP A 407 -28.28 -11.50 -19.03
C ASP A 407 -28.40 -10.41 -17.98
N ASP A 408 -27.57 -10.52 -16.94
CA ASP A 408 -27.61 -9.67 -15.74
C ASP A 408 -29.03 -9.48 -15.22
N ALA A 409 -29.81 -10.55 -15.23
CA ALA A 409 -31.18 -10.53 -14.70
C ALA A 409 -31.23 -10.03 -13.23
N PRO A 410 -32.35 -9.42 -12.82
CA PRO A 410 -32.52 -9.03 -11.42
C PRO A 410 -32.64 -10.24 -10.50
N LEU A 411 -32.28 -10.11 -9.23
CA LEU A 411 -32.47 -11.17 -8.23
C LEU A 411 -33.90 -11.12 -7.68
N ARG A 412 -34.46 -12.28 -7.36
CA ARG A 412 -35.73 -12.35 -6.65
C ARG A 412 -35.52 -13.23 -5.40
N TYR A 413 -36.33 -13.02 -4.36
CA TYR A 413 -36.06 -13.70 -3.09
C TYR A 413 -37.29 -14.28 -2.42
N SER A 414 -37.07 -15.32 -1.62
CA SER A 414 -38.12 -15.85 -0.75
C SER A 414 -37.80 -15.65 0.71
N ASN A 415 -38.86 -15.53 1.52
CA ASN A 415 -38.74 -15.59 2.97
C ASN A 415 -39.18 -16.95 3.46
N GLY A 416 -38.77 -17.27 4.68
CA GLY A 416 -39.22 -18.48 5.34
C GLY A 416 -38.32 -18.60 6.54
N ILE A 417 -38.30 -19.78 7.16
CA ILE A 417 -37.42 -19.98 8.30
CA ILE A 417 -37.43 -19.93 8.31
C ILE A 417 -35.97 -19.78 7.86
N VAL A 418 -35.70 -20.16 6.61
CA VAL A 418 -34.41 -19.84 6.01
C VAL A 418 -34.69 -19.06 4.71
N GLY A 419 -34.34 -17.78 4.73
CA GLY A 419 -34.47 -16.93 3.55
C GLY A 419 -33.61 -17.43 2.40
N SER A 420 -33.89 -16.92 1.19
CA SER A 420 -33.21 -17.38 -0.03
C SER A 420 -33.33 -16.40 -1.20
N VAL A 421 -32.34 -16.47 -2.10
CA VAL A 421 -32.44 -15.93 -3.45
C VAL A 421 -33.05 -17.06 -4.27
N LYS A 422 -34.13 -16.79 -4.98
CA LYS A 422 -34.73 -17.79 -5.87
C LYS A 422 -33.71 -18.18 -6.95
N PRO A 423 -33.81 -19.43 -7.45
CA PRO A 423 -32.82 -20.04 -8.35
C PRO A 423 -32.36 -19.11 -9.46
N PHE A 424 -31.05 -18.97 -9.61
CA PHE A 424 -30.52 -18.05 -10.62
C PHE A 424 -29.49 -18.75 -11.49
N VAL A 425 -29.24 -18.19 -12.66
CA VAL A 425 -28.32 -18.76 -13.61
C VAL A 425 -27.08 -17.87 -13.70
N LEU A 426 -25.92 -18.50 -13.63
CA LEU A 426 -24.64 -17.82 -13.81
C LEU A 426 -24.08 -18.14 -15.18
N GLU A 427 -23.32 -17.20 -15.74
CA GLU A 427 -22.71 -17.39 -17.05
C GLU A 427 -21.29 -16.89 -16.97
N TRP A 428 -20.42 -17.49 -17.79
CA TRP A 428 -18.99 -17.14 -17.84
C TRP A 428 -18.45 -17.38 -19.24
N PRO A 429 -17.33 -16.71 -19.59
CA PRO A 429 -16.74 -16.97 -20.90
C PRO A 429 -16.13 -18.38 -20.97
N VAL A 430 -16.30 -19.00 -22.15
CA VAL A 430 -15.90 -20.35 -22.52
C VAL A 430 -16.04 -21.36 -21.39
N THR B 33 26.53 -51.14 -12.54
CA THR B 33 27.96 -51.34 -12.60
C THR B 33 28.49 -51.85 -11.26
N GLU B 34 29.56 -52.61 -11.32
CA GLU B 34 30.12 -53.25 -10.13
C GLU B 34 30.71 -52.24 -9.14
N ARG B 35 30.36 -52.41 -7.87
CA ARG B 35 30.79 -51.52 -6.80
C ARG B 35 32.31 -51.56 -6.64
N PRO B 36 32.98 -50.44 -6.97
CA PRO B 36 34.44 -50.31 -6.94
C PRO B 36 34.96 -50.24 -5.53
N ASP B 37 36.25 -50.52 -5.34
CA ASP B 37 36.82 -50.67 -4.02
C ASP B 37 36.98 -49.34 -3.27
N ASN B 38 36.66 -48.23 -3.90
CA ASN B 38 36.71 -46.97 -3.19
C ASN B 38 35.32 -46.51 -2.77
N VAL B 39 34.33 -47.31 -3.11
CA VAL B 39 32.94 -47.05 -2.74
C VAL B 39 32.48 -47.90 -1.55
N PRO B 40 32.46 -47.32 -0.34
CA PRO B 40 31.80 -47.97 0.81
C PRO B 40 30.34 -48.27 0.52
N ALA B 41 29.83 -49.36 1.09
CA ALA B 41 28.46 -49.78 0.85
C ALA B 41 27.42 -48.73 1.25
N ASP B 42 27.78 -47.85 2.19
CA ASP B 42 26.82 -46.90 2.76
C ASP B 42 26.75 -45.60 1.96
N ARG B 43 27.56 -45.51 0.91
CA ARG B 43 27.52 -44.38 0.00
C ARG B 43 26.62 -44.68 -1.19
N VAL B 44 26.20 -45.95 -1.28
CA VAL B 44 25.42 -46.41 -2.43
C VAL B 44 23.93 -46.05 -2.31
N PHE B 45 23.38 -45.54 -3.42
CA PHE B 45 21.96 -45.29 -3.52
C PHE B 45 21.52 -45.52 -4.97
N ASP B 46 20.21 -45.62 -5.18
CA ASP B 46 19.65 -46.00 -6.47
C ASP B 46 19.27 -44.77 -7.31
N PHE B 47 20.25 -44.20 -8.00
CA PHE B 47 20.05 -42.94 -8.72
C PHE B 47 20.30 -43.07 -10.23
N ASP B 48 19.31 -42.65 -11.01
CA ASP B 48 19.43 -42.64 -12.46
C ASP B 48 19.02 -41.24 -12.95
N ILE B 49 20.00 -40.46 -13.40
CA ILE B 49 19.73 -39.07 -13.84
C ILE B 49 18.83 -39.07 -15.08
N TYR B 50 18.68 -40.22 -15.72
CA TYR B 50 17.85 -40.29 -16.93
C TYR B 50 16.44 -40.83 -16.67
N ARG B 51 16.17 -41.24 -15.44
CA ARG B 51 14.89 -41.87 -15.10
C ARG B 51 13.81 -40.85 -14.81
N ASP B 52 12.59 -41.07 -15.30
CA ASP B 52 11.47 -40.13 -15.09
C ASP B 52 11.17 -39.92 -13.61
N VAL B 53 10.59 -38.76 -13.30
CA VAL B 53 10.09 -38.46 -11.97
C VAL B 53 8.90 -39.38 -11.73
N PRO B 54 8.78 -39.96 -10.52
CA PRO B 54 7.61 -40.80 -10.28
C PRO B 54 6.28 -40.04 -10.39
N GLU B 55 5.28 -40.66 -11.00
CA GLU B 55 3.94 -40.10 -11.06
C GLU B 55 3.46 -39.58 -9.70
N GLY B 56 3.00 -38.34 -9.69
CA GLY B 56 2.44 -37.74 -8.48
C GLY B 56 3.42 -36.88 -7.71
N LEU B 57 4.68 -36.91 -8.11
CA LEU B 57 5.71 -36.09 -7.48
C LEU B 57 6.06 -34.91 -8.37
N ASP B 58 6.33 -33.76 -7.76
CA ASP B 58 6.90 -32.63 -8.47
C ASP B 58 8.38 -32.91 -8.71
N PHE B 59 8.91 -32.47 -9.86
CA PHE B 59 10.34 -32.59 -10.18
C PHE B 59 11.23 -32.17 -9.04
N HIS B 60 11.02 -30.97 -8.52
CA HIS B 60 11.93 -30.46 -7.50
C HIS B 60 11.63 -31.04 -6.10
N GLN B 61 10.38 -31.41 -5.84
CA GLN B 61 10.04 -32.10 -4.60
C GLN B 61 10.78 -33.42 -4.53
N SER B 62 10.77 -34.12 -5.66
CA SER B 62 11.41 -35.43 -5.83
C SER B 62 12.90 -35.37 -5.49
N TRP B 63 13.56 -34.34 -5.99
CA TRP B 63 14.98 -34.14 -5.77
C TRP B 63 15.26 -33.85 -4.30
N ARG B 64 14.36 -33.13 -3.65
CA ARG B 64 14.55 -32.82 -2.24
C ARG B 64 14.45 -34.08 -1.37
N GLU B 65 13.58 -35.01 -1.76
CA GLU B 65 13.47 -36.25 -0.99
C GLU B 65 14.68 -37.17 -1.22
N ILE B 66 15.26 -37.11 -2.41
CA ILE B 66 16.49 -37.84 -2.68
C ILE B 66 17.59 -37.30 -1.78
N MET B 67 17.65 -35.98 -1.70
CA MET B 67 18.60 -35.27 -0.85
C MET B 67 18.34 -35.54 0.64
N ARG B 68 17.07 -35.59 1.01
CA ARG B 68 16.69 -35.72 2.41
C ARG B 68 16.91 -37.15 2.91
N GLN B 69 16.48 -38.12 2.10
CA GLN B 69 16.59 -39.53 2.47
C GLN B 69 18.01 -40.04 2.33
N PRO B 71 21.73 -39.09 3.77
CA PRO B 71 22.59 -40.20 4.20
C PRO B 71 24.04 -39.74 4.34
N HIS B 72 24.57 -39.22 3.24
CA HIS B 72 25.83 -38.51 3.21
C HIS B 72 25.75 -37.49 2.07
N PRO B 73 26.32 -36.30 2.28
CA PRO B 73 26.41 -35.26 1.25
C PRO B 73 26.90 -35.79 -0.10
N LEU B 74 27.85 -36.74 -0.07
CA LEU B 74 28.34 -37.37 -1.29
C LEU B 74 27.90 -38.82 -1.33
N MET B 75 27.07 -39.15 -2.31
CA MET B 75 26.65 -40.54 -2.47
C MET B 75 27.15 -41.12 -3.80
N TRP B 76 26.93 -42.42 -4.00
CA TRP B 76 27.41 -43.11 -5.20
CA TRP B 76 27.42 -43.11 -5.20
C TRP B 76 26.32 -44.00 -5.79
N THR B 77 26.21 -43.99 -7.11
CA THR B 77 25.19 -44.78 -7.80
C THR B 77 25.84 -45.71 -8.81
N PRO B 78 25.33 -46.95 -8.90
CA PRO B 78 25.89 -47.92 -9.85
C PRO B 78 25.47 -47.64 -11.28
N HIS B 79 24.42 -46.84 -11.45
CA HIS B 79 23.86 -46.52 -12.77
C HIS B 79 24.78 -45.63 -13.60
N ASN B 80 24.65 -45.75 -14.93
CA ASN B 80 25.37 -44.88 -15.88
C ASN B 80 26.89 -44.92 -15.70
N GLY B 81 27.45 -46.13 -15.64
CA GLY B 81 28.88 -46.29 -15.46
C GLY B 81 29.38 -46.24 -14.01
N GLY B 82 28.51 -45.87 -13.08
CA GLY B 82 28.92 -45.71 -11.70
C GLY B 82 29.55 -44.35 -11.46
N HIS B 83 28.93 -43.54 -10.60
CA HIS B 83 29.43 -42.18 -10.39
C HIS B 83 28.94 -41.56 -9.09
N TRP B 84 29.70 -40.58 -8.63
CA TRP B 84 29.40 -39.89 -7.41
C TRP B 84 28.39 -38.79 -7.70
N VAL B 85 27.62 -38.43 -6.67
CA VAL B 85 26.67 -37.33 -6.78
C VAL B 85 26.77 -36.42 -5.55
N ALA B 86 26.90 -35.12 -5.80
CA ALA B 86 26.92 -34.14 -4.71
C ALA B 86 25.49 -33.73 -4.37
N LEU B 87 25.04 -34.06 -3.17
CA LEU B 87 23.66 -33.85 -2.75
C LEU B 87 23.47 -32.69 -1.79
N ARG B 88 24.43 -31.78 -1.72
CA ARG B 88 24.28 -30.58 -0.89
C ARG B 88 24.75 -29.34 -1.63
N SER B 89 24.18 -28.20 -1.25
CA SER B 89 24.40 -26.93 -1.95
C SER B 89 25.88 -26.58 -2.07
N ASP B 90 26.51 -26.34 -0.93
CA ASP B 90 27.90 -25.89 -0.92
C ASP B 90 28.85 -26.91 -1.57
N LEU B 91 28.52 -28.19 -1.43
CA LEU B 91 29.30 -29.25 -2.07
C LEU B 91 29.19 -29.19 -3.59
N ALA B 92 27.96 -29.15 -4.11
CA ALA B 92 27.74 -29.11 -5.57
C ALA B 92 28.44 -27.91 -6.20
N GLU B 93 28.39 -26.78 -5.49
CA GLU B 93 29.03 -25.55 -5.98
C GLU B 93 30.53 -25.68 -6.02
N THR B 94 31.08 -26.35 -5.02
CA THR B 94 32.51 -26.65 -4.97
C THR B 94 32.92 -27.48 -6.19
N VAL B 95 32.22 -28.59 -6.42
CA VAL B 95 32.57 -29.49 -7.51
C VAL B 95 32.43 -28.80 -8.87
N MET B 96 31.37 -28.02 -9.07
CA MET B 96 31.23 -27.40 -10.38
C MET B 96 32.17 -26.19 -10.59
N SER B 97 32.76 -25.66 -9.51
CA SER B 97 33.67 -24.51 -9.64
C SER B 97 35.16 -24.81 -9.42
N ASP B 98 35.47 -25.83 -8.62
CA ASP B 98 36.88 -26.13 -8.28
C ASP B 98 37.57 -26.95 -9.35
N PHE B 99 38.01 -26.28 -10.42
CA PHE B 99 38.58 -26.95 -11.58
C PHE B 99 39.93 -27.62 -11.30
N GLU B 100 40.56 -27.30 -10.18
CA GLU B 100 41.84 -27.91 -9.90
C GLU B 100 41.66 -29.35 -9.43
N ARG B 101 40.51 -29.65 -8.85
CA ARG B 101 40.22 -31.02 -8.45
C ARG B 101 39.18 -31.69 -9.34
N PHE B 102 38.30 -30.89 -9.94
CA PHE B 102 37.22 -31.43 -10.75
C PHE B 102 37.18 -30.80 -12.15
N SER B 103 37.42 -31.63 -13.17
CA SER B 103 37.64 -31.18 -14.54
C SER B 103 36.40 -31.24 -15.44
N ASN B 104 36.31 -30.29 -16.36
CA ASN B 104 35.28 -30.30 -17.41
C ASN B 104 35.68 -31.20 -18.58
N HIS B 105 36.72 -32.01 -18.39
CA HIS B 105 37.17 -32.93 -19.44
C HIS B 105 36.08 -33.93 -19.81
N THR B 106 35.33 -34.38 -18.80
CA THR B 106 34.13 -35.16 -19.03
C THR B 106 32.98 -34.55 -18.21
N VAL B 107 31.85 -34.26 -18.84
CA VAL B 107 30.71 -33.65 -18.12
C VAL B 107 29.43 -34.47 -18.18
N LEU B 108 29.45 -35.57 -18.92
CA LEU B 108 28.28 -36.41 -19.09
C LEU B 108 28.55 -37.82 -18.60
N VAL B 109 27.50 -38.49 -18.14
CA VAL B 109 27.59 -39.92 -17.83
C VAL B 109 26.65 -40.68 -18.78
N PRO B 110 27.01 -41.93 -19.12
CA PRO B 110 28.21 -42.71 -18.77
C PRO B 110 29.50 -42.10 -19.34
N LYS B 111 30.54 -42.03 -18.52
CA LYS B 111 31.81 -41.44 -18.95
C LYS B 111 32.34 -42.04 -20.26
N GLU B 112 32.16 -43.34 -20.46
CA GLU B 112 32.83 -44.04 -21.57
C GLU B 112 32.07 -43.97 -22.90
N THR B 113 30.76 -43.78 -22.82
CA THR B 113 29.98 -43.62 -24.04
C THR B 113 29.73 -42.14 -24.26
N ALA B 114 28.66 -41.64 -23.65
CA ALA B 114 28.28 -40.24 -23.74
C ALA B 114 29.42 -39.29 -23.43
N GLY B 115 30.07 -39.51 -22.29
CA GLY B 115 31.17 -38.65 -21.87
C GLY B 115 32.25 -38.40 -22.92
N GLU B 116 32.71 -39.47 -23.57
CA GLU B 116 33.73 -39.30 -24.60
C GLU B 116 33.12 -38.80 -25.91
N ALA B 117 31.92 -39.27 -26.21
CA ALA B 117 31.27 -38.95 -27.48
C ALA B 117 30.95 -37.46 -27.63
N TYR B 118 30.62 -36.78 -26.54
CA TYR B 118 30.26 -35.37 -26.61
C TYR B 118 31.38 -34.39 -26.20
N ARG B 119 32.56 -34.92 -25.88
CA ARG B 119 33.69 -34.07 -25.48
C ARG B 119 34.17 -33.21 -26.64
N LEU B 120 34.18 -31.89 -26.43
CA LEU B 120 34.50 -30.97 -27.51
C LEU B 120 35.18 -29.70 -27.00
N ILE B 121 36.39 -29.46 -27.52
CA ILE B 121 37.04 -28.16 -27.42
C ILE B 121 36.05 -27.12 -27.87
N PRO B 122 35.88 -26.04 -27.10
CA PRO B 122 36.63 -25.69 -25.88
C PRO B 122 35.87 -25.83 -24.56
N LEU B 123 34.61 -26.23 -24.59
CA LEU B 123 33.86 -26.40 -23.35
C LEU B 123 34.51 -27.49 -22.48
N SER B 124 35.29 -28.36 -23.11
CA SER B 124 35.96 -29.44 -22.39
C SER B 124 37.21 -28.94 -21.67
N LEU B 125 37.64 -27.71 -21.97
CA LEU B 125 38.84 -27.16 -21.35
C LEU B 125 38.65 -26.71 -19.89
N ASP B 126 39.73 -26.78 -19.12
CA ASP B 126 39.81 -26.14 -17.80
C ASP B 126 40.67 -24.89 -17.92
N PRO B 127 40.56 -23.96 -16.97
CA PRO B 127 41.56 -22.88 -16.89
C PRO B 127 42.90 -23.50 -16.56
N PRO B 128 44.01 -22.90 -17.00
CA PRO B 128 44.10 -21.63 -17.73
C PRO B 128 43.64 -21.68 -19.20
N GLU B 129 43.65 -22.86 -19.83
CA GLU B 129 43.40 -22.96 -21.27
C GLU B 129 41.98 -22.49 -21.64
N HIS B 130 41.05 -22.60 -20.69
CA HIS B 130 39.67 -22.25 -20.95
C HIS B 130 39.45 -20.75 -21.01
N ARG B 131 40.33 -19.99 -20.38
CA ARG B 131 40.13 -18.56 -20.16
C ARG B 131 39.91 -17.69 -21.42
N PRO B 132 40.77 -17.83 -22.46
CA PRO B 132 40.50 -16.99 -23.64
C PRO B 132 39.15 -17.31 -24.25
N PHE B 133 38.75 -18.58 -24.25
CA PHE B 133 37.46 -18.96 -24.82
C PHE B 133 36.28 -18.51 -23.96
N ARG B 134 36.42 -18.61 -22.63
CA ARG B 134 35.40 -18.03 -21.74
C ARG B 134 35.14 -16.54 -22.05
N SER B 135 36.21 -15.79 -22.28
CA SER B 135 36.06 -14.37 -22.58
C SER B 135 35.35 -14.13 -23.89
N LEU B 136 35.72 -14.89 -24.92
CA LEU B 136 35.10 -14.78 -26.23
C LEU B 136 33.60 -15.11 -26.18
N LEU B 137 33.26 -16.18 -25.47
CA LEU B 137 31.85 -16.58 -25.33
C LEU B 137 31.06 -15.51 -24.60
N ASN B 138 31.58 -15.06 -23.47
CA ASN B 138 30.87 -14.06 -22.68
C ASN B 138 30.75 -12.69 -23.37
N GLU B 139 31.81 -12.24 -24.04
CA GLU B 139 31.70 -10.99 -24.81
C GLU B 139 30.61 -11.03 -25.87
N ASN B 140 30.64 -12.06 -26.69
CA ASN B 140 29.82 -12.07 -27.88
C ASN B 140 28.33 -12.35 -27.64
N LEU B 141 28.00 -12.82 -26.43
CA LEU B 141 26.62 -13.09 -26.04
C LEU B 141 26.17 -12.03 -25.04
N GLY B 142 26.95 -10.96 -24.94
CA GLY B 142 26.71 -9.91 -23.96
C GLY B 142 25.53 -9.06 -24.37
N PRO B 143 25.05 -8.22 -23.45
CA PRO B 143 23.92 -7.33 -23.75
C PRO B 143 24.10 -6.47 -24.98
N LYS B 144 25.31 -5.96 -25.22
CA LYS B 144 25.51 -5.04 -26.34
C LYS B 144 25.31 -5.73 -27.70
N PRO B 145 26.09 -6.81 -28.01
CA PRO B 145 25.85 -7.40 -29.32
C PRO B 145 24.52 -8.13 -29.46
N LEU B 146 23.88 -8.49 -28.35
CA LEU B 146 22.58 -9.14 -28.41
C LEU B 146 21.41 -8.15 -28.42
N ARG B 147 21.69 -6.85 -28.47
CA ARG B 147 20.63 -5.83 -28.47
C ARG B 147 19.56 -5.98 -29.58
N PRO B 148 19.97 -6.26 -30.83
CA PRO B 148 18.91 -6.41 -31.83
C PRO B 148 18.08 -7.68 -31.69
N ILE B 149 18.52 -8.63 -30.87
CA ILE B 149 17.81 -9.89 -30.75
C ILE B 149 16.46 -9.69 -30.05
N GLU B 150 16.35 -8.66 -29.20
CA GLU B 150 15.09 -8.44 -28.49
C GLU B 150 13.88 -8.31 -29.43
N GLN B 151 14.01 -7.55 -30.50
CA GLN B 151 12.91 -7.41 -31.44
C GLN B 151 12.70 -8.71 -32.21
N VAL B 152 13.77 -9.50 -32.36
CA VAL B 152 13.63 -10.78 -33.05
C VAL B 152 12.78 -11.76 -32.22
N VAL B 153 13.00 -11.77 -30.91
CA VAL B 153 12.24 -12.66 -30.03
C VAL B 153 10.81 -12.12 -29.93
N THR B 154 10.68 -10.81 -29.92
CA THR B 154 9.35 -10.21 -29.83
C THR B 154 8.49 -10.61 -31.03
N ASP B 155 9.01 -10.42 -32.24
CA ASP B 155 8.21 -10.71 -33.43
C ASP B 155 7.88 -12.19 -33.54
N LEU B 156 8.82 -13.04 -33.16
CA LEU B 156 8.60 -14.47 -33.21
C LEU B 156 7.57 -14.93 -32.17
N ALA B 157 7.71 -14.46 -30.94
CA ALA B 157 6.76 -14.81 -29.88
C ALA B 157 5.37 -14.40 -30.27
N VAL B 158 5.27 -13.19 -30.84
CA VAL B 158 3.95 -12.63 -31.12
C VAL B 158 3.26 -13.41 -32.23
N SER B 159 4.01 -13.76 -33.27
CA SER B 159 3.45 -14.48 -34.40
C SER B 159 2.98 -15.87 -33.99
N LEU B 160 3.76 -16.52 -33.13
CA LEU B 160 3.39 -17.83 -32.63
C LEU B 160 2.09 -17.77 -31.84
N ILE B 161 2.02 -16.81 -30.92
CA ILE B 161 0.85 -16.67 -30.06
C ILE B 161 -0.39 -16.33 -30.88
N GLU B 162 -0.28 -15.35 -31.79
CA GLU B 162 -1.44 -15.00 -32.61
C GLU B 162 -1.89 -16.17 -33.47
N GLY B 163 -0.95 -17.06 -33.79
CA GLY B 163 -1.23 -18.24 -34.58
C GLY B 163 -2.21 -19.17 -33.89
N PHE B 164 -2.01 -19.42 -32.60
CA PHE B 164 -2.86 -20.38 -31.94
C PHE B 164 -3.86 -19.80 -30.95
N ARG B 165 -3.76 -18.51 -30.69
CA ARG B 165 -4.75 -17.83 -29.83
C ARG B 165 -6.22 -18.16 -30.16
N PRO B 166 -6.58 -18.19 -31.46
CA PRO B 166 -8.02 -18.41 -31.70
C PRO B 166 -8.52 -19.81 -31.42
N LYS B 167 -7.60 -20.75 -31.22
CA LYS B 167 -7.95 -22.15 -30.98
CA LYS B 167 -7.97 -22.14 -30.98
C LYS B 167 -8.38 -22.38 -29.54
N GLY B 168 -7.91 -21.53 -28.64
CA GLY B 168 -8.24 -21.68 -27.23
C GLY B 168 -7.49 -22.81 -26.54
N ARG B 169 -6.53 -23.40 -27.24
CA ARG B 169 -5.64 -24.38 -26.64
C ARG B 169 -4.39 -24.51 -27.48
N CYS B 170 -3.32 -24.98 -26.84
CA CYS B 170 -2.12 -25.37 -27.57
C CYS B 170 -1.27 -26.33 -26.74
N ASN B 171 -0.52 -27.17 -27.44
CA ASN B 171 0.58 -27.87 -26.78
C ASN B 171 1.73 -26.87 -26.66
N PHE B 172 1.97 -26.37 -25.44
CA PHE B 172 2.91 -25.26 -25.24
C PHE B 172 4.31 -25.62 -25.72
N THR B 173 4.75 -26.82 -25.38
CA THR B 173 6.11 -27.24 -25.69
CA THR B 173 6.13 -27.21 -25.69
C THR B 173 6.36 -27.35 -27.19
N HIS B 174 5.46 -28.03 -27.89
CA HIS B 174 5.63 -28.21 -29.33
C HIS B 174 5.29 -26.96 -30.14
N GLU B 175 4.17 -26.31 -29.81
CA GLU B 175 3.67 -25.19 -30.61
C GLU B 175 4.26 -23.82 -30.29
N PHE B 176 4.97 -23.71 -29.17
CA PHE B 176 5.54 -22.42 -28.79
C PHE B 176 7.01 -22.57 -28.39
N ALA B 177 7.27 -23.16 -27.24
CA ALA B 177 8.62 -23.17 -26.68
C ALA B 177 9.70 -23.70 -27.65
N GLU B 178 9.40 -24.81 -28.33
CA GLU B 178 10.41 -25.43 -29.23
C GLU B 178 10.60 -24.61 -30.50
N GLN B 179 9.69 -23.67 -30.74
CA GLN B 179 9.72 -22.89 -31.98
C GLN B 179 10.68 -21.73 -31.93
N LEU B 180 11.22 -21.48 -30.74
CA LEU B 180 12.03 -20.30 -30.47
C LEU B 180 13.57 -20.42 -30.66
N PRO B 181 14.23 -21.40 -30.00
CA PRO B 181 15.69 -21.18 -29.87
C PRO B 181 16.51 -21.30 -31.15
N VAL B 182 16.09 -22.13 -32.10
CA VAL B 182 16.92 -22.27 -33.29
C VAL B 182 16.81 -21.02 -34.14
N ARG B 183 15.62 -20.45 -34.25
CA ARG B 183 15.44 -19.21 -35.00
C ARG B 183 16.25 -18.04 -34.41
N ILE B 184 16.27 -17.96 -33.09
CA ILE B 184 17.00 -16.90 -32.40
CA ILE B 184 17.00 -16.90 -32.40
C ILE B 184 18.49 -17.03 -32.67
N PHE B 185 19.00 -18.25 -32.49
CA PHE B 185 20.38 -18.58 -32.80
C PHE B 185 20.73 -18.15 -34.24
N MET B 186 19.86 -18.49 -35.17
CA MET B 186 20.11 -18.20 -36.57
C MET B 186 20.22 -16.71 -36.82
N ARG B 187 19.51 -15.92 -36.01
CA ARG B 187 19.62 -14.47 -36.13
C ARG B 187 20.89 -13.96 -35.47
N ILE B 188 21.33 -14.65 -34.41
CA ILE B 188 22.56 -14.29 -33.72
C ILE B 188 23.76 -14.48 -34.67
N VAL B 189 23.76 -15.59 -35.41
CA VAL B 189 24.86 -15.85 -36.35
C VAL B 189 24.56 -15.49 -37.83
N ASP B 190 23.38 -14.89 -38.07
CA ASP B 190 22.89 -14.46 -39.40
C ASP B 190 22.88 -15.57 -40.47
N LEU B 191 22.15 -16.64 -40.18
CA LEU B 191 21.92 -17.68 -41.19
C LEU B 191 20.57 -17.45 -41.86
N PRO B 192 20.40 -17.93 -43.11
CA PRO B 192 19.12 -17.72 -43.81
C PRO B 192 17.96 -18.54 -43.21
N VAL B 193 16.80 -17.90 -43.08
CA VAL B 193 15.64 -18.48 -42.44
C VAL B 193 15.19 -19.76 -43.14
N GLU B 194 15.47 -19.85 -44.43
CA GLU B 194 15.17 -21.08 -45.17
C GLU B 194 15.88 -22.33 -44.64
N ASP B 195 16.96 -22.15 -43.88
CA ASP B 195 17.70 -23.30 -43.37
C ASP B 195 17.23 -23.81 -42.01
N LEU B 196 16.14 -23.27 -41.51
CA LEU B 196 15.67 -23.63 -40.17
C LEU B 196 15.40 -25.12 -39.98
N PRO B 197 14.63 -25.76 -40.91
CA PRO B 197 14.36 -27.17 -40.59
C PRO B 197 15.62 -28.02 -40.69
N LYS B 198 16.56 -27.62 -41.53
CA LYS B 198 17.82 -28.34 -41.62
C LYS B 198 18.59 -28.26 -40.29
N LEU B 199 18.65 -27.06 -39.71
CA LEU B 199 19.38 -26.84 -38.47
C LEU B 199 18.66 -27.44 -37.29
N LYS B 200 17.33 -27.35 -37.28
CA LYS B 200 16.60 -27.93 -36.16
CA LYS B 200 16.54 -27.94 -36.21
C LYS B 200 16.78 -29.45 -36.18
N HIS B 201 16.76 -30.05 -37.36
CA HIS B 201 17.01 -31.48 -37.50
C HIS B 201 18.41 -31.86 -36.98
N LEU B 202 19.45 -31.09 -37.35
CA LEU B 202 20.80 -31.37 -36.87
C LEU B 202 20.91 -31.24 -35.35
N ALA B 203 20.36 -30.15 -34.82
CA ALA B 203 20.37 -29.89 -33.37
C ALA B 203 19.64 -31.00 -32.60
N ASP B 204 18.52 -31.45 -33.14
CA ASP B 204 17.75 -32.50 -32.49
C ASP B 204 18.50 -33.83 -32.50
N GLN B 205 19.06 -34.20 -33.65
CA GLN B 205 19.75 -35.49 -33.74
C GLN B 205 21.06 -35.46 -32.98
N TYR B 206 21.64 -34.28 -32.83
CA TYR B 206 22.89 -34.14 -32.09
C TYR B 206 22.63 -34.41 -30.60
N THR B 207 21.50 -33.92 -30.11
CA THR B 207 21.26 -33.90 -28.68
C THR B 207 20.36 -35.05 -28.23
N ARG B 208 19.57 -35.57 -29.17
CA ARG B 208 18.66 -36.68 -28.88
C ARG B 208 19.00 -37.89 -29.74
N ILE B 213 21.26 -42.13 -38.45
CA ILE B 213 22.14 -40.97 -38.43
C ILE B 213 23.00 -40.96 -37.15
N PRO B 214 24.22 -41.49 -37.24
CA PRO B 214 25.13 -41.56 -36.10
C PRO B 214 25.65 -40.18 -35.69
N LEU B 215 26.09 -40.05 -34.44
CA LEU B 215 26.57 -38.78 -33.89
C LEU B 215 27.71 -38.13 -34.69
N ASP B 216 28.79 -38.87 -34.91
CA ASP B 216 29.94 -38.33 -35.65
C ASP B 216 29.52 -37.93 -37.06
N ASP B 217 28.51 -38.61 -37.58
CA ASP B 217 27.94 -38.25 -38.89
C ASP B 217 27.12 -36.95 -38.82
N VAL B 218 26.58 -36.65 -37.65
CA VAL B 218 25.84 -35.41 -37.41
C VAL B 218 26.80 -34.22 -37.30
N THR B 219 27.88 -34.43 -36.56
CA THR B 219 28.93 -33.43 -36.40
C THR B 219 29.50 -33.04 -37.76
N LYS B 220 29.59 -34.02 -38.64
CA LYS B 220 30.11 -33.82 -39.99
C LYS B 220 29.17 -32.91 -40.79
N GLN B 221 27.87 -33.15 -40.69
CA GLN B 221 26.87 -32.34 -41.38
C GLN B 221 26.84 -30.91 -40.83
N PHE B 222 27.05 -30.76 -39.51
CA PHE B 222 27.20 -29.44 -38.92
C PHE B 222 28.37 -28.69 -39.55
N ARG B 223 29.52 -29.35 -39.68
CA ARG B 223 30.70 -28.68 -40.19
C ARG B 223 30.53 -28.38 -41.68
N GLU B 224 29.81 -29.25 -42.38
CA GLU B 224 29.62 -29.11 -43.81
C GLU B 224 28.67 -27.96 -44.11
N TYR B 225 27.76 -27.70 -43.17
CA TYR B 225 26.87 -26.54 -43.24
C TYR B 225 27.59 -25.22 -42.89
N LEU B 226 28.32 -25.23 -41.77
CA LEU B 226 28.88 -24.00 -41.21
C LEU B 226 30.18 -23.54 -41.84
N ARG B 227 31.05 -24.47 -42.26
CA ARG B 227 32.36 -24.06 -42.75
C ARG B 227 32.25 -23.07 -43.91
N PRO B 228 31.37 -23.33 -44.90
CA PRO B 228 31.37 -22.34 -45.99
C PRO B 228 30.82 -20.97 -45.58
N VAL B 229 29.95 -20.90 -44.58
CA VAL B 229 29.53 -19.63 -44.00
C VAL B 229 30.71 -18.96 -43.31
N ILE B 230 31.48 -19.72 -42.54
CA ILE B 230 32.64 -19.15 -41.85
C ILE B 230 33.63 -18.60 -42.88
N GLU B 231 33.89 -19.38 -43.93
CA GLU B 231 34.82 -19.00 -44.98
C GLU B 231 34.33 -17.79 -45.78
N ALA B 232 33.03 -17.75 -46.05
CA ALA B 232 32.41 -16.57 -46.66
C ALA B 232 32.64 -15.31 -45.84
N ARG B 233 32.53 -15.44 -44.52
CA ARG B 233 32.66 -14.30 -43.61
C ARG B 233 34.11 -13.88 -43.40
N ARG B 234 35.05 -14.77 -43.67
CA ARG B 234 36.47 -14.40 -43.71
C ARG B 234 36.76 -13.45 -44.86
N ILE B 235 36.01 -13.62 -45.95
CA ILE B 235 36.18 -12.78 -47.15
C ILE B 235 35.38 -11.47 -47.04
N LYS B 236 34.18 -11.57 -46.53
CA LYS B 236 33.28 -10.45 -46.39
C LYS B 236 32.65 -10.50 -45.01
N PRO B 237 33.31 -9.88 -44.01
CA PRO B 237 32.73 -9.97 -42.67
C PRO B 237 31.52 -9.07 -42.51
N GLY B 238 30.59 -9.50 -41.67
CA GLY B 238 29.42 -8.73 -41.29
C GLY B 238 29.49 -8.34 -39.82
N GLU B 239 28.34 -8.15 -39.18
CA GLU B 239 28.30 -7.76 -37.76
C GLU B 239 27.81 -8.90 -36.85
N ASP B 240 27.55 -10.05 -37.46
CA ASP B 240 27.02 -11.23 -36.78
C ASP B 240 28.05 -11.91 -35.87
N MET B 241 27.61 -12.90 -35.09
CA MET B 241 28.53 -13.52 -34.13
C MET B 241 29.69 -14.31 -34.79
N ILE B 242 29.43 -14.98 -35.90
CA ILE B 242 30.52 -15.64 -36.62
C ILE B 242 31.57 -14.62 -37.08
N SER B 243 31.12 -13.52 -37.65
CA SER B 243 32.07 -12.51 -38.07
C SER B 243 32.84 -11.94 -36.88
N ARG B 244 32.18 -11.77 -35.73
CA ARG B 244 32.84 -11.21 -34.55
C ARG B 244 33.93 -12.13 -34.03
N MET B 245 33.64 -13.43 -34.05
CA MET B 245 34.62 -14.40 -33.58
C MET B 245 35.80 -14.55 -34.53
N ILE B 246 35.50 -14.50 -35.83
CA ILE B 246 36.49 -14.49 -36.89
C ILE B 246 37.48 -13.34 -36.69
N ASN B 247 36.96 -12.19 -36.24
CA ASN B 247 37.81 -11.02 -36.03
C ASN B 247 38.40 -10.99 -34.63
N GLY B 248 38.01 -11.94 -33.80
CA GLY B 248 38.55 -12.04 -32.46
C GLY B 248 39.88 -12.76 -32.42
N GLU B 249 40.42 -12.93 -31.21
CA GLU B 249 41.65 -13.69 -31.02
C GLU B 249 41.64 -14.47 -29.71
N VAL B 250 42.28 -15.64 -29.73
CA VAL B 250 42.51 -16.43 -28.52
C VAL B 250 43.99 -16.79 -28.46
N GLY B 251 44.62 -16.44 -27.34
CA GLY B 251 46.07 -16.60 -27.23
C GLY B 251 46.81 -15.63 -28.12
N GLY B 252 46.08 -14.64 -28.64
CA GLY B 252 46.67 -13.67 -29.53
C GLY B 252 46.74 -14.15 -30.97
N ARG B 253 46.04 -15.26 -31.24
CA ARG B 253 46.01 -15.82 -32.58
C ARG B 253 44.57 -16.19 -32.98
N PRO B 254 44.25 -16.04 -34.27
CA PRO B 254 42.87 -16.27 -34.72
C PRO B 254 42.34 -17.69 -34.47
N LEU B 255 41.06 -17.79 -34.12
CA LEU B 255 40.33 -19.05 -34.13
C LEU B 255 40.49 -19.79 -35.44
N THR B 256 40.62 -21.10 -35.39
CA THR B 256 40.55 -21.93 -36.59
C THR B 256 39.10 -22.20 -36.95
N ASP B 257 38.90 -22.71 -38.17
CA ASP B 257 37.57 -23.13 -38.60
C ASP B 257 36.96 -24.18 -37.65
N ILE B 258 37.78 -25.12 -37.21
CA ILE B 258 37.31 -26.12 -36.25
C ILE B 258 36.81 -25.49 -34.95
N GLU B 259 37.59 -24.56 -34.40
CA GLU B 259 37.20 -23.88 -33.17
C GLU B 259 35.90 -23.08 -33.32
N ALA B 260 35.78 -22.31 -34.40
CA ALA B 260 34.59 -21.53 -34.66
C ALA B 260 33.38 -22.43 -34.86
N GLU B 261 33.55 -23.54 -35.57
CA GLU B 261 32.48 -24.53 -35.75
C GLU B 261 32.01 -25.11 -34.43
N ASN B 262 32.97 -25.54 -33.61
CA ASN B 262 32.69 -26.13 -32.30
C ASN B 262 31.85 -25.16 -31.49
N ILE B 263 32.29 -23.91 -31.45
CA ILE B 263 31.60 -22.87 -30.70
C ILE B 263 30.17 -22.67 -31.22
N CYS B 264 30.01 -22.59 -32.54
CA CYS B 264 28.66 -22.47 -33.11
C CYS B 264 27.72 -23.59 -32.66
N ILE B 265 28.20 -24.83 -32.75
CA ILE B 265 27.41 -25.99 -32.31
C ILE B 265 27.07 -25.89 -30.84
N GLN B 266 28.08 -25.56 -30.04
CA GLN B 266 27.90 -25.55 -28.60
C GLN B 266 26.96 -24.44 -28.17
N VAL B 267 26.99 -23.30 -28.85
CA VAL B 267 26.03 -22.22 -28.59
C VAL B 267 24.60 -22.59 -28.98
N LEU B 268 24.45 -23.14 -30.19
CA LEU B 268 23.13 -23.62 -30.63
C LEU B 268 22.53 -24.59 -29.62
N VAL B 269 23.28 -25.63 -29.33
CA VAL B 269 22.77 -26.65 -28.43
C VAL B 269 22.62 -26.18 -26.98
N GLY B 270 23.50 -25.30 -26.53
CA GLY B 270 23.48 -24.86 -25.13
C GLY B 270 22.24 -24.03 -24.80
N GLY B 271 21.74 -23.32 -25.80
CA GLY B 271 20.54 -22.50 -25.62
C GLY B 271 19.24 -23.12 -26.11
N LEU B 272 19.27 -24.43 -26.40
CA LEU B 272 18.09 -25.11 -26.97
C LEU B 272 17.24 -25.80 -25.87
N ASP B 273 17.61 -26.99 -25.43
CA ASP B 273 16.79 -27.73 -24.45
C ASP B 273 16.65 -26.97 -23.11
N THR B 274 17.68 -26.24 -22.70
CA THR B 274 17.63 -25.42 -21.49
C THR B 274 16.50 -24.37 -21.54
N VAL B 275 16.45 -23.61 -22.63
CA VAL B 275 15.41 -22.57 -22.74
C VAL B 275 14.00 -23.16 -22.89
N VAL B 276 13.86 -24.17 -23.75
CA VAL B 276 12.58 -24.86 -23.94
C VAL B 276 12.04 -25.41 -22.60
N ASN B 277 12.92 -26.08 -21.86
CA ASN B 277 12.50 -26.71 -20.60
C ASN B 277 12.20 -25.68 -19.50
N MET B 278 13.01 -24.63 -19.45
CA MET B 278 12.78 -23.57 -18.49
CA MET B 278 12.77 -23.57 -18.47
C MET B 278 11.43 -22.92 -18.78
N LEU B 279 11.16 -22.70 -20.05
CA LEU B 279 9.85 -22.17 -20.48
C LEU B 279 8.71 -23.10 -20.05
N GLY B 280 8.97 -24.40 -20.17
CA GLY B 280 8.00 -25.41 -19.83
C GLY B 280 7.70 -25.32 -18.35
N PHE B 281 8.73 -25.19 -17.52
CA PHE B 281 8.51 -25.12 -16.07
C PHE B 281 7.75 -23.84 -15.70
N THR B 282 8.12 -22.73 -16.35
CA THR B 282 7.55 -21.43 -16.08
C THR B 282 6.06 -21.43 -16.35
N PHE B 283 5.66 -21.86 -17.54
CA PHE B 283 4.26 -21.68 -17.93
C PHE B 283 3.35 -22.76 -17.32
N SER B 284 3.89 -23.95 -17.13
CA SER B 284 3.18 -24.98 -16.39
CA SER B 284 3.11 -24.96 -16.41
C SER B 284 2.93 -24.49 -14.97
N HIS B 285 3.90 -23.78 -14.41
CA HIS B 285 3.71 -23.31 -13.05
C HIS B 285 2.66 -22.23 -13.00
N LEU B 286 2.78 -21.29 -13.93
CA LEU B 286 1.79 -20.23 -14.05
C LEU B 286 0.40 -20.79 -14.28
N ALA B 287 0.31 -21.88 -15.03
CA ALA B 287 -0.97 -22.50 -15.28
C ALA B 287 -1.60 -23.01 -13.96
N LYS B 288 -0.75 -23.36 -12.99
CA LYS B 288 -1.25 -23.92 -11.72
C LYS B 288 -1.40 -22.88 -10.60
N ASP B 289 -0.50 -21.90 -10.59
CA ASP B 289 -0.47 -20.91 -9.52
C ASP B 289 -1.33 -19.72 -9.94
N HIS B 290 -2.62 -19.80 -9.67
CA HIS B 290 -3.51 -18.82 -10.29
C HIS B 290 -3.33 -17.45 -9.62
N ALA B 291 -2.99 -17.43 -8.33
CA ALA B 291 -2.71 -16.18 -7.63
C ALA B 291 -1.56 -15.45 -8.29
N LEU B 292 -0.51 -16.19 -8.63
CA LEU B 292 0.61 -15.60 -9.36
C LEU B 292 0.23 -15.13 -10.77
N ARG B 293 -0.39 -16.02 -11.51
CA ARG B 293 -0.83 -15.73 -12.86
C ARG B 293 -1.73 -14.49 -12.89
N ARG B 294 -2.72 -14.44 -12.03
CA ARG B 294 -3.62 -13.29 -12.01
C ARG B 294 -2.89 -11.99 -11.63
N ALA B 295 -1.91 -12.11 -10.71
CA ALA B 295 -1.21 -10.92 -10.26
C ALA B 295 -0.45 -10.28 -11.41
N ILE B 296 0.27 -11.11 -12.18
CA ILE B 296 1.06 -10.63 -13.32
C ILE B 296 0.17 -10.11 -14.43
N ALA B 297 -0.96 -10.78 -14.63
CA ALA B 297 -1.96 -10.35 -15.63
C ALA B 297 -2.51 -8.97 -15.30
N ALA B 298 -2.86 -8.75 -14.02
CA ALA B 298 -3.36 -7.46 -13.57
C ALA B 298 -2.28 -6.39 -13.50
N ASP B 299 -1.02 -6.80 -13.48
CA ASP B 299 0.12 -5.89 -13.26
C ASP B 299 1.43 -6.37 -13.89
N PRO B 300 1.63 -6.06 -15.17
CA PRO B 300 2.83 -6.59 -15.83
C PRO B 300 4.14 -6.06 -15.28
N SER B 301 4.12 -5.05 -14.42
CA SER B 301 5.39 -4.56 -13.87
C SER B 301 6.04 -5.61 -12.97
N LEU B 302 5.29 -6.66 -12.63
CA LEU B 302 5.78 -7.71 -11.75
C LEU B 302 6.70 -8.68 -12.48
N ILE B 303 6.76 -8.57 -13.81
CA ILE B 303 7.45 -9.59 -14.60
C ILE B 303 8.96 -9.68 -14.31
N ASP B 304 9.60 -8.52 -14.13
CA ASP B 304 11.04 -8.47 -13.91
C ASP B 304 11.45 -9.26 -12.65
N ASP B 305 10.68 -9.10 -11.58
CA ASP B 305 10.94 -9.83 -10.34
C ASP B 305 10.45 -11.27 -10.41
N ALA B 306 9.32 -11.50 -11.07
CA ALA B 306 8.84 -12.87 -11.30
C ALA B 306 9.88 -13.68 -12.06
N LEU B 307 10.48 -13.05 -13.07
CA LEU B 307 11.55 -13.69 -13.82
C LEU B 307 12.68 -14.22 -12.91
N LEU B 308 13.18 -13.36 -12.05
CA LEU B 308 14.24 -13.77 -11.13
C LEU B 308 13.84 -14.95 -10.23
N GLU B 309 12.57 -14.99 -9.84
CA GLU B 309 12.07 -16.09 -9.01
C GLU B 309 11.90 -17.36 -9.84
N PHE B 310 11.53 -17.22 -11.11
CA PHE B 310 11.43 -18.39 -11.98
C PHE B 310 12.79 -19.07 -12.13
N PHE B 311 13.86 -18.30 -12.32
CA PHE B 311 15.18 -18.92 -12.50
C PHE B 311 15.72 -19.49 -11.19
N ARG B 312 15.30 -18.93 -10.06
CA ARG B 312 15.66 -19.53 -8.76
C ARG B 312 14.91 -20.84 -8.52
N ARG B 313 13.61 -20.82 -8.80
CA ARG B 313 12.71 -21.90 -8.39
C ARG B 313 12.85 -23.13 -9.27
N PHE B 314 13.27 -22.96 -10.51
CA PHE B 314 13.32 -24.09 -11.43
C PHE B 314 14.68 -24.39 -12.09
N PRO B 315 15.71 -24.72 -11.27
CA PRO B 315 16.99 -25.10 -11.88
C PRO B 315 16.81 -26.36 -12.72
N VAL B 316 17.47 -26.51 -13.87
CA VAL B 316 17.13 -27.69 -14.67
C VAL B 316 18.36 -28.55 -15.02
N VAL B 317 19.54 -27.92 -15.02
CA VAL B 317 20.75 -28.57 -15.54
C VAL B 317 21.50 -29.42 -14.50
N SER B 318 21.94 -30.61 -14.91
CA SER B 318 22.82 -31.45 -14.10
C SER B 318 24.14 -31.76 -14.81
N SER B 319 25.15 -30.94 -14.57
CA SER B 319 26.48 -31.15 -15.15
CA SER B 319 26.47 -31.16 -15.15
C SER B 319 27.29 -32.07 -14.24
N ALA B 320 28.38 -32.63 -14.76
CA ALA B 320 29.28 -33.40 -13.91
C ALA B 320 30.72 -32.96 -14.13
N ARG B 321 31.64 -33.61 -13.44
CA ARG B 321 33.07 -33.32 -13.54
C ARG B 321 33.87 -34.62 -13.43
N GLU B 322 35.03 -34.66 -14.07
CA GLU B 322 35.92 -35.82 -13.99
C GLU B 322 37.08 -35.58 -13.03
N VAL B 323 37.36 -36.58 -12.21
CA VAL B 323 38.48 -36.53 -11.29
C VAL B 323 39.77 -36.85 -12.05
N LEU B 324 40.75 -35.94 -12.01
CA LEU B 324 41.96 -36.16 -12.79
C LEU B 324 43.00 -37.00 -12.04
N ARG B 325 43.06 -36.83 -10.72
CA ARG B 325 44.01 -37.57 -9.89
C ARG B 325 43.39 -37.94 -8.54
N ASP B 326 43.95 -38.97 -7.91
CA ASP B 326 43.44 -39.47 -6.63
C ASP B 326 43.35 -38.37 -5.58
N GLN B 327 42.20 -38.30 -4.93
CA GLN B 327 41.97 -37.27 -3.92
C GLN B 327 41.03 -37.76 -2.83
N GLU B 328 41.34 -37.43 -1.58
CA GLU B 328 40.42 -37.63 -0.50
C GLU B 328 39.42 -36.48 -0.56
N PHE B 329 38.16 -36.83 -0.46
CA PHE B 329 37.10 -35.84 -0.58
C PHE B 329 35.91 -36.37 0.19
N GLU B 330 35.38 -35.54 1.09
CA GLU B 330 34.17 -35.86 1.81
C GLU B 330 34.25 -37.20 2.53
N GLY B 331 35.40 -37.46 3.14
CA GLY B 331 35.63 -38.71 3.86
C GLY B 331 35.64 -39.93 2.97
N VAL B 332 36.01 -39.74 1.71
CA VAL B 332 36.11 -40.85 0.77
C VAL B 332 37.33 -40.66 -0.13
N LEU B 333 37.71 -41.71 -0.87
CA LEU B 333 38.82 -41.59 -1.81
C LEU B 333 38.30 -41.62 -3.24
N LEU B 334 38.48 -40.49 -3.94
CA LEU B 334 38.10 -40.40 -5.34
C LEU B 334 39.28 -40.78 -6.21
N LYS B 335 39.10 -41.84 -7.00
CA LYS B 335 40.17 -42.31 -7.89
C LYS B 335 40.23 -41.44 -9.13
N ALA B 336 41.41 -41.30 -9.72
CA ALA B 336 41.56 -40.63 -11.00
C ALA B 336 40.61 -41.24 -12.03
N GLY B 337 39.88 -40.39 -12.75
CA GLY B 337 38.94 -40.83 -13.75
C GLY B 337 37.55 -41.16 -13.21
N ASP B 338 37.34 -40.93 -11.91
CA ASP B 338 36.00 -41.04 -11.33
C ASP B 338 35.14 -39.85 -11.78
N MET B 339 33.84 -40.06 -11.84
CA MET B 339 32.93 -38.99 -12.25
C MET B 339 32.11 -38.48 -11.08
N VAL B 340 31.96 -37.17 -10.98
CA VAL B 340 31.14 -36.58 -9.93
C VAL B 340 30.06 -35.67 -10.51
N MET B 341 28.80 -36.09 -10.40
CA MET B 341 27.67 -35.24 -10.79
C MET B 341 27.42 -34.18 -9.74
N ALA B 342 27.17 -32.94 -10.19
CA ALA B 342 26.97 -31.82 -9.29
C ALA B 342 25.81 -30.96 -9.79
N PRO B 343 24.57 -31.40 -9.50
CA PRO B 343 23.46 -30.74 -10.18
C PRO B 343 23.17 -29.32 -9.65
N THR B 344 22.84 -28.45 -10.60
CA THR B 344 22.35 -27.14 -10.20
C THR B 344 21.12 -27.31 -9.33
N VAL B 345 20.40 -28.41 -9.52
CA VAL B 345 19.15 -28.66 -8.80
C VAL B 345 19.33 -28.60 -7.28
N VAL B 346 20.40 -29.21 -6.83
CA VAL B 346 20.64 -29.42 -5.41
C VAL B 346 21.01 -28.12 -4.71
N VAL B 347 21.54 -27.17 -5.46
CA VAL B 347 21.92 -25.90 -4.86
C VAL B 347 20.72 -25.13 -4.33
N ALA B 348 19.82 -24.65 -5.20
CA ALA B 348 18.72 -23.82 -4.74
C ALA B 348 17.67 -24.60 -3.94
N MET B 349 17.65 -25.91 -4.09
CA MET B 349 16.61 -26.68 -3.40
C MET B 349 17.07 -27.13 -2.01
N ASP B 350 18.26 -26.71 -1.59
CA ASP B 350 18.81 -27.08 -0.28
C ASP B 350 18.17 -26.25 0.83
N ASP B 351 17.40 -26.91 1.69
CA ASP B 351 16.71 -26.25 2.81
C ASP B 351 17.66 -25.84 3.93
N ALA B 352 18.91 -26.29 3.88
CA ALA B 352 19.88 -25.94 4.90
C ALA B 352 20.57 -24.62 4.57
N ARG B 353 20.35 -24.14 3.35
CA ARG B 353 20.95 -22.89 2.90
C ARG B 353 19.93 -21.96 2.24
N ASN B 354 18.68 -22.40 2.15
CA ASN B 354 17.64 -21.58 1.52
C ASN B 354 16.27 -21.78 2.16
N GLU B 355 15.51 -20.70 2.26
CA GLU B 355 14.23 -20.68 2.98
C GLU B 355 13.02 -21.03 2.13
N ASP B 356 12.32 -22.10 2.51
CA ASP B 356 11.17 -22.62 1.77
C ASP B 356 11.40 -22.53 0.26
N PRO B 357 12.37 -23.30 -0.25
CA PRO B 357 12.79 -23.03 -1.63
C PRO B 357 11.76 -23.42 -2.69
N LEU B 358 10.83 -24.31 -2.35
CA LEU B 358 9.78 -24.71 -3.29
C LEU B 358 8.71 -23.64 -3.43
N GLU B 359 8.67 -22.71 -2.49
CA GLU B 359 7.66 -21.66 -2.50
C GLU B 359 7.97 -20.70 -3.63
N PHE B 360 6.97 -20.37 -4.43
CA PHE B 360 7.19 -19.30 -5.40
C PHE B 360 6.75 -18.00 -4.76
N ARG B 361 7.71 -17.11 -4.59
CA ARG B 361 7.47 -15.87 -3.85
C ARG B 361 8.02 -14.65 -4.57
N LEU B 362 7.16 -13.70 -4.90
CA LEU B 362 7.63 -12.41 -5.42
C LEU B 362 8.30 -11.61 -4.31
N GLY B 363 7.89 -11.82 -3.07
CA GLY B 363 8.43 -11.03 -1.98
C GLY B 363 9.77 -11.49 -1.45
N ARG B 364 10.70 -11.86 -2.33
CA ARG B 364 11.93 -12.49 -1.88
C ARG B 364 13.15 -11.57 -1.83
N LYS B 365 13.84 -11.61 -0.69
CA LYS B 365 15.13 -10.99 -0.53
C LYS B 365 16.24 -12.05 -0.58
N ALA B 366 17.40 -11.68 -1.11
CA ALA B 366 18.55 -12.59 -1.17
C ALA B 366 18.26 -13.91 -1.88
N ARG B 367 17.93 -13.83 -3.17
CA ARG B 367 17.76 -15.03 -3.98
C ARG B 367 19.13 -15.60 -4.32
N GLN B 368 19.41 -16.80 -3.85
CA GLN B 368 20.68 -17.45 -4.15
C GLN B 368 20.42 -18.74 -4.91
N HIS B 369 21.16 -18.93 -6.00
CA HIS B 369 20.97 -20.10 -6.85
C HIS B 369 22.12 -20.21 -7.85
N SER B 370 22.37 -21.41 -8.35
N SER B 370 22.37 -21.42 -8.34
CA SER B 370 23.38 -21.60 -9.38
CA SER B 370 23.39 -21.63 -9.38
C SER B 370 22.75 -22.20 -10.63
C SER B 370 22.75 -22.21 -10.63
N THR B 371 21.58 -21.69 -11.01
CA THR B 371 20.87 -22.21 -12.18
C THR B 371 21.74 -22.13 -13.43
N PHE B 372 22.63 -21.15 -13.46
CA PHE B 372 23.53 -20.96 -14.59
C PHE B 372 24.95 -21.46 -14.27
N GLY B 373 25.08 -22.20 -13.17
CA GLY B 373 26.34 -22.84 -12.83
C GLY B 373 27.21 -21.94 -11.99
N LYS B 374 28.46 -22.36 -11.78
CA LYS B 374 29.41 -21.57 -11.03
C LYS B 374 30.82 -21.87 -11.52
N GLY B 375 31.71 -20.90 -11.45
CA GLY B 375 33.08 -21.08 -11.90
C GLY B 375 33.30 -20.60 -13.32
N SER B 376 34.37 -21.12 -13.94
CA SER B 376 34.81 -20.64 -15.25
C SER B 376 33.75 -20.91 -16.32
N HIS B 377 32.88 -21.90 -16.08
CA HIS B 377 31.94 -22.33 -17.12
C HIS B 377 30.53 -21.80 -16.89
N THR B 378 30.44 -20.72 -16.12
CA THR B 378 29.17 -20.02 -15.90
C THR B 378 28.53 -19.67 -17.23
N CYS B 379 27.24 -19.97 -17.34
CA CYS B 379 26.54 -19.79 -18.61
C CYS B 379 26.76 -18.41 -19.24
N PRO B 380 27.33 -18.40 -20.46
CA PRO B 380 27.52 -17.13 -21.18
C PRO B 380 26.24 -16.66 -21.89
N GLY B 381 25.24 -17.53 -21.93
CA GLY B 381 23.97 -17.20 -22.52
C GLY B 381 22.90 -16.87 -21.48
N ALA B 382 23.34 -16.53 -20.28
CA ALA B 382 22.41 -16.22 -19.20
C ALA B 382 21.65 -14.94 -19.49
N HIS B 383 22.31 -14.00 -20.16
CA HIS B 383 21.68 -12.74 -20.56
C HIS B 383 20.59 -12.96 -21.61
N LEU B 384 20.90 -13.74 -22.63
CA LEU B 384 19.92 -14.09 -23.62
C LEU B 384 18.79 -14.88 -22.99
N ALA B 385 19.09 -15.77 -22.06
CA ALA B 385 18.03 -16.54 -21.38
C ALA B 385 16.98 -15.61 -20.74
N ARG B 386 17.46 -14.61 -19.99
CA ARG B 386 16.56 -13.70 -19.30
C ARG B 386 15.84 -12.73 -20.25
N MET B 387 16.51 -12.28 -21.32
CA MET B 387 15.83 -11.47 -22.35
C MET B 387 14.67 -12.26 -22.96
N GLU B 388 14.92 -13.52 -23.33
CA GLU B 388 13.86 -14.38 -23.87
C GLU B 388 12.69 -14.54 -22.89
N MET B 389 12.99 -14.89 -21.63
CA MET B 389 11.96 -15.03 -20.61
C MET B 389 11.10 -13.76 -20.47
N LYS B 390 11.74 -12.60 -20.50
CA LYS B 390 11.08 -11.33 -20.31
C LYS B 390 10.09 -11.04 -21.43
N VAL B 391 10.56 -11.18 -22.66
CA VAL B 391 9.74 -10.91 -23.84
C VAL B 391 8.56 -11.87 -23.90
N VAL B 392 8.84 -13.14 -23.66
CA VAL B 392 7.80 -14.15 -23.74
C VAL B 392 6.72 -13.85 -22.71
N LEU B 393 7.14 -13.51 -21.48
CA LEU B 393 6.17 -13.27 -20.42
C LEU B 393 5.33 -12.06 -20.77
N ARG B 394 5.96 -11.00 -21.29
CA ARG B 394 5.23 -9.77 -21.64
C ARG B 394 4.21 -9.98 -22.75
N GLU B 395 4.64 -10.59 -23.85
CA GLU B 395 3.74 -10.81 -24.99
C GLU B 395 2.66 -11.85 -24.68
N TRP B 396 3.00 -12.92 -23.97
CA TRP B 396 1.97 -13.88 -23.60
C TRP B 396 0.88 -13.21 -22.74
N PHE B 397 1.27 -12.52 -21.67
CA PHE B 397 0.27 -11.96 -20.77
C PHE B 397 -0.52 -10.81 -21.43
N ALA B 398 0.05 -10.16 -22.44
CA ALA B 398 -0.72 -9.14 -23.14
C ALA B 398 -1.88 -9.77 -23.91
N ARG B 399 -1.67 -10.98 -24.41
CA ARG B 399 -2.59 -11.64 -25.34
C ARG B 399 -3.47 -12.74 -24.74
N ILE B 400 -2.90 -13.50 -23.82
CA ILE B 400 -3.60 -14.61 -23.16
C ILE B 400 -3.33 -14.47 -21.67
N PRO B 401 -4.04 -13.54 -20.99
CA PRO B 401 -3.83 -13.23 -19.57
C PRO B 401 -4.24 -14.39 -18.69
N GLU B 402 -5.25 -15.13 -19.13
CA GLU B 402 -5.86 -16.17 -18.27
C GLU B 402 -5.87 -17.51 -18.99
N PHE B 403 -5.32 -18.52 -18.31
CA PHE B 403 -5.12 -19.83 -18.90
C PHE B 403 -4.85 -20.86 -17.81
N ARG B 404 -4.99 -22.12 -18.17
CA ARG B 404 -4.67 -23.19 -17.23
C ARG B 404 -4.28 -24.44 -17.98
N ILE B 405 -3.88 -25.48 -17.23
CA ILE B 405 -3.64 -26.78 -17.84
C ILE B 405 -5.00 -27.28 -18.28
N GLU B 406 -5.07 -27.83 -19.49
CA GLU B 406 -6.34 -28.32 -19.98
C GLU B 406 -6.87 -29.40 -19.05
N ASP B 407 -8.15 -29.25 -18.72
CA ASP B 407 -8.86 -30.13 -17.78
C ASP B 407 -8.17 -30.17 -16.42
N ASP B 408 -7.32 -29.18 -16.18
CA ASP B 408 -6.46 -29.12 -14.99
C ASP B 408 -5.72 -30.44 -14.73
N ALA B 409 -5.25 -31.08 -15.80
CA ALA B 409 -4.41 -32.28 -15.68
C ALA B 409 -3.15 -32.08 -14.80
N PRO B 410 -2.73 -33.15 -14.10
CA PRO B 410 -1.48 -33.07 -13.32
C PRO B 410 -0.25 -33.01 -14.24
N LEU B 411 0.85 -32.46 -13.73
CA LEU B 411 2.11 -32.35 -14.48
C LEU B 411 2.89 -33.63 -14.31
N ARG B 412 3.59 -34.05 -15.37
CA ARG B 412 4.51 -35.18 -15.30
C ARG B 412 5.90 -34.66 -15.67
N TYR B 413 6.97 -35.32 -15.24
CA TYR B 413 8.29 -34.75 -15.45
C TYR B 413 9.32 -35.81 -15.83
N SER B 414 10.31 -35.40 -16.61
CA SER B 414 11.46 -36.25 -16.93
C SER B 414 12.74 -35.67 -16.34
N ASN B 415 13.69 -36.54 -16.02
CA ASN B 415 15.03 -36.09 -15.65
C ASN B 415 15.99 -36.23 -16.80
N GLY B 416 17.17 -35.64 -16.65
CA GLY B 416 18.19 -35.80 -17.65
C GLY B 416 19.25 -34.75 -17.48
N ILE B 417 20.04 -34.54 -18.53
CA ILE B 417 21.01 -33.47 -18.54
CA ILE B 417 21.02 -33.48 -18.47
C ILE B 417 20.26 -32.18 -18.25
N VAL B 418 19.11 -32.06 -18.90
CA VAL B 418 18.23 -30.93 -18.64
C VAL B 418 16.85 -31.48 -18.29
N GLY B 419 16.45 -31.26 -17.05
CA GLY B 419 15.17 -31.74 -16.57
C GLY B 419 14.05 -31.06 -17.32
N SER B 420 12.84 -31.63 -17.28
CA SER B 420 11.70 -31.06 -18.01
C SER B 420 10.34 -31.47 -17.51
N VAL B 421 9.35 -30.64 -17.82
CA VAL B 421 7.95 -31.00 -17.71
C VAL B 421 7.56 -31.65 -19.02
N LYS B 422 7.03 -32.88 -18.93
CA LYS B 422 6.57 -33.59 -20.11
C LYS B 422 5.50 -32.72 -20.78
N PRO B 423 5.38 -32.82 -22.13
CA PRO B 423 4.61 -31.82 -22.88
C PRO B 423 3.18 -31.71 -22.38
N PHE B 424 2.70 -30.48 -22.28
CA PHE B 424 1.41 -30.23 -21.69
C PHE B 424 0.60 -29.28 -22.58
N VAL B 425 -0.71 -29.29 -22.35
CA VAL B 425 -1.64 -28.48 -23.12
C VAL B 425 -2.23 -27.37 -22.26
N LEU B 426 -2.19 -26.14 -22.80
CA LEU B 426 -2.75 -25.00 -22.11
C LEU B 426 -4.08 -24.67 -22.76
N GLU B 427 -5.03 -24.16 -21.97
CA GLU B 427 -6.32 -23.75 -22.52
C GLU B 427 -6.71 -22.40 -21.96
N TRP B 428 -7.50 -21.68 -22.77
CA TRP B 428 -7.95 -20.34 -22.44
C TRP B 428 -9.28 -20.02 -23.09
N PRO B 429 -10.01 -19.06 -22.50
CA PRO B 429 -11.26 -18.64 -23.13
C PRO B 429 -11.04 -17.89 -24.46
N VAL B 430 -11.92 -18.16 -25.42
CA VAL B 430 -11.94 -17.62 -26.79
C VAL B 430 -10.60 -17.19 -27.35
N THR C 33 -2.63 28.62 -52.30
CA THR C 33 -2.78 30.03 -51.91
C THR C 33 -1.43 30.76 -51.97
N GLU C 34 -1.41 31.86 -52.72
CA GLU C 34 -0.21 32.66 -52.89
C GLU C 34 0.24 33.22 -51.54
N ARG C 35 1.55 33.14 -51.28
CA ARG C 35 2.10 33.63 -50.03
C ARG C 35 2.03 35.14 -49.95
N PRO C 36 1.22 35.66 -49.02
CA PRO C 36 0.96 37.11 -48.92
C PRO C 36 2.16 37.85 -48.32
N ASP C 37 2.20 39.16 -48.53
CA ASP C 37 3.38 39.96 -48.22
C ASP C 37 3.55 40.28 -46.73
N ASN C 38 2.82 39.59 -45.86
CA ASN C 38 3.11 39.70 -44.44
C ASN C 38 3.67 38.37 -43.93
N VAL C 39 3.80 37.42 -44.84
CA VAL C 39 4.36 36.13 -44.52
C VAL C 39 5.74 35.96 -45.13
N PRO C 40 6.79 35.95 -44.29
CA PRO C 40 8.12 35.56 -44.75
C PRO C 40 8.17 34.07 -45.09
N ALA C 41 9.01 33.67 -46.03
CA ALA C 41 9.08 32.27 -46.43
C ALA C 41 9.64 31.41 -45.30
N ASP C 42 10.11 32.07 -44.26
CA ASP C 42 10.75 31.43 -43.11
C ASP C 42 9.69 30.94 -42.12
N ARG C 43 8.44 31.29 -42.39
CA ARG C 43 7.34 30.86 -41.54
C ARG C 43 6.39 29.95 -42.32
N VAL C 44 6.83 29.45 -43.47
CA VAL C 44 5.99 28.59 -44.29
C VAL C 44 6.24 27.09 -44.04
N PHE C 45 5.17 26.30 -44.09
CA PHE C 45 5.22 24.87 -43.87
C PHE C 45 3.97 24.21 -44.46
N ASP C 46 4.04 22.90 -44.70
CA ASP C 46 2.97 22.16 -45.35
C ASP C 46 2.00 21.59 -44.31
N PHE C 47 0.89 22.27 -44.11
CA PHE C 47 -0.07 21.89 -43.07
C PHE C 47 -1.52 21.94 -43.54
N ASP C 48 -2.13 20.77 -43.65
CA ASP C 48 -3.54 20.67 -43.93
C ASP C 48 -4.24 20.08 -42.70
N ILE C 49 -5.08 20.89 -42.05
CA ILE C 49 -5.81 20.47 -40.86
C ILE C 49 -6.75 19.30 -41.20
N TYR C 50 -7.00 19.11 -42.49
CA TYR C 50 -7.94 18.06 -42.93
C TYR C 50 -7.23 16.79 -43.43
N ARG C 51 -5.91 16.86 -43.53
CA ARG C 51 -5.10 15.75 -44.03
C ARG C 51 -4.91 14.68 -42.96
N ASP C 52 -5.05 13.42 -43.37
CA ASP C 52 -4.85 12.25 -42.50
C ASP C 52 -3.48 12.17 -41.85
N VAL C 53 -3.44 11.51 -40.69
CA VAL C 53 -2.20 11.29 -39.99
C VAL C 53 -1.44 10.21 -40.75
N PRO C 54 -0.16 10.46 -41.06
CA PRO C 54 0.65 9.49 -41.80
C PRO C 54 0.61 8.09 -41.20
N GLU C 55 0.31 7.10 -42.02
CA GLU C 55 0.45 5.71 -41.59
C GLU C 55 1.93 5.42 -41.45
N GLY C 56 2.35 4.97 -40.27
CA GLY C 56 1.47 4.76 -39.14
C GLY C 56 2.06 5.40 -37.90
N LEU C 57 1.88 6.71 -37.79
CA LEU C 57 2.26 7.44 -36.59
C LEU C 57 1.05 7.52 -35.65
N ASP C 58 1.29 7.88 -34.40
CA ASP C 58 0.19 8.21 -33.51
C ASP C 58 -0.26 9.64 -33.80
N PHE C 59 -1.56 9.90 -33.67
CA PHE C 59 -2.13 11.24 -33.84
C PHE C 59 -1.32 12.29 -33.08
N HIS C 60 -1.30 12.16 -31.75
CA HIS C 60 -0.64 13.16 -30.94
C HIS C 60 0.89 13.16 -31.12
N GLN C 61 1.49 12.00 -31.41
CA GLN C 61 2.91 11.92 -31.76
C GLN C 61 3.23 12.71 -33.02
N SER C 62 2.38 12.56 -34.02
CA SER C 62 2.51 13.29 -35.28
CA SER C 62 2.53 13.29 -35.27
C SER C 62 2.53 14.80 -35.03
N TRP C 63 1.60 15.26 -34.21
CA TRP C 63 1.46 16.68 -33.88
C TRP C 63 2.69 17.21 -33.15
N ARG C 64 3.26 16.37 -32.29
CA ARG C 64 4.44 16.77 -31.54
C ARG C 64 5.66 16.98 -32.46
N GLU C 65 5.83 16.18 -33.51
CA GLU C 65 6.96 16.44 -34.39
C GLU C 65 6.70 17.63 -35.32
N ILE C 66 5.44 17.86 -35.68
CA ILE C 66 5.09 19.06 -36.44
C ILE C 66 5.48 20.28 -35.60
N MET C 67 5.21 20.20 -34.31
CA MET C 67 5.61 21.24 -33.37
C MET C 67 7.12 21.32 -33.22
N ARG C 68 7.76 20.17 -33.13
CA ARG C 68 9.21 20.11 -32.88
C ARG C 68 9.99 20.57 -34.11
N GLN C 69 9.60 20.08 -35.27
CA GLN C 69 10.25 20.49 -36.53
C GLN C 69 9.60 21.74 -37.10
N ALA C 70 9.57 22.82 -36.32
CA ALA C 70 9.01 24.08 -36.81
C ALA C 70 9.82 25.26 -36.31
N PRO C 71 10.47 25.99 -37.25
CA PRO C 71 11.31 27.16 -36.98
C PRO C 71 10.67 28.19 -36.05
N PRO C 73 7.16 29.42 -32.93
CA PRO C 73 5.86 29.30 -32.25
C PRO C 73 4.68 29.59 -33.18
N LEU C 74 4.74 30.71 -33.91
CA LEU C 74 3.70 31.05 -34.86
C LEU C 74 4.21 30.76 -36.26
N MET C 75 3.41 30.03 -37.03
CA MET C 75 3.87 29.52 -38.33
C MET C 75 2.72 29.71 -39.34
N TRP C 76 2.97 29.55 -40.65
CA TRP C 76 1.95 29.88 -41.66
C TRP C 76 1.88 28.88 -42.82
N THR C 77 0.68 28.51 -43.24
CA THR C 77 0.51 27.43 -44.23
C THR C 77 -0.31 27.90 -45.44
N PRO C 78 0.07 27.48 -46.65
CA PRO C 78 -0.67 27.89 -47.85
C PRO C 78 -2.02 27.19 -47.98
N HIS C 79 -2.23 26.10 -47.27
CA HIS C 79 -3.45 25.32 -47.37
C HIS C 79 -4.66 26.05 -46.80
N ASN C 80 -5.83 25.74 -47.35
CA ASN C 80 -7.12 26.19 -46.84
C ASN C 80 -7.24 27.72 -46.74
N GLY C 81 -6.98 28.41 -47.85
CA GLY C 81 -7.00 29.86 -47.87
C GLY C 81 -5.74 30.53 -47.36
N GLY C 82 -4.86 29.76 -46.73
CA GLY C 82 -3.64 30.32 -46.14
C GLY C 82 -3.91 30.87 -44.76
N HIS C 83 -3.25 30.32 -43.74
CA HIS C 83 -3.50 30.74 -42.38
C HIS C 83 -2.38 30.44 -41.40
N TRP C 84 -2.33 31.24 -40.34
CA TRP C 84 -1.31 31.08 -39.32
C TRP C 84 -1.69 29.95 -38.37
N VAL C 85 -0.69 29.29 -37.80
CA VAL C 85 -0.93 28.25 -36.80
C VAL C 85 -0.05 28.51 -35.57
N ALA C 86 -0.64 28.41 -34.39
CA ALA C 86 0.10 28.53 -33.13
C ALA C 86 0.59 27.16 -32.67
N LEU C 87 1.91 27.02 -32.46
CA LEU C 87 2.49 25.71 -32.22
C LEU C 87 3.12 25.51 -30.85
N ARG C 88 2.85 26.44 -29.94
CA ARG C 88 3.30 26.33 -28.56
CA ARG C 88 3.30 26.34 -28.56
C ARG C 88 2.12 26.51 -27.62
N SER C 89 2.20 25.88 -26.45
CA SER C 89 1.10 25.87 -25.49
C SER C 89 0.64 27.27 -25.08
N ASP C 90 1.55 28.08 -24.55
CA ASP C 90 1.20 29.42 -24.08
C ASP C 90 0.67 30.32 -25.21
N LEU C 91 1.26 30.18 -26.39
CA LEU C 91 0.79 30.94 -27.56
C LEU C 91 -0.65 30.56 -27.93
N ALA C 92 -0.93 29.26 -28.00
CA ALA C 92 -2.26 28.78 -28.38
C ALA C 92 -3.31 29.26 -27.39
N GLU C 93 -2.97 29.25 -26.10
CA GLU C 93 -3.92 29.67 -25.07
C GLU C 93 -4.24 31.16 -25.17
N THR C 94 -3.24 31.93 -25.56
CA THR C 94 -3.42 33.37 -25.77
C THR C 94 -4.36 33.64 -26.94
N VAL C 95 -4.11 32.98 -28.07
CA VAL C 95 -4.98 33.15 -29.22
C VAL C 95 -6.43 32.68 -28.87
N MET C 96 -6.55 31.53 -28.23
CA MET C 96 -7.86 31.03 -27.77
C MET C 96 -8.66 32.00 -26.93
N SER C 97 -7.96 32.68 -26.03
CA SER C 97 -8.58 33.42 -24.94
C SER C 97 -8.58 34.94 -25.12
N ASP C 98 -7.59 35.48 -25.82
CA ASP C 98 -7.49 36.94 -25.98
C ASP C 98 -8.40 37.48 -27.08
N PHE C 99 -9.66 37.70 -26.73
CA PHE C 99 -10.69 38.02 -27.70
C PHE C 99 -10.49 39.39 -28.34
N GLU C 100 -9.76 40.27 -27.67
CA GLU C 100 -9.63 41.62 -28.19
C GLU C 100 -8.64 41.69 -29.35
N ARG C 101 -7.73 40.73 -29.41
CA ARG C 101 -6.86 40.61 -30.58
C ARG C 101 -7.34 39.50 -31.52
N PHE C 102 -8.00 38.48 -30.97
CA PHE C 102 -8.40 37.33 -31.75
C PHE C 102 -9.89 37.04 -31.57
N SER C 103 -10.63 37.08 -32.67
CA SER C 103 -12.09 37.06 -32.64
C SER C 103 -12.69 35.71 -33.03
N ASN C 104 -13.81 35.37 -32.42
CA ASN C 104 -14.58 34.18 -32.78
C ASN C 104 -15.49 34.43 -33.98
N HIS C 105 -15.28 35.54 -34.67
CA HIS C 105 -16.13 35.92 -35.80
C HIS C 105 -16.02 34.87 -36.90
N THR C 106 -14.82 34.30 -37.04
CA THR C 106 -14.58 33.18 -37.93
C THR C 106 -13.71 32.18 -37.17
N VAL C 107 -14.17 30.93 -37.03
CA VAL C 107 -13.38 29.93 -36.31
C VAL C 107 -12.97 28.77 -37.19
N LEU C 108 -13.43 28.75 -38.43
CA LEU C 108 -13.13 27.63 -39.31
C LEU C 108 -12.33 28.08 -40.54
N VAL C 109 -11.44 27.21 -40.95
CA VAL C 109 -10.62 27.40 -42.12
C VAL C 109 -11.15 26.45 -43.20
N PRO C 110 -11.21 26.91 -44.46
CA PRO C 110 -10.84 28.21 -44.99
C PRO C 110 -11.90 29.29 -44.73
N LYS C 111 -11.45 30.51 -44.42
CA LYS C 111 -12.34 31.59 -43.95
C LYS C 111 -13.48 31.94 -44.90
N GLU C 112 -13.21 31.92 -46.20
CA GLU C 112 -14.19 32.46 -47.17
C GLU C 112 -15.26 31.45 -47.55
N THR C 113 -14.99 30.15 -47.37
CA THR C 113 -16.08 29.19 -47.60
C THR C 113 -16.67 28.75 -46.26
N ALA C 114 -16.09 27.72 -45.66
CA ALA C 114 -16.57 27.17 -44.39
C ALA C 114 -16.72 28.22 -43.30
N GLY C 115 -15.70 29.06 -43.11
CA GLY C 115 -15.71 30.04 -42.05
C GLY C 115 -16.90 30.97 -42.08
N GLU C 116 -17.30 31.37 -43.28
CA GLU C 116 -18.49 32.20 -43.41
C GLU C 116 -19.75 31.32 -43.39
N ALA C 117 -19.64 30.11 -43.92
CA ALA C 117 -20.79 29.22 -44.06
C ALA C 117 -21.40 28.78 -42.71
N TYR C 118 -20.56 28.67 -41.69
CA TYR C 118 -20.96 28.17 -40.38
C TYR C 118 -20.99 29.22 -39.28
N ARG C 119 -20.63 30.46 -39.63
CA ARG C 119 -20.73 31.58 -38.70
C ARG C 119 -22.17 31.79 -38.22
N LEU C 120 -22.41 31.56 -36.93
CA LEU C 120 -23.74 31.73 -36.33
C LEU C 120 -23.63 32.37 -34.97
N ILE C 121 -24.44 33.39 -34.71
CA ILE C 121 -24.52 33.88 -33.34
C ILE C 121 -25.32 32.85 -32.56
N PRO C 122 -24.99 32.66 -31.27
CA PRO C 122 -24.04 33.47 -30.48
C PRO C 122 -22.61 32.94 -30.38
N LEU C 123 -22.28 31.83 -31.02
CA LEU C 123 -20.93 31.29 -30.90
C LEU C 123 -19.93 32.17 -31.65
N SER C 124 -20.44 32.99 -32.57
CA SER C 124 -19.59 33.88 -33.35
C SER C 124 -19.32 35.17 -32.61
N LEU C 125 -19.94 35.35 -31.44
CA LEU C 125 -19.81 36.60 -30.70
C LEU C 125 -18.50 36.70 -29.91
N ASP C 126 -18.06 37.92 -29.66
CA ASP C 126 -16.98 38.20 -28.71
C ASP C 126 -17.58 38.90 -27.52
N PRO C 127 -16.89 38.86 -26.37
CA PRO C 127 -17.33 39.73 -25.28
C PRO C 127 -17.08 41.18 -25.69
N PRO C 128 -17.92 42.13 -25.24
CA PRO C 128 -19.02 42.01 -24.27
C PRO C 128 -20.24 41.22 -24.72
N GLU C 129 -20.52 41.18 -26.03
CA GLU C 129 -21.79 40.66 -26.53
C GLU C 129 -21.97 39.17 -26.26
N HIS C 130 -20.87 38.43 -26.19
CA HIS C 130 -20.95 37.00 -25.97
C HIS C 130 -21.29 36.60 -24.53
N ARG C 131 -21.14 37.55 -23.60
CA ARG C 131 -21.20 37.22 -22.18
C ARG C 131 -22.57 36.76 -21.69
N PRO C 132 -23.66 37.44 -22.07
CA PRO C 132 -24.95 36.94 -21.60
C PRO C 132 -25.27 35.55 -22.13
N PHE C 133 -24.85 35.24 -23.36
CA PHE C 133 -25.05 33.92 -23.94
C PHE C 133 -24.18 32.84 -23.30
N ARG C 134 -22.91 33.17 -23.02
CA ARG C 134 -22.02 32.31 -22.26
C ARG C 134 -22.64 31.84 -20.94
N SER C 135 -23.26 32.77 -20.23
CA SER C 135 -23.86 32.47 -18.93
C SER C 135 -25.07 31.53 -19.05
N LEU C 136 -25.81 31.72 -20.12
CA LEU C 136 -27.02 30.91 -20.34
C LEU C 136 -26.65 29.47 -20.69
N LEU C 137 -25.68 29.33 -21.58
CA LEU C 137 -25.17 28.01 -21.95
C LEU C 137 -24.60 27.26 -20.75
N ASN C 138 -23.73 27.94 -20.00
CA ASN C 138 -23.05 27.31 -18.89
C ASN C 138 -24.01 26.92 -17.77
N GLU C 139 -25.01 27.75 -17.51
CA GLU C 139 -25.98 27.42 -16.46
C GLU C 139 -26.84 26.22 -16.87
N ASN C 140 -27.38 26.28 -18.08
CA ASN C 140 -28.34 25.28 -18.54
C ASN C 140 -27.76 23.88 -18.80
N LEU C 141 -26.44 23.81 -18.87
CA LEU C 141 -25.74 22.53 -19.07
C LEU C 141 -24.94 22.15 -17.82
N GLY C 142 -25.28 22.76 -16.69
CA GLY C 142 -24.57 22.50 -15.45
C GLY C 142 -25.05 21.25 -14.75
N PRO C 143 -24.32 20.84 -13.70
CA PRO C 143 -24.59 19.61 -12.97
C PRO C 143 -26.03 19.49 -12.48
N LYS C 144 -26.66 20.59 -12.06
CA LYS C 144 -28.02 20.45 -11.53
C LYS C 144 -29.03 20.14 -12.65
N PRO C 145 -29.15 20.99 -13.69
CA PRO C 145 -30.19 20.63 -14.67
C PRO C 145 -29.89 19.35 -15.46
N LEU C 146 -28.64 18.90 -15.47
CA LEU C 146 -28.30 17.68 -16.18
C LEU C 146 -28.33 16.45 -15.28
N ARG C 147 -28.76 16.62 -14.03
CA ARG C 147 -28.89 15.48 -13.11
C ARG C 147 -29.64 14.26 -13.66
N PRO C 148 -30.83 14.44 -14.28
CA PRO C 148 -31.55 13.26 -14.79
C PRO C 148 -30.88 12.59 -15.98
N ILE C 149 -29.88 13.25 -16.57
CA ILE C 149 -29.25 12.74 -17.76
C ILE C 149 -28.36 11.53 -17.45
N GLU C 150 -27.85 11.45 -16.22
CA GLU C 150 -26.99 10.32 -15.85
C GLU C 150 -27.70 8.98 -16.03
N GLN C 151 -28.96 8.89 -15.62
CA GLN C 151 -29.70 7.64 -15.79
C GLN C 151 -29.97 7.38 -17.27
N VAL C 152 -30.13 8.45 -18.04
CA VAL C 152 -30.37 8.31 -19.48
C VAL C 152 -29.14 7.72 -20.19
N VAL C 153 -27.95 8.19 -19.81
CA VAL C 153 -26.74 7.69 -20.41
C VAL C 153 -26.51 6.23 -19.94
N THR C 154 -26.81 5.98 -18.68
CA THR C 154 -26.64 4.63 -18.13
C THR C 154 -27.49 3.63 -18.90
N ASP C 155 -28.79 3.90 -19.02
CA ASP C 155 -29.71 2.97 -19.73
C ASP C 155 -29.33 2.79 -21.19
N LEU C 156 -28.91 3.86 -21.87
CA LEU C 156 -28.51 3.76 -23.28
C LEU C 156 -27.24 2.94 -23.45
N ALA C 157 -26.21 3.25 -22.65
CA ALA C 157 -24.95 2.49 -22.70
C ALA C 157 -25.19 1.02 -22.47
N VAL C 158 -26.02 0.71 -21.47
CA VAL C 158 -26.26 -0.69 -21.08
C VAL C 158 -26.93 -1.46 -22.20
N SER C 159 -27.95 -0.86 -22.82
CA SER C 159 -28.71 -1.55 -23.86
C SER C 159 -27.84 -1.79 -25.08
N LEU C 160 -26.97 -0.84 -25.40
CA LEU C 160 -26.07 -0.96 -26.52
C LEU C 160 -25.08 -2.10 -26.30
N ILE C 161 -24.47 -2.11 -25.12
CA ILE C 161 -23.45 -3.10 -24.78
C ILE C 161 -24.06 -4.49 -24.72
N GLU C 162 -25.22 -4.62 -24.08
CA GLU C 162 -25.83 -5.94 -24.00
C GLU C 162 -26.23 -6.40 -25.40
N GLY C 163 -26.43 -5.45 -26.32
CA GLY C 163 -26.78 -5.80 -27.68
C GLY C 163 -25.69 -6.57 -28.39
N PHE C 164 -24.45 -6.09 -28.30
CA PHE C 164 -23.38 -6.73 -29.07
C PHE C 164 -22.45 -7.58 -28.25
N ARG C 165 -22.61 -7.59 -26.92
CA ARG C 165 -21.77 -8.42 -26.04
C ARG C 165 -21.72 -9.88 -26.52
N PRO C 166 -22.87 -10.46 -26.89
CA PRO C 166 -22.76 -11.89 -27.27
C PRO C 166 -21.99 -12.16 -28.56
N LYS C 167 -21.67 -11.12 -29.33
CA LYS C 167 -21.00 -11.29 -30.62
C LYS C 167 -19.49 -11.43 -30.51
N GLY C 168 -18.94 -10.96 -29.39
CA GLY C 168 -17.52 -11.03 -29.15
C GLY C 168 -16.75 -10.00 -29.97
N ARG C 169 -17.48 -9.10 -30.64
CA ARG C 169 -16.82 -8.07 -31.46
C ARG C 169 -17.80 -6.96 -31.82
N CYS C 170 -17.28 -5.76 -31.99
CA CYS C 170 -18.07 -4.68 -32.51
C CYS C 170 -17.20 -3.63 -33.17
N ASN C 171 -17.79 -2.95 -34.14
CA ASN C 171 -17.23 -1.72 -34.64
C ASN C 171 -17.58 -0.64 -33.60
N PHE C 172 -16.61 -0.27 -32.76
CA PHE C 172 -16.89 0.62 -31.62
C PHE C 172 -17.50 1.96 -32.03
N THR C 173 -16.95 2.58 -33.08
CA THR C 173 -17.45 3.91 -33.45
C THR C 173 -18.91 3.87 -33.92
N HIS C 174 -19.22 3.00 -34.85
CA HIS C 174 -20.56 2.98 -35.41
C HIS C 174 -21.60 2.32 -34.49
N GLU C 175 -21.21 1.22 -33.87
CA GLU C 175 -22.15 0.42 -33.05
C GLU C 175 -22.32 0.93 -31.61
N PHE C 176 -21.38 1.71 -31.09
CA PHE C 176 -21.51 2.24 -29.73
C PHE C 176 -21.42 3.78 -29.67
N ALA C 177 -20.22 4.32 -29.86
CA ALA C 177 -19.98 5.76 -29.68
C ALA C 177 -20.98 6.67 -30.40
N GLU C 178 -21.16 6.45 -31.72
CA GLU C 178 -22.06 7.29 -32.53
C GLU C 178 -23.54 7.16 -32.14
N GLN C 179 -23.86 6.12 -31.38
CA GLN C 179 -25.24 5.90 -30.95
C GLN C 179 -25.63 6.72 -29.73
N LEU C 180 -24.66 7.41 -29.12
CA LEU C 180 -24.93 8.17 -27.90
C LEU C 180 -25.37 9.65 -28.05
N PRO C 181 -24.56 10.49 -28.72
CA PRO C 181 -24.81 11.93 -28.47
C PRO C 181 -26.17 12.47 -28.90
N VAL C 182 -26.75 12.00 -29.99
CA VAL C 182 -27.99 12.62 -30.44
C VAL C 182 -29.13 12.24 -29.49
N ARG C 183 -29.17 10.97 -29.06
CA ARG C 183 -30.19 10.54 -28.10
C ARG C 183 -30.11 11.31 -26.78
N ILE C 184 -28.90 11.58 -26.32
CA ILE C 184 -28.70 12.33 -25.09
C ILE C 184 -29.22 13.76 -25.25
N PHE C 185 -28.86 14.36 -26.36
CA PHE C 185 -29.34 15.70 -26.67
C PHE C 185 -30.88 15.77 -26.62
N MET C 186 -31.52 14.77 -27.23
CA MET C 186 -32.96 14.78 -27.37
C MET C 186 -33.63 14.69 -26.01
N ARG C 187 -32.95 14.10 -25.05
N ARG C 187 -32.95 14.11 -25.04
CA ARG C 187 -33.48 14.04 -23.69
CA ARG C 187 -33.50 14.02 -23.67
C ARG C 187 -33.32 15.39 -22.99
C ARG C 187 -33.24 15.31 -22.87
N ILE C 188 -32.18 16.01 -23.22
CA ILE C 188 -31.87 17.30 -22.63
C ILE C 188 -32.91 18.36 -23.09
N VAL C 189 -33.29 18.32 -24.36
CA VAL C 189 -34.26 19.27 -24.90
C VAL C 189 -35.70 18.71 -24.99
N ASP C 190 -35.86 17.43 -24.62
CA ASP C 190 -37.14 16.69 -24.54
C ASP C 190 -37.87 16.59 -25.89
N LEU C 191 -37.20 15.98 -26.85
CA LEU C 191 -37.80 15.69 -28.14
C LEU C 191 -38.27 14.22 -28.18
N PRO C 192 -39.30 13.93 -29.00
CA PRO C 192 -39.80 12.56 -29.20
C PRO C 192 -38.71 11.58 -29.72
N VAL C 193 -38.59 10.42 -29.10
CA VAL C 193 -37.54 9.46 -29.47
C VAL C 193 -37.69 8.93 -30.90
N GLU C 194 -38.90 9.02 -31.47
CA GLU C 194 -39.09 8.62 -32.86
C GLU C 194 -38.42 9.59 -33.86
N ASP C 195 -37.97 10.74 -33.39
CA ASP C 195 -37.33 11.71 -34.31
C ASP C 195 -35.81 11.54 -34.41
N LEU C 196 -35.29 10.52 -33.76
CA LEU C 196 -33.84 10.32 -33.71
C LEU C 196 -33.21 10.24 -35.10
N PRO C 197 -33.71 9.35 -35.98
CA PRO C 197 -32.99 9.26 -37.26
C PRO C 197 -33.11 10.55 -38.06
N LYS C 198 -34.19 11.29 -37.91
CA LYS C 198 -34.30 12.55 -38.63
CA LYS C 198 -34.31 12.56 -38.61
C LYS C 198 -33.27 13.57 -38.12
N LEU C 199 -33.07 13.59 -36.81
CA LEU C 199 -32.12 14.53 -36.22
C LEU C 199 -30.66 14.09 -36.44
N LYS C 200 -30.41 12.78 -36.38
CA LYS C 200 -29.07 12.29 -36.64
C LYS C 200 -28.67 12.65 -38.07
N HIS C 201 -29.61 12.50 -38.99
CA HIS C 201 -29.37 12.84 -40.39
C HIS C 201 -29.10 14.34 -40.58
N LEU C 202 -29.86 15.22 -39.92
CA LEU C 202 -29.60 16.64 -40.08
C LEU C 202 -28.24 17.05 -39.49
N ALA C 203 -27.93 16.53 -38.31
CA ALA C 203 -26.64 16.75 -37.65
C ALA C 203 -25.49 16.30 -38.55
N ASP C 204 -25.64 15.12 -39.15
CA ASP C 204 -24.62 14.57 -40.02
C ASP C 204 -24.39 15.45 -41.24
N GLN C 205 -25.48 15.75 -41.95
CA GLN C 205 -25.40 16.56 -43.16
C GLN C 205 -24.96 17.99 -42.85
N TYR C 206 -25.21 18.46 -41.63
CA TYR C 206 -24.78 19.80 -41.26
C TYR C 206 -23.28 19.85 -41.06
N THR C 207 -22.75 18.84 -40.38
CA THR C 207 -21.35 18.82 -40.00
C THR C 207 -20.47 18.27 -41.12
N LEU C 215 -26.26 23.02 -47.49
CA LEU C 215 -26.04 23.60 -46.16
C LEU C 215 -27.26 24.40 -45.68
N ASP C 216 -27.49 25.55 -46.31
CA ASP C 216 -28.57 26.46 -45.88
C ASP C 216 -29.93 25.77 -45.90
N ASP C 217 -30.02 24.73 -46.72
CA ASP C 217 -31.21 23.89 -46.77
C ASP C 217 -31.32 23.01 -45.52
N VAL C 218 -30.18 22.63 -44.95
CA VAL C 218 -30.15 21.83 -43.73
C VAL C 218 -30.55 22.67 -42.52
N THR C 219 -30.01 23.88 -42.44
CA THR C 219 -30.34 24.82 -41.37
C THR C 219 -31.81 25.20 -41.43
N LYS C 220 -32.32 25.33 -42.66
CA LYS C 220 -33.75 25.52 -42.87
C LYS C 220 -34.54 24.37 -42.27
N GLN C 221 -34.11 23.14 -42.56
CA GLN C 221 -34.80 21.96 -42.04
C GLN C 221 -34.71 21.85 -40.51
N PHE C 222 -33.56 22.24 -39.94
CA PHE C 222 -33.43 22.34 -38.48
C PHE C 222 -34.48 23.32 -37.91
N ARG C 223 -34.60 24.50 -38.52
CA ARG C 223 -35.55 25.48 -38.02
C ARG C 223 -36.99 25.00 -38.20
N GLU C 224 -37.28 24.36 -39.33
CA GLU C 224 -38.62 23.84 -39.57
C GLU C 224 -38.98 22.79 -38.54
N TYR C 225 -37.95 22.08 -38.05
CA TYR C 225 -38.16 21.08 -37.01
C TYR C 225 -38.28 21.70 -35.62
N LEU C 226 -37.39 22.63 -35.29
CA LEU C 226 -37.27 23.15 -33.92
C LEU C 226 -38.28 24.23 -33.55
N ARG C 227 -38.64 25.08 -34.51
CA ARG C 227 -39.48 26.23 -34.17
C ARG C 227 -40.85 25.81 -33.62
N PRO C 228 -41.49 24.78 -34.22
CA PRO C 228 -42.79 24.47 -33.63
C PRO C 228 -42.68 23.98 -32.19
N VAL C 229 -41.56 23.32 -31.84
CA VAL C 229 -41.36 22.88 -30.47
C VAL C 229 -41.14 24.09 -29.56
N ILE C 230 -40.36 25.06 -30.02
CA ILE C 230 -40.06 26.23 -29.21
C ILE C 230 -41.37 26.98 -28.94
N GLU C 231 -42.21 27.09 -29.98
CA GLU C 231 -43.46 27.82 -29.86
C GLU C 231 -44.49 27.08 -28.98
N ALA C 232 -44.49 25.76 -29.04
CA ALA C 232 -45.30 24.97 -28.11
C ALA C 232 -44.88 25.23 -26.65
N ARG C 233 -43.56 25.37 -26.43
CA ARG C 233 -43.00 25.51 -25.09
C ARG C 233 -43.21 26.92 -24.53
N ARG C 234 -43.36 27.89 -25.43
CA ARG C 234 -43.80 29.22 -25.03
C ARG C 234 -45.19 29.24 -24.45
N ILE C 235 -46.02 28.35 -24.97
CA ILE C 235 -47.41 28.17 -24.55
C ILE C 235 -47.52 27.25 -23.33
N LYS C 236 -46.74 26.18 -23.31
CA LYS C 236 -46.77 25.20 -22.23
C LYS C 236 -45.35 24.83 -21.84
N PRO C 237 -44.71 25.64 -20.98
CA PRO C 237 -43.32 25.36 -20.60
C PRO C 237 -43.19 24.12 -19.73
N GLY C 238 -42.10 23.39 -19.92
CA GLY C 238 -41.75 22.23 -19.12
C GLY C 238 -40.44 22.52 -18.40
N GLU C 239 -39.65 21.47 -18.14
CA GLU C 239 -38.41 21.64 -17.38
C GLU C 239 -37.16 21.46 -18.24
N ASP C 240 -37.38 21.12 -19.51
CA ASP C 240 -36.33 20.83 -20.48
C ASP C 240 -35.49 22.06 -20.75
N MET C 241 -34.40 21.90 -21.49
CA MET C 241 -33.51 23.01 -21.77
C MET C 241 -34.11 24.12 -22.66
N ILE C 242 -34.95 23.75 -23.62
CA ILE C 242 -35.65 24.76 -24.43
C ILE C 242 -36.57 25.62 -23.57
N SER C 243 -37.36 24.98 -22.71
CA SER C 243 -38.23 25.70 -21.77
C SER C 243 -37.41 26.64 -20.87
N ARG C 244 -36.26 26.16 -20.41
CA ARG C 244 -35.43 26.96 -19.51
C ARG C 244 -34.87 28.17 -20.21
N MET C 245 -34.46 28.00 -21.46
CA MET C 245 -33.88 29.09 -22.21
C MET C 245 -34.93 30.12 -22.61
N ILE C 246 -36.16 29.64 -22.81
CA ILE C 246 -37.32 30.49 -23.12
C ILE C 246 -37.66 31.42 -21.97
N ASN C 247 -37.68 30.86 -20.76
CA ASN C 247 -37.88 31.67 -19.57
C ASN C 247 -36.59 32.35 -19.17
N GLY C 248 -35.53 32.10 -19.93
CA GLY C 248 -34.25 32.73 -19.66
C GLY C 248 -34.12 34.08 -20.31
N GLU C 249 -33.35 34.99 -19.73
CA GLU C 249 -33.15 36.27 -20.41
C GLU C 249 -31.69 36.53 -20.81
N VAL C 250 -31.52 37.36 -21.85
CA VAL C 250 -30.20 37.91 -22.19
C VAL C 250 -30.33 39.42 -22.40
N GLY C 251 -29.48 40.19 -21.72
CA GLY C 251 -29.57 41.65 -21.80
C GLY C 251 -30.91 42.19 -21.32
N GLY C 252 -31.64 41.37 -20.57
CA GLY C 252 -32.93 41.77 -20.03
C GLY C 252 -34.11 41.53 -20.95
N ARG C 253 -33.84 40.99 -22.14
CA ARG C 253 -34.89 40.66 -23.12
C ARG C 253 -34.94 39.15 -23.34
N PRO C 254 -36.13 38.64 -23.70
CA PRO C 254 -36.23 37.21 -24.02
C PRO C 254 -35.40 36.82 -25.26
N LEU C 255 -35.00 35.56 -25.33
CA LEU C 255 -34.41 35.03 -26.55
C LEU C 255 -35.42 35.05 -27.69
N THR C 256 -34.97 35.33 -28.91
CA THR C 256 -35.83 35.18 -30.07
C THR C 256 -35.86 33.72 -30.47
N ASP C 257 -36.85 33.31 -31.27
CA ASP C 257 -36.85 31.96 -31.85
C ASP C 257 -35.55 31.62 -32.58
N ILE C 258 -35.12 32.53 -33.45
CA ILE C 258 -33.83 32.39 -34.14
C ILE C 258 -32.69 32.06 -33.16
N GLU C 259 -32.56 32.85 -32.11
CA GLU C 259 -31.48 32.65 -31.14
C GLU C 259 -31.59 31.29 -30.45
N ALA C 260 -32.79 30.91 -30.05
CA ALA C 260 -32.97 29.60 -29.42
C ALA C 260 -32.70 28.47 -30.41
N GLU C 261 -33.09 28.64 -31.69
CA GLU C 261 -32.80 27.62 -32.70
C GLU C 261 -31.31 27.44 -32.92
N ASN C 262 -30.59 28.54 -33.07
CA ASN C 262 -29.14 28.54 -33.24
C ASN C 262 -28.44 27.77 -32.11
N ILE C 263 -28.85 28.07 -30.89
CA ILE C 263 -28.29 27.42 -29.70
C ILE C 263 -28.58 25.91 -29.67
N CYS C 264 -29.82 25.52 -29.99
CA CYS C 264 -30.13 24.09 -30.08
C CYS C 264 -29.22 23.38 -31.05
N ILE C 265 -29.07 23.99 -32.24
CA ILE C 265 -28.20 23.40 -33.29
C ILE C 265 -26.77 23.31 -32.77
N GLN C 266 -26.33 24.40 -32.14
CA GLN C 266 -24.93 24.49 -31.72
C GLN C 266 -24.61 23.50 -30.60
N VAL C 267 -25.55 23.31 -29.67
CA VAL C 267 -25.44 22.35 -28.58
C VAL C 267 -25.42 20.94 -29.14
N LEU C 268 -26.35 20.65 -30.05
CA LEU C 268 -26.39 19.36 -30.74
C LEU C 268 -25.07 19.02 -31.44
N VAL C 269 -24.61 19.84 -32.37
CA VAL C 269 -23.39 19.45 -33.08
C VAL C 269 -22.14 19.52 -32.22
N GLY C 270 -22.16 20.40 -31.22
CA GLY C 270 -21.00 20.64 -30.38
C GLY C 270 -20.69 19.47 -29.47
N GLY C 271 -21.72 18.70 -29.14
CA GLY C 271 -21.55 17.51 -28.33
C GLY C 271 -21.54 16.19 -29.09
N LEU C 272 -21.48 16.27 -30.43
CA LEU C 272 -21.52 15.06 -31.27
C LEU C 272 -20.12 14.49 -31.61
N ASP C 273 -19.47 15.03 -32.63
CA ASP C 273 -18.15 14.52 -33.06
C ASP C 273 -17.11 14.56 -31.95
N THR C 274 -17.13 15.62 -31.15
CA THR C 274 -16.29 15.72 -29.97
C THR C 274 -16.43 14.48 -29.05
N VAL C 275 -17.64 14.17 -28.62
CA VAL C 275 -17.83 13.01 -27.71
C VAL C 275 -17.52 11.69 -28.40
N VAL C 276 -18.04 11.50 -29.60
CA VAL C 276 -17.77 10.30 -30.38
C VAL C 276 -16.25 10.04 -30.52
N ASN C 277 -15.53 11.06 -30.99
CA ASN C 277 -14.09 10.97 -31.22
C ASN C 277 -13.30 10.79 -29.90
N MET C 278 -13.73 11.46 -28.83
CA MET C 278 -13.03 11.28 -27.55
C MET C 278 -13.18 9.85 -27.06
N LEU C 279 -14.39 9.33 -27.18
CA LEU C 279 -14.66 7.93 -26.85
C LEU C 279 -13.81 6.99 -27.69
N GLY C 280 -13.61 7.35 -28.96
CA GLY C 280 -12.77 6.59 -29.87
C GLY C 280 -11.34 6.53 -29.38
N PHE C 281 -10.76 7.67 -29.02
CA PHE C 281 -9.40 7.69 -28.51
C PHE C 281 -9.31 6.90 -27.20
N THR C 282 -10.30 7.08 -26.34
CA THR C 282 -10.31 6.42 -25.04
C THR C 282 -10.29 4.89 -25.16
N PHE C 283 -11.21 4.34 -25.94
CA PHE C 283 -11.31 2.89 -25.98
C PHE C 283 -10.28 2.24 -26.87
N SER C 284 -9.81 2.92 -27.91
CA SER C 284 -8.72 2.34 -28.68
C SER C 284 -7.45 2.33 -27.82
N HIS C 285 -7.30 3.33 -26.97
CA HIS C 285 -6.14 3.34 -26.07
C HIS C 285 -6.25 2.23 -25.03
N LEU C 286 -7.42 2.12 -24.43
CA LEU C 286 -7.66 1.01 -23.50
C LEU C 286 -7.39 -0.33 -24.15
N ALA C 287 -7.81 -0.47 -25.39
CA ALA C 287 -7.57 -1.71 -26.16
C ALA C 287 -6.07 -2.03 -26.28
N LYS C 288 -5.23 -1.00 -26.35
CA LYS C 288 -3.78 -1.20 -26.50
C LYS C 288 -3.02 -1.23 -25.17
N ASP C 289 -3.51 -0.49 -24.20
CA ASP C 289 -2.78 -0.29 -22.96
C ASP C 289 -3.30 -1.34 -21.98
N HIS C 290 -2.76 -2.56 -22.06
CA HIS C 290 -3.40 -3.64 -21.30
C HIS C 290 -3.21 -3.44 -19.79
N ALA C 291 -2.10 -2.83 -19.39
CA ALA C 291 -1.84 -2.58 -17.97
C ALA C 291 -2.88 -1.64 -17.40
N LEU C 292 -3.21 -0.58 -18.14
CA LEU C 292 -4.30 0.31 -17.74
C LEU C 292 -5.64 -0.42 -17.68
N ARG C 293 -5.99 -1.07 -18.78
CA ARG C 293 -7.27 -1.77 -18.91
C ARG C 293 -7.47 -2.77 -17.76
N ARG C 294 -6.45 -3.55 -17.44
CA ARG C 294 -6.66 -4.56 -16.40
C ARG C 294 -6.71 -3.95 -15.00
N ALA C 295 -6.02 -2.84 -14.79
CA ALA C 295 -6.07 -2.14 -13.52
C ALA C 295 -7.50 -1.62 -13.27
N ILE C 296 -8.10 -1.00 -14.28
CA ILE C 296 -9.45 -0.47 -14.12
C ILE C 296 -10.49 -1.59 -13.96
N ALA C 297 -10.28 -2.71 -14.67
CA ALA C 297 -11.23 -3.83 -14.59
C ALA C 297 -11.25 -4.38 -13.19
N ALA C 298 -10.05 -4.57 -12.63
CA ALA C 298 -9.89 -5.10 -11.28
C ALA C 298 -10.17 -4.08 -10.19
N ASP C 299 -10.32 -2.81 -10.57
CA ASP C 299 -10.54 -1.73 -9.60
C ASP C 299 -11.26 -0.53 -10.22
N PRO C 300 -12.60 -0.61 -10.30
CA PRO C 300 -13.42 0.44 -10.91
C PRO C 300 -13.30 1.79 -10.21
N SER C 301 -12.75 1.82 -9.00
CA SER C 301 -12.60 3.10 -8.28
C SER C 301 -11.54 3.97 -8.96
N LEU C 302 -10.79 3.38 -9.88
CA LEU C 302 -9.76 4.09 -10.63
C LEU C 302 -10.34 4.95 -11.76
N ILE C 303 -11.63 4.80 -12.04
CA ILE C 303 -12.23 5.40 -13.23
C ILE C 303 -12.25 6.94 -13.18
N ASP C 304 -12.57 7.49 -12.02
CA ASP C 304 -12.63 8.94 -11.84
C ASP C 304 -11.31 9.66 -12.16
N ASP C 305 -10.19 9.09 -11.72
CA ASP C 305 -8.87 9.63 -12.04
C ASP C 305 -8.43 9.27 -13.46
N ALA C 306 -8.78 8.07 -13.92
CA ALA C 306 -8.47 7.68 -15.30
C ALA C 306 -9.15 8.66 -16.25
N LEU C 307 -10.38 9.00 -15.93
CA LEU C 307 -11.18 9.95 -16.70
C LEU C 307 -10.44 11.26 -16.93
N LEU C 308 -9.89 11.81 -15.87
CA LEU C 308 -9.20 13.09 -15.95
C LEU C 308 -7.98 13.01 -16.86
N GLU C 309 -7.29 11.87 -16.81
CA GLU C 309 -6.09 11.64 -17.60
C GLU C 309 -6.46 11.44 -19.06
N PHE C 310 -7.63 10.84 -19.32
CA PHE C 310 -8.07 10.67 -20.71
C PHE C 310 -8.32 12.04 -21.37
N PHE C 311 -8.89 12.98 -20.65
CA PHE C 311 -9.19 14.30 -21.24
C PHE C 311 -7.91 15.13 -21.43
N ARG C 312 -6.90 14.90 -20.58
CA ARG C 312 -5.60 15.54 -20.77
C ARG C 312 -4.82 14.93 -21.94
N ARG C 313 -4.87 13.62 -22.06
CA ARG C 313 -3.99 12.90 -22.97
C ARG C 313 -4.46 12.97 -24.42
N PHE C 314 -5.77 13.16 -24.62
CA PHE C 314 -6.33 13.11 -25.97
C PHE C 314 -7.13 14.35 -26.39
N PRO C 315 -6.48 15.54 -26.44
CA PRO C 315 -7.19 16.73 -26.93
C PRO C 315 -7.54 16.55 -28.41
N VAL C 316 -8.71 16.99 -28.88
CA VAL C 316 -9.10 16.67 -30.26
C VAL C 316 -9.48 17.90 -31.10
N VAL C 317 -9.80 18.99 -30.43
CA VAL C 317 -10.37 20.16 -31.13
C VAL C 317 -9.29 21.15 -31.59
N SER C 318 -9.40 21.56 -32.85
CA SER C 318 -8.62 22.67 -33.40
C SER C 318 -9.54 23.83 -33.82
N SER C 319 -9.67 24.81 -32.93
CA SER C 319 -10.46 26.01 -33.23
C SER C 319 -9.51 27.03 -33.84
N ALA C 320 -10.04 28.08 -34.46
CA ALA C 320 -9.19 29.15 -34.98
C ALA C 320 -9.83 30.49 -34.67
N ARG C 321 -9.16 31.60 -35.00
CA ARG C 321 -9.66 32.93 -34.70
C ARG C 321 -9.39 33.88 -35.88
N GLU C 322 -10.14 34.98 -35.94
CA GLU C 322 -9.97 35.98 -37.00
C GLU C 322 -9.29 37.23 -36.43
N VAL C 323 -8.29 37.72 -37.16
CA VAL C 323 -7.67 38.99 -36.80
C VAL C 323 -8.55 40.11 -37.35
N LEU C 324 -9.01 41.00 -36.47
CA LEU C 324 -9.95 42.03 -36.89
C LEU C 324 -9.23 43.31 -37.30
N ARG C 325 -8.10 43.59 -36.64
CA ARG C 325 -7.31 44.80 -36.94
C ARG C 325 -5.84 44.47 -37.11
N ASP C 326 -5.14 45.23 -37.95
CA ASP C 326 -3.70 45.10 -38.12
C ASP C 326 -2.99 45.13 -36.78
N GLN C 327 -2.12 44.16 -36.54
CA GLN C 327 -1.41 44.08 -35.26
C GLN C 327 -0.08 43.33 -35.36
N GLU C 328 0.85 43.71 -34.50
CA GLU C 328 2.13 43.02 -34.43
C GLU C 328 2.00 41.86 -33.45
N PHE C 329 2.47 40.69 -33.87
CA PHE C 329 2.36 39.50 -33.04
C PHE C 329 3.45 38.49 -33.39
N GLU C 330 4.11 37.97 -32.37
CA GLU C 330 5.08 36.88 -32.55
C GLU C 330 6.18 37.21 -33.56
N GLY C 331 6.50 38.49 -33.71
CA GLY C 331 7.56 38.91 -34.60
C GLY C 331 7.11 39.14 -36.03
N VAL C 332 5.82 38.98 -36.27
CA VAL C 332 5.27 39.26 -37.60
C VAL C 332 4.12 40.23 -37.53
N LEU C 333 3.58 40.57 -38.70
CA LEU C 333 2.47 41.51 -38.81
C LEU C 333 1.22 40.76 -39.26
N LEU C 334 0.19 40.78 -38.41
CA LEU C 334 -1.07 40.15 -38.73
C LEU C 334 -2.03 41.18 -39.34
N LYS C 335 -2.33 41.03 -40.62
CA LYS C 335 -3.25 41.92 -41.29
C LYS C 335 -4.67 41.63 -40.82
N ALA C 336 -5.54 42.63 -40.92
CA ALA C 336 -6.96 42.42 -40.68
C ALA C 336 -7.44 41.37 -41.67
N GLY C 337 -8.24 40.41 -41.18
CA GLY C 337 -8.75 39.36 -42.04
C GLY C 337 -7.92 38.09 -42.04
N ASP C 338 -6.75 38.13 -41.41
CA ASP C 338 -5.92 36.95 -41.26
C ASP C 338 -6.60 35.94 -40.33
N MET C 339 -6.36 34.65 -40.57
CA MET C 339 -6.84 33.62 -39.65
C MET C 339 -5.67 33.02 -38.88
N VAL C 340 -5.88 32.70 -37.60
CA VAL C 340 -4.89 31.94 -36.86
C VAL C 340 -5.55 30.72 -36.22
N MET C 341 -5.05 29.54 -36.55
CA MET C 341 -5.44 28.30 -35.87
C MET C 341 -4.69 28.13 -34.57
N ALA C 342 -5.41 27.69 -33.55
CA ALA C 342 -4.89 27.62 -32.19
C ALA C 342 -5.33 26.33 -31.54
N PRO C 343 -4.68 25.21 -31.91
CA PRO C 343 -5.25 23.92 -31.50
C PRO C 343 -5.06 23.57 -30.04
N THR C 344 -6.13 23.06 -29.45
CA THR C 344 -6.04 22.51 -28.12
C THR C 344 -4.96 21.44 -28.06
N VAL C 345 -4.70 20.81 -29.20
CA VAL C 345 -3.72 19.72 -29.26
C VAL C 345 -2.35 20.18 -28.81
N VAL C 346 -1.99 21.41 -29.19
CA VAL C 346 -0.66 21.93 -28.97
C VAL C 346 -0.42 22.33 -27.52
N VAL C 347 -1.50 22.51 -26.77
CA VAL C 347 -1.36 22.90 -25.37
C VAL C 347 -0.85 21.73 -24.51
N ALA C 348 -1.62 20.66 -24.41
CA ALA C 348 -1.25 19.54 -23.57
C ALA C 348 -0.03 18.80 -24.09
N MET C 349 0.21 18.84 -25.40
CA MET C 349 1.29 18.05 -25.98
C MET C 349 2.64 18.76 -25.96
N ASP C 350 2.67 19.95 -25.37
CA ASP C 350 3.87 20.77 -25.33
C ASP C 350 4.74 20.31 -24.16
N ASP C 351 5.89 19.70 -24.44
CA ASP C 351 6.69 19.23 -23.31
C ASP C 351 7.64 20.31 -22.79
N ALA C 352 7.51 21.52 -23.32
CA ALA C 352 8.13 22.70 -22.71
C ALA C 352 7.30 23.18 -21.51
N ARG C 353 6.09 22.64 -21.38
CA ARG C 353 5.18 22.98 -20.29
C ARG C 353 4.55 21.74 -19.64
N ASN C 354 4.88 20.56 -20.15
CA ASN C 354 4.26 19.34 -19.67
C ASN C 354 5.22 18.14 -19.65
N GLU C 355 5.15 17.33 -18.60
CA GLU C 355 6.07 16.20 -18.44
C GLU C 355 5.54 14.94 -19.14
N ASP C 356 6.35 14.39 -20.05
CA ASP C 356 6.02 13.15 -20.78
C ASP C 356 4.52 13.08 -21.12
N PRO C 357 4.04 14.06 -21.91
CA PRO C 357 2.59 14.22 -22.10
C PRO C 357 1.95 13.08 -22.88
N LEU C 358 2.76 12.27 -23.57
CA LEU C 358 2.27 11.12 -24.30
C LEU C 358 2.03 9.95 -23.38
N GLU C 359 2.58 10.04 -22.18
CA GLU C 359 2.41 8.98 -21.20
C GLU C 359 1.02 9.02 -20.61
N PHE C 360 0.40 7.86 -20.44
CA PHE C 360 -0.86 7.78 -19.68
C PHE C 360 -0.53 7.37 -18.27
N ARG C 361 -0.76 8.28 -17.33
CA ARG C 361 -0.43 8.03 -15.93
C ARG C 361 -1.60 8.30 -15.00
N LEU C 362 -2.03 7.28 -14.27
CA LEU C 362 -2.87 7.51 -13.11
C LEU C 362 -2.01 8.09 -12.01
N GLY C 363 -2.59 8.95 -11.19
CA GLY C 363 -1.85 9.54 -10.09
C GLY C 363 -1.01 10.72 -10.54
N ARG C 364 -1.23 11.16 -11.77
CA ARG C 364 -0.53 12.34 -12.28
C ARG C 364 -0.88 13.55 -11.43
N LYS C 365 0.11 14.41 -11.21
CA LYS C 365 -0.05 15.62 -10.43
C LYS C 365 -0.09 16.83 -11.37
N ALA C 366 -0.97 17.78 -11.07
CA ALA C 366 -1.10 19.01 -11.86
C ALA C 366 -1.22 18.74 -13.37
N ARG C 367 -2.34 18.14 -13.76
CA ARG C 367 -2.54 17.76 -15.16
C ARG C 367 -2.54 19.01 -16.07
N GLN C 368 -3.49 19.91 -15.85
CA GLN C 368 -3.56 21.18 -16.60
C GLN C 368 -3.60 21.00 -18.12
N HIS C 369 -4.70 21.39 -18.75
CA HIS C 369 -4.86 21.20 -20.18
C HIS C 369 -5.94 22.13 -20.68
N SER C 370 -6.06 22.26 -21.99
CA SER C 370 -7.14 23.07 -22.56
CA SER C 370 -7.14 23.07 -22.58
C SER C 370 -7.96 22.24 -23.54
N THR C 371 -8.25 21.00 -23.19
CA THR C 371 -9.05 20.15 -24.06
C THR C 371 -10.43 20.79 -24.29
N PHE C 372 -10.87 21.60 -23.34
CA PHE C 372 -12.18 22.25 -23.48
C PHE C 372 -12.03 23.75 -23.77
N GLY C 373 -10.83 24.16 -24.17
CA GLY C 373 -10.63 25.52 -24.63
C GLY C 373 -10.26 26.41 -23.48
N LYS C 374 -10.18 27.72 -23.74
CA LYS C 374 -9.87 28.67 -22.70
C LYS C 374 -10.52 30.00 -23.05
N GLY C 375 -10.91 30.75 -22.04
CA GLY C 375 -11.52 32.05 -22.28
C GLY C 375 -13.03 31.95 -22.32
N SER C 376 -13.66 32.95 -22.92
CA SER C 376 -15.11 33.09 -22.87
C SER C 376 -15.86 31.91 -23.49
N HIS C 377 -15.25 31.27 -24.49
CA HIS C 377 -15.90 30.20 -25.24
C HIS C 377 -15.52 28.82 -24.73
N THR C 378 -14.98 28.77 -23.51
CA THR C 378 -14.72 27.51 -22.82
C THR C 378 -15.96 26.62 -22.87
N CYS C 379 -15.76 25.35 -23.19
CA CYS C 379 -16.87 24.44 -23.43
C CYS C 379 -17.86 24.40 -22.28
N PRO C 380 -19.14 24.72 -22.56
CA PRO C 380 -20.20 24.60 -21.55
C PRO C 380 -20.69 23.15 -21.39
N GLY C 381 -20.32 22.28 -22.31
CA GLY C 381 -20.75 20.89 -22.24
C GLY C 381 -19.69 20.00 -21.63
N ALA C 382 -18.74 20.61 -20.93
CA ALA C 382 -17.63 19.88 -20.32
C ALA C 382 -18.13 18.96 -19.20
N HIS C 383 -19.12 19.41 -18.44
CA HIS C 383 -19.73 18.62 -17.38
CA HIS C 383 -19.67 18.59 -17.38
C HIS C 383 -20.42 17.38 -17.95
N LEU C 384 -21.20 17.60 -19.00
CA LEU C 384 -21.88 16.50 -19.66
C LEU C 384 -20.89 15.52 -20.27
N ALA C 385 -19.85 16.05 -20.91
CA ALA C 385 -18.75 15.22 -21.44
C ALA C 385 -18.14 14.26 -20.41
N ARG C 386 -17.79 14.79 -19.25
CA ARG C 386 -17.19 13.97 -18.18
C ARG C 386 -18.20 12.97 -17.57
N MET C 387 -19.44 13.41 -17.41
CA MET C 387 -20.51 12.49 -16.97
C MET C 387 -20.68 11.31 -17.92
N GLU C 388 -20.65 11.58 -19.22
CA GLU C 388 -20.79 10.51 -20.21
C GLU C 388 -19.64 9.54 -20.17
N MET C 389 -18.41 10.06 -20.13
CA MET C 389 -17.22 9.22 -20.06
C MET C 389 -17.23 8.30 -18.84
N LYS C 390 -17.68 8.85 -17.71
CA LYS C 390 -17.78 8.15 -16.46
C LYS C 390 -18.75 6.96 -16.53
N VAL C 391 -19.93 7.20 -17.06
CA VAL C 391 -20.95 6.15 -17.14
C VAL C 391 -20.51 5.08 -18.13
N VAL C 392 -20.01 5.53 -19.28
CA VAL C 392 -19.56 4.59 -20.30
C VAL C 392 -18.47 3.68 -19.74
N LEU C 393 -17.46 4.25 -19.08
CA LEU C 393 -16.37 3.43 -18.55
C LEU C 393 -16.89 2.44 -17.50
N ARG C 394 -17.76 2.89 -16.60
CA ARG C 394 -18.26 2.03 -15.53
C ARG C 394 -19.05 0.87 -16.10
N GLU C 395 -19.99 1.19 -17.00
CA GLU C 395 -20.83 0.13 -17.57
C GLU C 395 -20.05 -0.79 -18.51
N TRP C 396 -19.14 -0.23 -19.30
CA TRP C 396 -18.36 -1.07 -20.18
C TRP C 396 -17.52 -2.05 -19.34
N PHE C 397 -16.81 -1.56 -18.31
CA PHE C 397 -15.92 -2.44 -17.55
C PHE C 397 -16.71 -3.45 -16.69
N ALA C 398 -17.95 -3.13 -16.33
CA ALA C 398 -18.78 -4.10 -15.62
C ALA C 398 -19.10 -5.31 -16.51
N ARG C 399 -19.16 -5.10 -17.82
CA ARG C 399 -19.69 -6.10 -18.74
C ARG C 399 -18.66 -6.73 -19.69
N ILE C 400 -17.72 -5.91 -20.16
CA ILE C 400 -16.62 -6.36 -21.01
C ILE C 400 -15.29 -5.87 -20.41
N PRO C 401 -14.80 -6.57 -19.36
CA PRO C 401 -13.60 -6.15 -18.64
C PRO C 401 -12.33 -6.30 -19.47
N GLU C 402 -12.32 -7.29 -20.36
CA GLU C 402 -11.13 -7.60 -21.13
C GLU C 402 -11.43 -7.63 -22.64
N PHE C 403 -10.64 -6.88 -23.38
CA PHE C 403 -10.90 -6.67 -24.80
C PHE C 403 -9.65 -6.10 -25.48
N ARG C 404 -9.60 -6.18 -26.80
CA ARG C 404 -8.50 -5.55 -27.53
C ARG C 404 -8.89 -5.20 -28.96
N ILE C 405 -8.01 -4.53 -29.71
CA ILE C 405 -8.32 -4.29 -31.11
C ILE C 405 -8.35 -5.63 -31.78
N GLU C 406 -9.32 -5.87 -32.65
CA GLU C 406 -9.34 -7.15 -33.33
C GLU C 406 -8.03 -7.37 -34.10
N ASP C 407 -7.48 -8.55 -33.89
CA ASP C 407 -6.24 -9.02 -34.47
C ASP C 407 -5.08 -8.13 -34.08
N ASP C 408 -5.27 -7.44 -32.96
CA ASP C 408 -4.34 -6.41 -32.49
C ASP C 408 -3.88 -5.51 -33.62
N ALA C 409 -4.80 -5.13 -34.50
CA ALA C 409 -4.49 -4.25 -35.64
C ALA C 409 -3.96 -2.86 -35.23
N PRO C 410 -3.18 -2.23 -36.12
CA PRO C 410 -2.69 -0.91 -35.81
C PRO C 410 -3.84 0.12 -35.85
N LEU C 411 -3.72 1.23 -35.14
CA LEU C 411 -4.70 2.32 -35.21
C LEU C 411 -4.33 3.28 -36.33
N ARG C 412 -5.32 3.81 -37.04
CA ARG C 412 -5.09 4.88 -38.02
C ARG C 412 -5.88 6.11 -37.57
N TYR C 413 -5.47 7.29 -38.02
CA TYR C 413 -6.10 8.51 -37.51
C TYR C 413 -6.40 9.55 -38.59
N SER C 414 -7.43 10.37 -38.35
CA SER C 414 -7.74 11.49 -39.23
C SER C 414 -7.61 12.80 -38.48
N ASN C 415 -7.27 13.85 -39.20
CA ASN C 415 -7.28 15.20 -38.65
C ASN C 415 -8.53 15.93 -39.08
N GLY C 416 -8.84 17.02 -38.38
CA GLY C 416 -9.99 17.83 -38.74
C GLY C 416 -10.27 18.82 -37.64
N ILE C 417 -11.43 19.47 -37.71
CA ILE C 417 -11.85 20.33 -36.61
C ILE C 417 -11.84 19.49 -35.34
N VAL C 418 -12.26 18.24 -35.50
CA VAL C 418 -12.21 17.30 -34.40
C VAL C 418 -11.43 16.07 -34.86
N GLY C 419 -10.23 15.91 -34.31
CA GLY C 419 -9.38 14.78 -34.63
C GLY C 419 -10.05 13.47 -34.27
N SER C 420 -9.61 12.36 -34.87
CA SER C 420 -10.25 11.08 -34.59
C SER C 420 -9.38 9.87 -34.88
N VAL C 421 -9.70 8.77 -34.21
CA VAL C 421 -9.21 7.46 -34.59
C VAL C 421 -10.18 6.91 -35.63
N LYS C 422 -9.66 6.48 -36.77
CA LYS C 422 -10.51 5.86 -37.78
C LYS C 422 -11.17 4.61 -37.18
N PRO C 423 -12.41 4.29 -37.62
CA PRO C 423 -13.22 3.25 -36.96
C PRO C 423 -12.47 1.94 -36.79
N PHE C 424 -12.63 1.34 -35.61
CA PHE C 424 -11.85 0.17 -35.25
C PHE C 424 -12.77 -0.89 -34.65
N VAL C 425 -12.31 -2.13 -34.72
CA VAL C 425 -13.06 -3.26 -34.19
C VAL C 425 -12.48 -3.73 -32.85
N LEU C 426 -13.36 -3.90 -31.86
CA LEU C 426 -12.97 -4.44 -30.58
C LEU C 426 -13.39 -5.91 -30.53
N GLU C 427 -12.62 -6.71 -29.81
CA GLU C 427 -12.96 -8.13 -29.64
C GLU C 427 -12.78 -8.51 -28.19
N TRP C 428 -13.54 -9.54 -27.79
CA TRP C 428 -13.51 -10.07 -26.42
C TRP C 428 -14.06 -11.49 -26.39
N PRO C 429 -13.74 -12.26 -25.34
CA PRO C 429 -14.44 -13.55 -25.12
C PRO C 429 -15.81 -13.33 -24.39
N VAL C 430 -16.91 -14.08 -24.56
CA VAL C 430 -17.23 -15.05 -25.59
C VAL C 430 -18.28 -14.51 -26.54
N GLU D 34 21.23 2.46 16.67
CA GLU D 34 21.48 1.08 17.08
C GLU D 34 20.49 0.10 16.46
N ARG D 35 19.64 0.59 15.58
CA ARG D 35 18.74 -0.27 14.82
C ARG D 35 19.35 -0.51 13.45
N PRO D 36 20.00 -1.67 13.28
CA PRO D 36 20.80 -1.97 12.09
C PRO D 36 20.02 -1.93 10.79
N ASP D 37 20.74 -1.98 9.67
CA ASP D 37 20.17 -1.84 8.34
C ASP D 37 19.12 -2.91 8.01
N ASN D 38 19.21 -4.07 8.65
CA ASN D 38 18.33 -5.18 8.28
C ASN D 38 17.08 -5.26 9.16
N VAL D 39 16.92 -4.32 10.08
CA VAL D 39 15.73 -4.35 10.95
C VAL D 39 14.74 -3.23 10.58
N PRO D 40 13.58 -3.61 10.05
CA PRO D 40 12.51 -2.67 9.72
C PRO D 40 11.93 -2.01 10.97
N ALA D 41 11.51 -0.76 10.88
CA ALA D 41 10.90 -0.09 12.02
C ALA D 41 9.61 -0.78 12.43
N ASP D 42 9.10 -1.64 11.54
CA ASP D 42 7.86 -2.38 11.76
C ASP D 42 7.99 -3.44 12.85
N ARG D 43 9.22 -3.91 13.09
CA ARG D 43 9.42 -5.02 14.00
C ARG D 43 10.20 -4.62 15.26
N VAL D 44 10.29 -3.32 15.53
CA VAL D 44 10.92 -2.85 16.76
C VAL D 44 9.91 -2.85 17.91
N PHE D 45 10.33 -3.35 19.07
CA PHE D 45 9.47 -3.35 20.24
C PHE D 45 10.34 -3.34 21.49
N ASP D 46 9.79 -2.88 22.61
CA ASP D 46 10.55 -2.74 23.85
C ASP D 46 10.58 -4.05 24.64
N PHE D 47 11.57 -4.88 24.37
CA PHE D 47 11.70 -6.15 25.09
C PHE D 47 13.01 -6.23 25.86
N ASP D 48 12.89 -6.39 27.17
CA ASP D 48 14.05 -6.62 28.02
C ASP D 48 13.84 -7.96 28.72
N ILE D 49 14.57 -8.99 28.29
CA ILE D 49 14.40 -10.33 28.86
C ILE D 49 14.76 -10.37 30.36
N TYR D 50 15.48 -9.36 30.84
CA TYR D 50 15.88 -9.33 32.25
C TYR D 50 15.04 -8.39 33.11
N ARG D 51 13.96 -7.87 32.54
CA ARG D 51 13.13 -6.90 33.24
C ARG D 51 12.00 -7.57 34.03
N ASP D 52 11.71 -7.06 35.22
CA ASP D 52 10.63 -7.59 36.05
C ASP D 52 9.28 -7.56 35.34
N VAL D 53 8.41 -8.51 35.70
CA VAL D 53 7.01 -8.48 35.29
C VAL D 53 6.32 -7.33 36.01
N PRO D 54 5.62 -6.47 35.25
CA PRO D 54 4.93 -5.33 35.84
C PRO D 54 3.89 -5.75 36.88
N GLY D 56 1.70 -6.51 39.29
CA GLY D 56 0.38 -7.03 39.56
C GLY D 56 -0.14 -7.96 38.50
N LEU D 57 0.72 -8.41 37.60
CA LEU D 57 0.23 -9.35 36.60
C LEU D 57 1.07 -10.64 36.65
N ASP D 58 0.44 -11.74 36.29
CA ASP D 58 1.03 -13.08 36.37
C ASP D 58 2.06 -13.24 35.26
N PHE D 59 3.16 -13.93 35.57
CA PHE D 59 4.27 -14.12 34.64
C PHE D 59 3.79 -14.56 33.27
N HIS D 60 3.02 -15.64 33.23
CA HIS D 60 2.70 -16.29 31.96
C HIS D 60 1.61 -15.53 31.20
N GLN D 61 0.70 -14.88 31.90
CA GLN D 61 -0.27 -14.02 31.22
CA GLN D 61 -0.27 -14.04 31.21
C GLN D 61 0.44 -12.85 30.57
N SER D 62 1.44 -12.32 31.27
CA SER D 62 2.22 -11.20 30.76
C SER D 62 2.91 -11.57 29.46
N TRP D 63 3.47 -12.78 29.38
CA TRP D 63 4.11 -13.22 28.15
C TRP D 63 3.10 -13.39 27.00
N ARG D 64 1.94 -13.98 27.33
CA ARG D 64 0.86 -14.17 26.36
C ARG D 64 0.47 -12.86 25.70
N GLU D 65 0.38 -11.80 26.50
CA GLU D 65 -0.10 -10.52 26.00
C GLU D 65 0.96 -9.86 25.12
N ILE D 66 2.22 -10.16 25.42
CA ILE D 66 3.32 -9.70 24.56
C ILE D 66 3.14 -10.32 23.18
N MET D 67 2.90 -11.63 23.17
CA MET D 67 2.67 -12.38 21.94
C MET D 67 1.43 -11.90 21.19
N ARG D 68 0.42 -11.47 21.95
CA ARG D 68 -0.86 -11.03 21.37
C ARG D 68 -0.69 -9.81 20.46
N PRO D 71 2.02 -8.26 16.28
CA PRO D 71 2.08 -7.75 14.90
C PRO D 71 2.73 -8.75 13.96
N HIS D 72 3.98 -9.11 14.25
CA HIS D 72 4.69 -10.14 13.50
C HIS D 72 5.24 -11.20 14.45
N PRO D 73 5.26 -12.47 14.00
CA PRO D 73 5.82 -13.61 14.75
C PRO D 73 7.27 -13.40 15.19
N LEU D 74 8.06 -12.77 14.32
CA LEU D 74 9.44 -12.42 14.65
C LEU D 74 9.59 -10.92 14.79
N MET D 75 9.90 -10.47 16.00
CA MET D 75 10.12 -9.05 16.25
C MET D 75 11.55 -8.78 16.70
N TRP D 76 11.87 -7.52 16.96
CA TRP D 76 13.25 -7.14 17.26
C TRP D 76 13.32 -6.04 18.32
N THR D 77 14.22 -6.22 19.28
CA THR D 77 14.29 -5.30 20.40
C THR D 77 15.68 -4.66 20.49
N PRO D 78 15.73 -3.36 20.84
CA PRO D 78 17.03 -2.70 20.97
C PRO D 78 17.82 -3.09 22.22
N HIS D 79 17.14 -3.65 23.22
CA HIS D 79 17.82 -3.99 24.46
C HIS D 79 18.87 -5.09 24.28
N ASN D 80 19.81 -5.14 25.21
CA ASN D 80 20.77 -6.24 25.33
C ASN D 80 21.52 -6.53 24.04
N GLY D 81 22.02 -5.47 23.41
CA GLY D 81 22.83 -5.55 22.19
C GLY D 81 22.03 -5.65 20.90
N GLY D 82 20.71 -5.64 21.01
CA GLY D 82 19.84 -5.80 19.86
C GLY D 82 19.74 -7.23 19.36
N HIS D 83 18.55 -7.80 19.45
CA HIS D 83 18.36 -9.18 19.01
C HIS D 83 16.92 -9.45 18.63
N TRP D 84 16.73 -10.49 17.84
CA TRP D 84 15.41 -10.94 17.44
C TRP D 84 14.74 -11.77 18.54
N VAL D 85 13.41 -11.86 18.47
CA VAL D 85 12.61 -12.68 19.37
C VAL D 85 11.58 -13.49 18.59
N ALA D 86 11.52 -14.79 18.87
CA ALA D 86 10.45 -15.65 18.36
C ALA D 86 9.23 -15.52 19.28
N LEU D 87 8.08 -15.21 18.71
CA LEU D 87 6.93 -14.88 19.56
C LEU D 87 5.72 -15.77 19.31
N ARG D 88 5.93 -16.85 18.56
CA ARG D 88 4.91 -17.88 18.34
CA ARG D 88 4.90 -17.88 18.48
C ARG D 88 5.53 -19.27 18.52
N SER D 89 4.69 -20.27 18.75
CA SER D 89 5.11 -21.64 19.04
C SER D 89 6.02 -22.29 18.01
N ASP D 90 5.53 -22.39 16.79
CA ASP D 90 6.24 -23.06 15.71
C ASP D 90 7.58 -22.39 15.47
N LEU D 91 7.56 -21.07 15.35
CA LEU D 91 8.77 -20.29 15.11
C LEU D 91 9.84 -20.55 16.18
N ALA D 92 9.43 -20.53 17.45
CA ALA D 92 10.34 -20.77 18.56
C ALA D 92 11.02 -22.13 18.47
N GLU D 93 10.21 -23.17 18.27
CA GLU D 93 10.71 -24.54 18.18
C GLU D 93 11.69 -24.75 17.02
N THR D 94 11.47 -24.02 15.93
CA THR D 94 12.35 -24.13 14.78
C THR D 94 13.69 -23.47 15.06
N VAL D 95 13.66 -22.26 15.62
CA VAL D 95 14.89 -21.59 16.03
C VAL D 95 15.65 -22.49 17.00
N MET D 96 14.90 -23.09 17.93
CA MET D 96 15.42 -24.01 18.94
C MET D 96 16.17 -25.23 18.37
N SER D 97 15.66 -25.76 17.26
CA SER D 97 16.08 -27.07 16.74
C SER D 97 16.90 -27.05 15.45
N ASP D 98 16.70 -26.04 14.62
CA ASP D 98 17.32 -26.00 13.29
C ASP D 98 18.78 -25.56 13.38
N PHE D 99 19.65 -26.50 13.72
CA PHE D 99 21.05 -26.20 13.92
C PHE D 99 21.76 -25.79 12.62
N GLU D 100 21.19 -26.17 11.48
CA GLU D 100 21.78 -25.83 10.19
C GLU D 100 21.91 -24.33 9.99
N ARG D 101 21.01 -23.56 10.62
CA ARG D 101 21.00 -22.10 10.49
C ARG D 101 20.98 -21.35 11.83
N PHE D 102 20.59 -22.02 12.90
CA PHE D 102 20.54 -21.40 14.23
C PHE D 102 21.46 -22.16 15.19
N SER D 103 22.54 -21.52 15.62
CA SER D 103 23.65 -22.20 16.28
C SER D 103 23.72 -21.97 17.79
N ASN D 104 24.04 -23.03 18.53
CA ASN D 104 24.24 -22.87 19.97
C ASN D 104 25.63 -22.33 20.31
N HIS D 105 26.30 -21.76 19.31
CA HIS D 105 27.61 -21.19 19.52
C HIS D 105 27.51 -20.01 20.49
N THR D 106 26.37 -19.32 20.46
CA THR D 106 25.99 -18.32 21.45
C THR D 106 24.51 -18.49 21.85
N VAL D 107 24.22 -18.55 23.15
CA VAL D 107 22.82 -18.69 23.58
C VAL D 107 22.35 -17.64 24.59
N LEU D 108 23.18 -16.63 24.88
CA LEU D 108 22.81 -15.63 25.85
C LEU D 108 22.98 -14.23 25.26
N VAL D 109 22.14 -13.29 25.69
CA VAL D 109 22.26 -11.89 25.26
C VAL D 109 22.61 -11.00 26.45
N PRO D 110 23.37 -9.92 26.22
CA PRO D 110 23.96 -9.55 24.93
C PRO D 110 25.12 -10.45 24.50
N LYS D 111 25.19 -10.70 23.20
CA LYS D 111 26.16 -11.61 22.62
C LYS D 111 27.62 -11.25 22.88
N GLU D 112 27.98 -9.98 22.85
CA GLU D 112 29.37 -9.59 23.07
C GLU D 112 29.65 -9.25 24.52
N THR D 113 28.88 -9.85 25.43
CA THR D 113 29.19 -9.80 26.85
C THR D 113 28.99 -11.21 27.42
N ALA D 114 27.77 -11.49 27.87
CA ALA D 114 27.44 -12.78 28.47
C ALA D 114 27.57 -13.91 27.46
N GLY D 115 27.05 -13.70 26.26
CA GLY D 115 27.11 -14.69 25.20
C GLY D 115 28.50 -15.27 25.08
N GLU D 116 29.50 -14.39 24.98
CA GLU D 116 30.89 -14.79 24.80
C GLU D 116 31.46 -15.34 26.11
N ALA D 117 31.21 -14.65 27.20
CA ALA D 117 31.75 -15.03 28.49
C ALA D 117 31.37 -16.45 28.91
N TYR D 118 30.14 -16.86 28.59
CA TYR D 118 29.61 -18.16 29.07
C TYR D 118 29.68 -19.29 28.06
N ARG D 119 30.21 -18.98 26.88
CA ARG D 119 30.35 -19.96 25.80
C ARG D 119 31.33 -21.06 26.20
N LEU D 120 30.88 -22.31 26.18
CA LEU D 120 31.69 -23.43 26.66
C LEU D 120 31.29 -24.74 25.97
N ILE D 121 32.27 -25.45 25.41
CA ILE D 121 32.00 -26.80 24.92
C ILE D 121 31.56 -27.65 26.10
N PRO D 122 30.66 -28.63 25.88
CA PRO D 122 30.01 -28.99 24.62
C PRO D 122 28.61 -28.42 24.45
N LEU D 123 28.13 -27.62 25.40
CA LEU D 123 26.83 -26.97 25.25
C LEU D 123 26.83 -26.03 24.05
N SER D 124 28.01 -25.52 23.72
CA SER D 124 28.11 -24.50 22.69
C SER D 124 28.14 -25.11 21.28
N LEU D 125 28.19 -26.44 21.21
CA LEU D 125 28.37 -27.14 19.95
C LEU D 125 27.05 -27.43 19.21
N ASP D 126 27.14 -27.53 17.88
CA ASP D 126 26.03 -27.98 17.07
C ASP D 126 26.28 -29.40 16.60
N PRO D 127 25.21 -30.13 16.24
CA PRO D 127 25.38 -31.40 15.54
C PRO D 127 26.11 -31.17 14.20
N PRO D 128 26.85 -32.17 13.71
CA PRO D 128 27.03 -33.51 14.29
C PRO D 128 28.03 -33.52 15.45
N GLU D 129 28.75 -32.42 15.65
CA GLU D 129 29.78 -32.40 16.69
C GLU D 129 29.16 -32.55 18.07
N HIS D 130 27.96 -31.99 18.26
CA HIS D 130 27.28 -32.10 19.54
C HIS D 130 26.83 -33.52 19.87
N ARG D 131 26.52 -34.29 18.83
CA ARG D 131 25.93 -35.63 18.98
C ARG D 131 26.55 -36.53 20.06
N PRO D 132 27.87 -36.76 20.02
CA PRO D 132 28.46 -37.68 21.01
C PRO D 132 28.25 -37.23 22.45
N PHE D 133 28.33 -35.92 22.68
CA PHE D 133 28.12 -35.36 24.02
C PHE D 133 26.66 -35.47 24.47
N ARG D 134 25.74 -35.33 23.51
CA ARG D 134 24.32 -35.49 23.77
C ARG D 134 24.05 -36.86 24.35
N SER D 135 24.60 -37.87 23.68
CA SER D 135 24.45 -39.25 24.11
C SER D 135 25.04 -39.45 25.50
N LEU D 136 26.19 -38.83 25.74
CA LEU D 136 26.86 -38.96 27.03
C LEU D 136 26.05 -38.31 28.15
N LEU D 137 25.46 -37.14 27.90
CA LEU D 137 24.71 -36.42 28.94
C LEU D 137 23.40 -37.16 29.27
N ASN D 138 22.67 -37.55 28.23
CA ASN D 138 21.41 -38.25 28.43
C ASN D 138 21.57 -39.63 29.07
N GLU D 139 22.61 -40.37 28.69
CA GLU D 139 22.90 -41.67 29.31
C GLU D 139 23.16 -41.55 30.81
N ASN D 140 24.05 -40.66 31.19
CA ASN D 140 24.50 -40.57 32.56
C ASN D 140 23.52 -39.91 33.52
N LEU D 141 22.51 -39.22 32.99
CA LEU D 141 21.51 -38.58 33.84
C LEU D 141 20.18 -39.31 33.66
N GLY D 142 20.25 -40.53 33.15
CA GLY D 142 19.07 -41.30 32.86
C GLY D 142 18.59 -42.02 34.11
N PRO D 143 17.39 -42.62 34.04
CA PRO D 143 16.76 -43.34 35.16
C PRO D 143 17.68 -44.31 35.89
N LYS D 144 18.38 -45.19 35.18
CA LYS D 144 19.16 -46.22 35.86
C LYS D 144 20.31 -45.66 36.73
N PRO D 145 21.19 -44.81 36.17
CA PRO D 145 22.23 -44.28 37.08
C PRO D 145 21.67 -43.30 38.13
N LEU D 146 20.45 -42.80 37.94
CA LEU D 146 19.83 -41.88 38.89
C LEU D 146 19.05 -42.54 40.04
N ARG D 147 18.83 -43.84 39.99
CA ARG D 147 17.94 -44.49 40.97
C ARG D 147 18.36 -44.28 42.45
N PRO D 148 19.66 -44.28 42.75
CA PRO D 148 20.00 -43.96 44.15
C PRO D 148 19.74 -42.50 44.55
N ILE D 149 19.46 -41.63 43.58
CA ILE D 149 19.28 -40.25 43.92
C ILE D 149 17.86 -40.00 44.46
N GLU D 150 16.97 -40.97 44.32
CA GLU D 150 15.62 -40.77 44.85
C GLU D 150 15.66 -40.63 46.36
N GLN D 151 16.35 -41.56 47.03
CA GLN D 151 16.48 -41.56 48.50
C GLN D 151 17.25 -40.33 48.97
N VAL D 152 18.17 -39.87 48.13
CA VAL D 152 18.93 -38.67 48.42
C VAL D 152 18.02 -37.46 48.52
N VAL D 153 17.14 -37.30 47.54
CA VAL D 153 16.22 -36.17 47.53
C VAL D 153 15.21 -36.28 48.67
N THR D 154 14.72 -37.49 48.92
CA THR D 154 13.83 -37.74 50.04
C THR D 154 14.43 -37.29 51.37
N ASP D 155 15.64 -37.74 51.66
CA ASP D 155 16.24 -37.46 52.96
C ASP D 155 16.51 -35.99 53.16
N LEU D 156 16.80 -35.29 52.06
CA LEU D 156 17.10 -33.87 52.13
C LEU D 156 15.83 -33.05 52.30
N ALA D 157 14.82 -33.36 51.48
CA ALA D 157 13.53 -32.67 51.56
C ALA D 157 12.93 -32.78 52.94
N VAL D 158 12.96 -34.01 53.46
CA VAL D 158 12.40 -34.27 54.78
C VAL D 158 13.12 -33.48 55.87
N SER D 159 14.45 -33.44 55.80
CA SER D 159 15.24 -32.72 56.78
C SER D 159 14.92 -31.21 56.77
N LEU D 160 14.79 -30.66 55.57
CA LEU D 160 14.49 -29.25 55.43
C LEU D 160 13.08 -28.94 55.94
N ILE D 161 12.10 -29.72 55.51
CA ILE D 161 10.72 -29.50 55.96
C ILE D 161 10.58 -29.65 57.49
N GLU D 162 11.21 -30.66 58.07
CA GLU D 162 11.09 -30.82 59.53
C GLU D 162 11.84 -29.71 60.26
N GLY D 163 12.85 -29.13 59.60
CA GLY D 163 13.53 -27.97 60.15
C GLY D 163 12.61 -26.79 60.44
N PHE D 164 11.83 -26.38 59.43
CA PHE D 164 11.02 -25.18 59.60
C PHE D 164 9.54 -25.44 59.91
N ARG D 165 9.12 -26.70 59.88
CA ARG D 165 7.71 -27.03 60.17
C ARG D 165 7.20 -26.41 61.48
N PRO D 166 8.00 -26.45 62.57
CA PRO D 166 7.41 -25.89 63.80
C PRO D 166 7.25 -24.36 63.79
N LYS D 167 7.89 -23.66 62.84
CA LYS D 167 7.77 -22.21 62.80
C LYS D 167 6.45 -21.73 62.21
N GLY D 168 5.79 -22.58 61.44
CA GLY D 168 4.52 -22.23 60.80
C GLY D 168 4.69 -21.27 59.64
N ARG D 169 5.93 -21.02 59.24
CA ARG D 169 6.19 -20.14 58.08
C ARG D 169 7.61 -20.34 57.61
N CYS D 170 7.85 -20.02 56.34
CA CYS D 170 9.18 -20.07 55.79
C CYS D 170 9.26 -19.31 54.51
N ASN D 171 10.43 -18.73 54.23
CA ASN D 171 10.68 -18.24 52.87
C ASN D 171 11.00 -19.42 51.96
N PHE D 172 10.05 -19.81 51.11
CA PHE D 172 10.17 -21.05 50.35
C PHE D 172 11.45 -21.15 49.50
N THR D 173 11.74 -20.07 48.78
CA THR D 173 12.90 -20.04 47.90
CA THR D 173 12.89 -20.04 47.90
C THR D 173 14.20 -20.19 48.67
N HIS D 174 14.38 -19.40 49.71
CA HIS D 174 15.65 -19.41 50.45
C HIS D 174 15.79 -20.63 51.38
N GLU D 175 14.72 -20.95 52.08
CA GLU D 175 14.79 -21.99 53.12
C GLU D 175 14.53 -23.40 52.59
N PHE D 176 14.00 -23.53 51.38
CA PHE D 176 13.76 -24.86 50.85
C PHE D 176 14.33 -25.07 49.44
N ALA D 177 13.74 -24.40 48.46
CA ALA D 177 14.10 -24.65 47.05
C ALA D 177 15.62 -24.56 46.81
N GLU D 178 16.25 -23.51 47.32
CA GLU D 178 17.65 -23.24 47.00
C GLU D 178 18.59 -24.20 47.72
N GLN D 179 18.08 -24.89 48.72
CA GLN D 179 18.88 -25.84 49.48
C GLN D 179 18.98 -27.23 48.85
N LEU D 180 18.24 -27.48 47.77
CA LEU D 180 18.29 -28.80 47.12
C LEU D 180 19.36 -29.05 46.02
N PRO D 181 19.45 -28.18 44.99
CA PRO D 181 20.16 -28.68 43.81
C PRO D 181 21.68 -28.90 43.94
N VAL D 182 22.38 -28.09 44.71
CA VAL D 182 23.82 -28.26 44.80
C VAL D 182 24.15 -29.55 45.56
N ARG D 183 23.46 -29.78 46.68
CA ARG D 183 23.63 -31.02 47.44
C ARG D 183 23.35 -32.25 46.56
N ILE D 184 22.29 -32.15 45.76
CA ILE D 184 21.88 -33.22 44.86
C ILE D 184 22.96 -33.51 43.81
N PHE D 185 23.44 -32.46 43.13
CA PHE D 185 24.58 -32.56 42.23
C PHE D 185 25.78 -33.26 42.89
N MET D 186 26.05 -32.92 44.14
CA MET D 186 27.23 -33.44 44.81
C MET D 186 27.11 -34.94 45.09
N ARG D 187 25.90 -35.45 45.23
CA ARG D 187 25.74 -36.89 45.37
C ARG D 187 25.84 -37.58 43.99
N ILE D 188 25.48 -36.87 42.92
CA ILE D 188 25.51 -37.45 41.60
C ILE D 188 26.99 -37.65 41.17
N VAL D 189 27.82 -36.65 41.45
CA VAL D 189 29.23 -36.75 41.08
C VAL D 189 30.09 -37.22 42.26
N ASP D 190 29.45 -37.52 43.39
CA ASP D 190 30.12 -37.99 44.61
C ASP D 190 31.22 -37.04 45.10
N LEU D 191 30.81 -35.89 45.63
CA LEU D 191 31.73 -34.95 46.25
C LEU D 191 31.47 -34.93 47.75
N PRO D 192 32.50 -34.63 48.57
CA PRO D 192 32.27 -34.64 50.02
C PRO D 192 31.34 -33.52 50.49
N VAL D 193 30.46 -33.83 51.43
CA VAL D 193 29.42 -32.88 51.82
C VAL D 193 30.02 -31.61 52.45
N GLU D 194 31.24 -31.70 52.98
CA GLU D 194 31.90 -30.52 53.54
C GLU D 194 32.18 -29.42 52.49
N ASP D 195 32.14 -29.77 51.21
CA ASP D 195 32.42 -28.79 50.14
C ASP D 195 31.20 -27.99 49.69
N LEU D 196 30.05 -28.31 50.29
CA LEU D 196 28.80 -27.70 49.86
C LEU D 196 28.85 -26.18 49.89
N PRO D 197 29.30 -25.56 51.01
CA PRO D 197 29.30 -24.10 50.96
C PRO D 197 30.17 -23.48 49.86
N LYS D 198 31.31 -24.08 49.57
CA LYS D 198 32.19 -23.53 48.57
C LYS D 198 31.64 -23.78 47.17
N LEU D 199 30.99 -24.92 46.96
CA LEU D 199 30.43 -25.23 45.65
C LEU D 199 29.22 -24.36 45.40
N LYS D 200 28.42 -24.15 46.44
CA LYS D 200 27.25 -23.29 46.32
C LYS D 200 27.70 -21.86 46.01
N HIS D 201 28.76 -21.44 46.68
CA HIS D 201 29.33 -20.10 46.48
C HIS D 201 29.84 -19.89 45.05
N LEU D 202 30.60 -20.85 44.53
CA LEU D 202 31.11 -20.67 43.17
C LEU D 202 29.99 -20.71 42.09
N ALA D 203 28.96 -21.51 42.32
CA ALA D 203 27.83 -21.63 41.40
C ALA D 203 27.07 -20.31 41.33
N ASP D 204 26.91 -19.68 42.49
CA ASP D 204 26.18 -18.43 42.60
C ASP D 204 26.98 -17.28 41.98
N GLN D 205 28.30 -17.28 42.18
CA GLN D 205 29.18 -16.26 41.57
C GLN D 205 29.35 -16.48 40.07
N TYR D 206 29.12 -17.71 39.61
CA TYR D 206 29.22 -18.05 38.20
C TYR D 206 27.95 -17.64 37.48
N THR D 207 26.80 -17.85 38.10
CA THR D 207 25.54 -17.58 37.42
C THR D 207 25.03 -16.14 37.62
N ARG D 208 25.37 -15.52 38.74
CA ARG D 208 25.06 -14.10 38.94
C ARG D 208 26.24 -13.36 39.56
N PRO D 209 27.24 -13.04 38.73
CA PRO D 209 28.50 -12.45 39.23
C PRO D 209 28.32 -11.07 39.88
N ASP D 210 29.22 -10.74 40.80
CA ASP D 210 29.19 -9.46 41.51
C ASP D 210 30.55 -9.14 42.13
N PRO D 214 35.49 -10.43 38.51
CA PRO D 214 35.97 -11.80 38.44
C PRO D 214 35.41 -12.57 37.24
N LEU D 215 34.52 -13.52 37.51
CA LEU D 215 33.91 -14.39 36.50
C LEU D 215 34.90 -15.37 35.89
N ASP D 216 36.01 -14.85 35.37
CA ASP D 216 37.08 -15.72 34.87
C ASP D 216 37.80 -16.36 36.05
N ASP D 217 37.69 -15.73 37.21
CA ASP D 217 38.34 -16.21 38.42
C ASP D 217 37.52 -17.29 39.13
N VAL D 218 36.20 -17.23 38.99
CA VAL D 218 35.35 -18.28 39.59
C VAL D 218 35.45 -19.55 38.75
N THR D 219 35.52 -19.38 37.42
CA THR D 219 35.70 -20.54 36.53
C THR D 219 37.04 -21.21 36.83
N LYS D 220 38.07 -20.38 36.93
CA LYS D 220 39.39 -20.83 37.32
C LYS D 220 39.30 -21.61 38.62
N GLN D 221 38.57 -21.06 39.59
CA GLN D 221 38.32 -21.74 40.86
C GLN D 221 37.56 -23.05 40.73
N PHE D 222 36.50 -23.04 39.91
CA PHE D 222 35.82 -24.28 39.56
C PHE D 222 36.76 -25.35 38.99
N ARG D 223 37.62 -24.95 38.07
CA ARG D 223 38.56 -25.90 37.49
C ARG D 223 39.64 -26.32 38.47
N GLU D 224 40.05 -25.39 39.34
CA GLU D 224 41.02 -25.72 40.37
C GLU D 224 40.43 -26.70 41.39
N TYR D 225 39.13 -26.59 41.62
CA TYR D 225 38.44 -27.52 42.52
C TYR D 225 38.23 -28.90 41.89
N LEU D 226 37.74 -28.93 40.66
CA LEU D 226 37.34 -30.19 40.01
C LEU D 226 38.51 -31.00 39.47
N ARG D 227 39.58 -30.33 39.05
CA ARG D 227 40.70 -31.00 38.39
C ARG D 227 41.32 -32.13 39.24
N PRO D 228 41.57 -31.89 40.56
CA PRO D 228 42.04 -32.99 41.41
C PRO D 228 41.05 -34.16 41.52
N VAL D 229 39.74 -33.84 41.58
CA VAL D 229 38.75 -34.89 41.73
C VAL D 229 38.73 -35.77 40.49
N ILE D 230 38.77 -35.12 39.33
CA ILE D 230 38.74 -35.84 38.07
C ILE D 230 39.95 -36.75 37.99
N GLU D 231 41.12 -36.20 38.33
CA GLU D 231 42.38 -36.96 38.37
C GLU D 231 42.29 -38.14 39.33
N ALA D 232 41.65 -37.91 40.48
CA ALA D 232 41.48 -38.97 41.47
C ALA D 232 40.61 -40.12 40.95
N ARG D 233 39.62 -39.77 40.14
CA ARG D 233 38.67 -40.75 39.60
C ARG D 233 39.25 -41.52 38.42
N ARG D 234 40.21 -40.93 37.73
CA ARG D 234 40.97 -41.67 36.72
C ARG D 234 41.81 -42.76 37.38
N ILE D 235 42.48 -42.40 38.48
CA ILE D 235 43.26 -43.35 39.26
C ILE D 235 42.37 -44.40 39.93
N LYS D 236 41.26 -43.94 40.49
CA LYS D 236 40.36 -44.81 41.25
C LYS D 236 38.90 -44.52 40.92
N PRO D 237 38.40 -45.10 39.81
CA PRO D 237 37.01 -44.88 39.39
C PRO D 237 35.97 -45.42 40.39
N GLY D 238 34.83 -44.74 40.46
CA GLY D 238 33.74 -45.17 41.33
C GLY D 238 32.49 -45.44 40.50
N GLU D 239 31.32 -45.28 41.12
CA GLU D 239 30.06 -45.46 40.40
C GLU D 239 29.43 -44.10 40.02
N ASP D 240 30.09 -43.03 40.43
CA ASP D 240 29.61 -41.65 40.21
C ASP D 240 29.64 -41.18 38.76
N MET D 241 29.05 -40.02 38.52
CA MET D 241 28.95 -39.50 37.15
C MET D 241 30.30 -39.14 36.53
N ILE D 242 31.20 -38.60 37.33
CA ILE D 242 32.52 -38.23 36.81
C ILE D 242 33.22 -39.52 36.35
N SER D 243 33.19 -40.56 37.18
CA SER D 243 33.81 -41.85 36.85
C SER D 243 33.21 -42.47 35.58
N ARG D 244 31.91 -42.35 35.42
CA ARG D 244 31.23 -42.94 34.26
C ARG D 244 31.59 -42.22 32.97
N MET D 245 31.70 -40.90 33.03
CA MET D 245 32.05 -40.13 31.84
CA MET D 245 32.07 -40.09 31.87
C MET D 245 33.51 -40.30 31.45
N ILE D 246 34.38 -40.39 32.45
CA ILE D 246 35.82 -40.61 32.23
C ILE D 246 36.06 -41.91 31.47
N ASN D 247 35.50 -43.00 31.98
CA ASN D 247 35.67 -44.30 31.34
C ASN D 247 34.40 -44.75 30.63
N LEU D 255 36.91 -38.52 26.83
CA LEU D 255 36.79 -37.16 27.35
C LEU D 255 38.12 -36.63 27.89
N THR D 256 38.52 -35.45 27.43
CA THR D 256 39.66 -34.76 28.01
C THR D 256 39.26 -34.19 29.37
N ASP D 257 40.24 -33.87 30.21
CA ASP D 257 39.98 -33.25 31.52
C ASP D 257 39.09 -32.02 31.43
N ILE D 258 39.47 -31.11 30.56
CA ILE D 258 38.76 -29.86 30.36
C ILE D 258 37.31 -30.09 29.96
N GLU D 259 37.09 -31.09 29.11
CA GLU D 259 35.76 -31.47 28.69
C GLU D 259 34.94 -31.93 29.89
N ALA D 260 35.54 -32.79 30.70
CA ALA D 260 34.90 -33.30 31.92
C ALA D 260 34.62 -32.14 32.89
N GLU D 261 35.63 -31.33 33.13
CA GLU D 261 35.49 -30.13 33.95
C GLU D 261 34.31 -29.26 33.51
N ASN D 262 34.24 -28.97 32.21
CA ASN D 262 33.17 -28.16 31.64
C ASN D 262 31.78 -28.74 31.90
N ILE D 263 31.68 -30.04 31.67
CA ILE D 263 30.43 -30.75 31.82
C ILE D 263 29.96 -30.72 33.28
N CYS D 264 30.88 -30.90 34.22
CA CYS D 264 30.55 -30.78 35.64
C CYS D 264 29.93 -29.41 35.96
N ILE D 265 30.59 -28.33 35.54
CA ILE D 265 30.04 -26.98 35.72
C ILE D 265 28.65 -26.84 35.10
N GLN D 266 28.52 -27.35 33.88
CA GLN D 266 27.29 -27.18 33.12
C GLN D 266 26.14 -27.95 33.71
N VAL D 267 26.43 -29.16 34.21
CA VAL D 267 25.43 -29.99 34.88
C VAL D 267 25.02 -29.32 36.19
N LEU D 268 25.99 -28.82 36.95
CA LEU D 268 25.69 -28.14 38.21
C LEU D 268 24.83 -26.91 37.98
N VAL D 269 25.23 -26.03 37.08
CA VAL D 269 24.50 -24.79 36.88
C VAL D 269 23.16 -25.04 36.16
N GLY D 270 23.12 -26.09 35.34
CA GLY D 270 21.97 -26.37 34.51
C GLY D 270 20.74 -26.75 35.31
N GLY D 271 20.98 -27.36 36.46
CA GLY D 271 19.89 -27.86 37.30
C GLY D 271 19.68 -27.05 38.56
N LEU D 272 20.29 -25.87 38.64
CA LEU D 272 20.19 -25.03 39.83
C LEU D 272 19.02 -24.06 39.72
N ASP D 273 19.16 -22.97 38.95
CA ASP D 273 18.10 -21.96 38.88
C ASP D 273 16.81 -22.51 38.27
N THR D 274 16.97 -23.39 37.29
CA THR D 274 15.83 -24.08 36.68
C THR D 274 14.98 -24.80 37.73
N VAL D 275 15.60 -25.67 38.51
CA VAL D 275 14.80 -26.44 39.48
C VAL D 275 14.20 -25.52 40.54
N VAL D 276 15.01 -24.64 41.12
CA VAL D 276 14.55 -23.72 42.15
C VAL D 276 13.37 -22.90 41.66
N ASN D 277 13.49 -22.39 40.44
CA ASN D 277 12.45 -21.50 39.93
C ASN D 277 11.18 -22.28 39.57
N MET D 278 11.34 -23.54 39.15
CA MET D 278 10.15 -24.34 38.80
C MET D 278 9.38 -24.67 40.08
N LEU D 279 10.11 -25.09 41.12
CA LEU D 279 9.54 -25.34 42.43
C LEU D 279 8.80 -24.10 42.93
N GLY D 280 9.35 -22.92 42.64
CA GLY D 280 8.74 -21.66 43.05
C GLY D 280 7.41 -21.41 42.37
N PHE D 281 7.35 -21.64 41.07
CA PHE D 281 6.08 -21.52 40.35
C PHE D 281 5.07 -22.56 40.87
N THR D 282 5.58 -23.76 41.10
CA THR D 282 4.77 -24.88 41.54
C THR D 282 4.13 -24.65 42.90
N PHE D 283 4.91 -24.24 43.88
CA PHE D 283 4.35 -24.13 45.22
C PHE D 283 3.62 -22.81 45.45
N SER D 284 4.01 -21.76 44.71
N SER D 284 4.01 -21.76 44.73
CA SER D 284 3.28 -20.51 44.77
CA SER D 284 3.25 -20.50 44.82
C SER D 284 1.89 -20.68 44.17
C SER D 284 1.88 -20.69 44.17
N HIS D 285 1.80 -21.52 43.14
CA HIS D 285 0.51 -21.82 42.51
C HIS D 285 -0.36 -22.65 43.47
N LEU D 286 0.24 -23.68 44.06
CA LEU D 286 -0.48 -24.51 45.02
C LEU D 286 -1.01 -23.73 46.23
N ALA D 287 -0.27 -22.69 46.62
CA ALA D 287 -0.65 -21.87 47.75
C ALA D 287 -1.84 -20.97 47.39
N LYS D 288 -2.00 -20.67 46.11
CA LYS D 288 -3.11 -19.82 45.65
C LYS D 288 -4.33 -20.64 45.16
N ASP D 289 -4.08 -21.83 44.63
CA ASP D 289 -5.13 -22.72 44.09
C ASP D 289 -5.58 -23.72 45.18
N HIS D 290 -6.45 -23.25 46.07
CA HIS D 290 -6.86 -24.01 47.25
C HIS D 290 -7.51 -25.35 46.90
N ALA D 291 -8.27 -25.35 45.80
CA ALA D 291 -8.95 -26.57 45.35
C ALA D 291 -7.95 -27.64 44.90
N LEU D 292 -6.93 -27.23 44.18
CA LEU D 292 -5.87 -28.15 43.76
C LEU D 292 -5.04 -28.67 44.93
N ARG D 293 -4.57 -27.74 45.76
CA ARG D 293 -3.84 -28.09 46.97
C ARG D 293 -4.56 -29.15 47.83
N ARG D 294 -5.82 -28.89 48.13
CA ARG D 294 -6.56 -29.77 49.04
C ARG D 294 -6.89 -31.12 48.40
N ALA D 295 -7.04 -31.13 47.08
CA ALA D 295 -7.23 -32.38 46.32
C ALA D 295 -6.01 -33.29 46.40
N ILE D 296 -4.83 -32.71 46.20
CA ILE D 296 -3.58 -33.45 46.29
C ILE D 296 -3.32 -33.90 47.74
N ALA D 297 -3.62 -33.03 48.69
CA ALA D 297 -3.35 -33.32 50.10
C ALA D 297 -4.10 -34.57 50.55
N ALA D 298 -5.30 -34.75 50.02
CA ALA D 298 -6.13 -35.89 50.39
C ALA D 298 -5.75 -37.10 49.54
N ASP D 299 -5.32 -36.86 48.30
CA ASP D 299 -4.99 -37.97 47.42
C ASP D 299 -3.63 -37.85 46.75
N PRO D 300 -2.59 -38.42 47.37
CA PRO D 300 -1.24 -38.33 46.79
C PRO D 300 -1.09 -39.10 45.46
N SER D 301 -2.02 -39.98 45.12
CA SER D 301 -1.98 -40.65 43.82
C SER D 301 -2.03 -39.65 42.66
N LEU D 302 -2.53 -38.46 42.96
CA LEU D 302 -2.68 -37.40 41.95
C LEU D 302 -1.36 -36.73 41.55
N ILE D 303 -0.29 -36.99 42.31
CA ILE D 303 0.94 -36.24 42.14
C ILE D 303 1.60 -36.50 40.79
N ASP D 304 1.61 -37.75 40.35
CA ASP D 304 2.18 -38.10 39.06
C ASP D 304 1.63 -37.28 37.88
N ASP D 305 0.31 -37.17 37.80
CA ASP D 305 -0.31 -36.39 36.72
C ASP D 305 -0.16 -34.88 36.94
N ALA D 306 -0.15 -34.46 38.20
CA ALA D 306 -0.03 -33.03 38.51
C ALA D 306 1.33 -32.46 38.11
N LEU D 307 2.40 -33.22 38.35
CA LEU D 307 3.73 -32.70 38.05
C LEU D 307 3.90 -32.52 36.54
N LEU D 308 3.33 -33.44 35.76
CA LEU D 308 3.31 -33.29 34.32
C LEU D 308 2.60 -31.99 33.96
N GLU D 309 1.52 -31.67 34.66
CA GLU D 309 0.82 -30.44 34.36
C GLU D 309 1.60 -29.23 34.88
N PHE D 310 2.35 -29.40 35.97
CA PHE D 310 3.18 -28.28 36.41
C PHE D 310 4.25 -27.96 35.37
N PHE D 311 4.90 -29.00 34.83
CA PHE D 311 5.88 -28.75 33.77
C PHE D 311 5.27 -28.13 32.50
N ARG D 312 4.05 -28.53 32.12
CA ARG D 312 3.42 -27.89 30.95
C ARG D 312 3.05 -26.44 31.19
N ARG D 313 2.53 -26.15 32.39
CA ARG D 313 1.91 -24.86 32.66
C ARG D 313 2.92 -23.76 33.00
N PHE D 314 4.13 -24.14 33.43
CA PHE D 314 5.06 -23.13 33.91
C PHE D 314 6.43 -23.18 33.27
N PRO D 315 6.49 -23.11 31.93
CA PRO D 315 7.82 -23.04 31.31
C PRO D 315 8.54 -21.79 31.80
N VAL D 316 9.88 -21.87 31.91
CA VAL D 316 10.69 -20.83 32.53
C VAL D 316 11.90 -20.36 31.69
N VAL D 317 12.43 -21.20 30.81
CA VAL D 317 13.71 -20.89 30.14
C VAL D 317 13.54 -20.09 28.86
N SER D 318 14.42 -19.11 28.67
CA SER D 318 14.48 -18.37 27.42
C SER D 318 15.89 -18.44 26.81
N SER D 319 16.08 -19.42 25.94
CA SER D 319 17.37 -19.60 25.33
C SER D 319 17.41 -18.77 24.05
N ALA D 320 18.58 -18.71 23.42
CA ALA D 320 18.76 -17.93 22.21
C ALA D 320 19.70 -18.66 21.27
N ARG D 321 19.82 -18.15 20.04
CA ARG D 321 20.63 -18.79 19.01
C ARG D 321 21.37 -17.74 18.18
N GLU D 322 22.54 -18.12 17.65
CA GLU D 322 23.29 -17.23 16.78
C GLU D 322 23.05 -17.58 15.31
N VAL D 323 22.74 -16.57 14.50
CA VAL D 323 22.66 -16.73 13.05
C VAL D 323 24.07 -16.87 12.46
N LEU D 324 24.39 -18.00 11.86
CA LEU D 324 25.78 -18.13 11.41
C LEU D 324 25.96 -17.76 9.93
N ARG D 325 24.87 -17.58 9.21
CA ARG D 325 24.94 -17.15 7.81
C ARG D 325 23.83 -16.16 7.43
N ASP D 326 24.16 -15.21 6.54
CA ASP D 326 23.16 -14.32 5.96
C ASP D 326 22.05 -15.16 5.32
N GLN D 327 20.80 -14.83 5.65
CA GLN D 327 19.67 -15.64 5.20
C GLN D 327 18.35 -14.86 5.29
N GLU D 328 17.42 -15.14 4.38
CA GLU D 328 16.05 -14.63 4.53
C GLU D 328 15.30 -15.51 5.51
N PHE D 329 14.55 -14.89 6.41
CA PHE D 329 13.82 -15.62 7.44
C PHE D 329 12.67 -14.77 7.97
N GLU D 330 11.45 -15.29 7.87
CA GLU D 330 10.26 -14.61 8.38
C GLU D 330 10.09 -13.19 7.84
N GLY D 331 10.39 -13.01 6.56
CA GLY D 331 10.19 -11.73 5.90
C GLY D 331 11.23 -10.68 6.17
N VAL D 332 12.33 -11.06 6.82
CA VAL D 332 13.45 -10.14 7.02
C VAL D 332 14.77 -10.76 6.60
N LEU D 333 15.81 -9.94 6.62
CA LEU D 333 17.16 -10.38 6.32
C LEU D 333 17.94 -10.50 7.62
N LEU D 334 18.46 -11.70 7.88
CA LEU D 334 19.28 -11.89 9.06
C LEU D 334 20.75 -11.74 8.69
N LYS D 335 21.44 -10.83 9.36
CA LYS D 335 22.88 -10.77 9.21
C LYS D 335 23.50 -11.94 9.97
N ALA D 336 24.66 -12.41 9.52
CA ALA D 336 25.41 -13.39 10.27
C ALA D 336 25.86 -12.74 11.58
N GLY D 337 25.75 -13.50 12.67
CA GLY D 337 26.08 -12.98 13.98
C GLY D 337 24.89 -12.32 14.67
N ASP D 338 23.73 -12.35 14.01
CA ASP D 338 22.54 -11.81 14.64
C ASP D 338 22.11 -12.77 15.76
N MET D 339 21.37 -12.28 16.75
CA MET D 339 20.89 -13.15 17.82
C MET D 339 19.39 -13.32 17.75
N VAL D 340 18.95 -14.56 17.86
CA VAL D 340 17.52 -14.84 17.88
C VAL D 340 17.11 -15.60 19.15
N MET D 341 16.32 -14.94 20.00
CA MET D 341 15.83 -15.58 21.21
C MET D 341 14.57 -16.38 20.92
N ALA D 342 14.47 -17.57 21.51
CA ALA D 342 13.35 -18.45 21.24
C ALA D 342 12.83 -19.11 22.51
N PRO D 343 12.08 -18.35 23.32
CA PRO D 343 11.57 -18.77 24.63
C PRO D 343 10.77 -20.07 24.60
N THR D 344 10.98 -20.91 25.59
CA THR D 344 10.12 -22.06 25.79
C THR D 344 8.73 -21.54 26.18
N VAL D 345 8.71 -20.41 26.86
CA VAL D 345 7.45 -19.80 27.32
C VAL D 345 6.42 -19.62 26.19
N VAL D 346 6.88 -19.17 25.03
CA VAL D 346 5.93 -18.87 23.96
C VAL D 346 5.34 -20.15 23.35
N VAL D 347 5.90 -21.31 23.70
CA VAL D 347 5.45 -22.56 23.08
C VAL D 347 4.20 -23.11 23.74
N ALA D 348 4.24 -23.27 25.05
CA ALA D 348 3.10 -23.81 25.78
C ALA D 348 1.97 -22.79 25.87
N MET D 349 2.33 -21.52 25.88
CA MET D 349 1.33 -20.47 26.03
C MET D 349 0.60 -20.14 24.73
N ASP D 350 1.10 -20.65 23.61
CA ASP D 350 0.39 -20.49 22.33
C ASP D 350 -0.93 -21.26 22.27
N ASP D 351 -1.99 -20.52 21.94
CA ASP D 351 -3.32 -21.10 21.79
C ASP D 351 -3.46 -21.92 20.51
N ALA D 352 -2.35 -22.48 20.03
CA ALA D 352 -2.37 -23.44 18.93
C ALA D 352 -1.82 -24.78 19.43
N ARG D 353 -1.18 -24.75 20.60
CA ARG D 353 -0.57 -25.95 21.17
C ARG D 353 -1.45 -26.56 22.26
N ASN D 354 -2.12 -25.72 23.04
CA ASN D 354 -2.99 -26.20 24.10
C ASN D 354 -4.28 -25.39 24.18
N GLU D 355 -5.39 -26.07 24.48
CA GLU D 355 -6.64 -25.39 24.75
C GLU D 355 -6.61 -24.80 26.15
N ASP D 356 -6.91 -23.51 26.26
CA ASP D 356 -6.87 -22.78 27.53
C ASP D 356 -5.55 -23.04 28.27
N PRO D 357 -4.42 -22.61 27.70
CA PRO D 357 -3.10 -22.97 28.22
C PRO D 357 -2.79 -22.38 29.59
N LEU D 358 -3.62 -21.45 30.06
CA LEU D 358 -3.37 -20.75 31.30
C LEU D 358 -4.05 -21.46 32.46
N GLU D 359 -5.03 -22.29 32.15
CA GLU D 359 -5.73 -23.06 33.16
C GLU D 359 -4.90 -24.27 33.60
N PHE D 360 -4.84 -24.52 34.91
CA PHE D 360 -4.23 -25.73 35.43
C PHE D 360 -5.26 -26.86 35.48
N ARG D 361 -4.98 -27.93 34.74
CA ARG D 361 -5.94 -29.00 34.54
C ARG D 361 -5.35 -30.41 34.72
N LEU D 362 -5.83 -31.16 35.70
CA LEU D 362 -5.40 -32.54 35.90
C LEU D 362 -6.01 -33.53 34.91
N GLY D 363 -6.84 -33.04 34.00
CA GLY D 363 -7.50 -33.93 33.06
C GLY D 363 -6.96 -33.90 31.64
N ARG D 364 -5.80 -33.26 31.44
CA ARG D 364 -5.30 -33.01 30.10
C ARG D 364 -4.85 -34.26 29.38
N LYS D 365 -5.29 -34.38 28.14
CA LYS D 365 -5.06 -35.57 27.33
C LYS D 365 -3.92 -35.33 26.35
N ALA D 366 -3.89 -34.15 25.77
CA ALA D 366 -2.88 -33.80 24.77
C ALA D 366 -1.89 -32.74 25.26
N ARG D 367 -1.04 -33.11 26.22
CA ARG D 367 -0.05 -32.18 26.75
C ARG D 367 1.18 -32.09 25.82
N GLN D 368 1.24 -31.00 25.07
CA GLN D 368 2.41 -30.67 24.27
C GLN D 368 2.95 -29.35 24.72
N HIS D 369 4.27 -29.16 24.62
CA HIS D 369 4.92 -28.45 25.72
C HIS D 369 6.35 -28.44 25.26
N SER D 370 7.11 -27.38 25.53
CA SER D 370 8.57 -27.48 25.24
C SER D 370 9.46 -27.02 26.40
N THR D 371 9.01 -27.25 27.64
CA THR D 371 9.71 -26.79 28.85
C THR D 371 11.16 -27.25 28.91
N PHE D 372 11.40 -28.41 28.33
CA PHE D 372 12.75 -28.94 28.29
C PHE D 372 13.44 -28.78 26.93
N GLY D 373 12.89 -27.92 26.08
CA GLY D 373 13.50 -27.56 24.81
C GLY D 373 13.18 -28.51 23.68
N LYS D 374 13.89 -28.36 22.56
CA LYS D 374 13.69 -29.23 21.41
C LYS D 374 14.96 -29.34 20.59
N GLY D 375 15.18 -30.49 20.00
CA GLY D 375 16.35 -30.70 19.18
C GLY D 375 17.46 -31.37 19.98
N SER D 376 18.68 -31.26 19.48
CA SER D 376 19.83 -31.98 20.04
C SER D 376 20.10 -31.56 21.49
N HIS D 377 19.75 -30.34 21.85
CA HIS D 377 20.10 -29.79 23.15
C HIS D 377 18.98 -29.97 24.17
N THR D 378 18.04 -30.85 23.87
CA THR D 378 16.91 -31.09 24.75
C THR D 378 17.43 -31.54 26.12
N CYS D 379 16.81 -31.05 27.19
CA CYS D 379 17.35 -31.21 28.55
C CYS D 379 17.65 -32.65 28.95
N PRO D 380 18.93 -32.96 29.23
CA PRO D 380 19.27 -34.29 29.74
C PRO D 380 18.91 -34.46 31.21
N GLY D 381 18.55 -33.37 31.88
CA GLY D 381 18.23 -33.44 33.30
C GLY D 381 16.75 -33.55 33.61
N ALA D 382 15.94 -33.76 32.57
CA ALA D 382 14.49 -33.79 32.70
C ALA D 382 14.00 -34.93 33.59
N HIS D 383 14.64 -36.09 33.52
CA HIS D 383 14.29 -37.18 34.42
C HIS D 383 14.58 -36.80 35.86
N LEU D 384 15.71 -36.13 36.10
CA LEU D 384 16.07 -35.71 37.45
C LEU D 384 15.06 -34.68 37.93
N ALA D 385 14.78 -33.72 37.07
CA ALA D 385 13.79 -32.68 37.38
C ALA D 385 12.45 -33.31 37.79
N ARG D 386 11.96 -34.26 37.01
CA ARG D 386 10.68 -34.89 37.33
C ARG D 386 10.75 -35.71 38.63
N MET D 387 11.88 -36.33 38.91
CA MET D 387 12.02 -37.11 40.15
C MET D 387 12.07 -36.20 41.39
N GLU D 388 12.83 -35.12 41.31
CA GLU D 388 12.85 -34.08 42.34
C GLU D 388 11.46 -33.55 42.65
N MET D 389 10.69 -33.22 41.60
CA MET D 389 9.33 -32.71 41.80
C MET D 389 8.42 -33.72 42.52
N LYS D 390 8.47 -34.99 42.11
CA LYS D 390 7.56 -35.97 42.69
C LYS D 390 7.89 -36.20 44.16
N VAL D 391 9.18 -36.18 44.50
CA VAL D 391 9.59 -36.44 45.89
C VAL D 391 9.22 -35.25 46.76
N VAL D 392 9.44 -34.05 46.25
CA VAL D 392 9.15 -32.86 47.03
C VAL D 392 7.65 -32.72 47.29
N LEU D 393 6.85 -32.85 46.24
CA LEU D 393 5.39 -32.83 46.37
C LEU D 393 4.91 -33.87 47.38
N ARG D 394 5.42 -35.09 47.24
CA ARG D 394 5.02 -36.19 48.12
C ARG D 394 5.30 -35.90 49.59
N GLU D 395 6.53 -35.51 49.89
CA GLU D 395 6.93 -35.21 51.26
C GLU D 395 6.29 -33.95 51.81
N TRP D 396 6.18 -32.93 50.98
CA TRP D 396 5.60 -31.68 51.44
C TRP D 396 4.14 -31.90 51.85
N PHE D 397 3.38 -32.55 50.99
CA PHE D 397 1.97 -32.76 51.26
C PHE D 397 1.74 -33.76 52.40
N ALA D 398 2.67 -34.69 52.61
CA ALA D 398 2.59 -35.55 53.77
C ALA D 398 2.72 -34.73 55.08
N ARG D 399 3.58 -33.70 55.07
CA ARG D 399 3.90 -33.01 56.32
C ARG D 399 3.18 -31.68 56.53
N ILE D 400 2.92 -30.95 55.45
CA ILE D 400 2.30 -29.63 55.51
C ILE D 400 1.24 -29.63 54.41
N PRO D 401 0.10 -30.30 54.69
CA PRO D 401 -0.94 -30.48 53.66
C PRO D 401 -1.64 -29.17 53.32
N GLU D 402 -1.73 -28.28 54.29
CA GLU D 402 -2.47 -27.05 54.13
C GLU D 402 -1.57 -25.86 54.42
N PHE D 403 -1.50 -24.95 53.46
CA PHE D 403 -0.59 -23.82 53.53
C PHE D 403 -1.08 -22.77 52.54
N ARG D 404 -0.64 -21.54 52.72
CA ARG D 404 -0.96 -20.48 51.75
C ARG D 404 0.16 -19.46 51.70
N ILE D 405 0.08 -18.49 50.80
CA ILE D 405 1.03 -17.39 50.85
C ILE D 405 0.72 -16.60 52.12
N GLU D 406 1.74 -16.22 52.87
CA GLU D 406 1.53 -15.45 54.09
C GLU D 406 0.69 -14.19 53.82
N ASP D 407 -0.38 -14.03 54.60
CA ASP D 407 -1.33 -12.92 54.44
C ASP D 407 -2.01 -12.91 53.07
N ASP D 408 -1.94 -14.03 52.37
CA ASP D 408 -2.40 -14.18 50.99
C ASP D 408 -1.88 -13.04 50.10
N ALA D 409 -0.63 -12.65 50.32
CA ALA D 409 -0.03 -11.55 49.57
C ALA D 409 0.03 -11.90 48.08
N PRO D 410 0.05 -10.87 47.21
CA PRO D 410 0.12 -11.23 45.80
C PRO D 410 1.51 -11.75 45.40
N LEU D 411 1.56 -12.47 44.28
CA LEU D 411 2.83 -12.93 43.72
C LEU D 411 3.45 -11.84 42.84
N ARG D 412 4.77 -11.74 42.87
CA ARG D 412 5.51 -10.87 41.97
C ARG D 412 6.54 -11.72 41.19
N TYR D 413 7.02 -11.21 40.06
CA TYR D 413 7.81 -12.07 39.18
C TYR D 413 8.96 -11.33 38.51
N SER D 414 10.03 -12.07 38.23
CA SER D 414 11.14 -11.55 37.44
CA SER D 414 11.15 -11.57 37.45
C SER D 414 11.29 -12.35 36.15
N ASN D 415 11.83 -11.70 35.13
CA ASN D 415 12.16 -12.37 33.90
C ASN D 415 13.66 -12.62 33.85
N GLY D 416 14.09 -13.53 32.98
CA GLY D 416 15.51 -13.71 32.75
C GLY D 416 15.76 -14.93 31.89
N ILE D 417 16.99 -15.43 31.93
CA ILE D 417 17.30 -16.70 31.29
C ILE D 417 16.38 -17.75 31.86
N VAL D 418 16.17 -17.65 33.17
CA VAL D 418 15.20 -18.47 33.84
C VAL D 418 14.20 -17.62 34.62
N GLY D 419 12.96 -17.58 34.15
CA GLY D 419 11.91 -16.80 34.78
C GLY D 419 11.66 -17.28 36.20
N SER D 420 11.05 -16.42 37.02
CA SER D 420 10.85 -16.76 38.43
C SER D 420 9.79 -15.97 39.14
N VAL D 421 9.22 -16.59 40.17
CA VAL D 421 8.44 -15.92 41.18
C VAL D 421 9.39 -15.31 42.19
N LYS D 422 9.24 -14.02 42.49
CA LYS D 422 10.07 -13.37 43.50
C LYS D 422 9.83 -14.05 44.85
N PRO D 423 10.89 -14.17 45.68
CA PRO D 423 10.83 -15.00 46.90
C PRO D 423 9.61 -14.69 47.76
N PHE D 424 8.91 -15.75 48.17
CA PHE D 424 7.64 -15.61 48.85
C PHE D 424 7.63 -16.44 50.12
N VAL D 425 6.77 -16.07 51.07
CA VAL D 425 6.68 -16.80 52.33
C VAL D 425 5.40 -17.60 52.36
N LEU D 426 5.52 -18.87 52.76
CA LEU D 426 4.37 -19.73 52.95
C LEU D 426 4.08 -19.76 54.43
N GLU D 427 2.80 -19.86 54.80
CA GLU D 427 2.43 -20.03 56.20
C GLU D 427 1.50 -21.25 56.33
N TRP D 428 1.53 -21.89 57.50
CA TRP D 428 0.64 -23.02 57.80
C TRP D 428 0.34 -23.04 59.30
N PRO D 429 -0.82 -23.60 59.68
CA PRO D 429 -1.12 -23.81 61.11
C PRO D 429 -0.12 -24.72 61.81
N VAL D 430 0.22 -24.35 63.03
CA VAL D 430 1.17 -25.02 63.93
C VAL D 430 2.32 -25.72 63.22
N ARG E 35 10.67 21.24 5.57
CA ARG E 35 10.12 20.35 4.55
C ARG E 35 8.79 20.88 4.03
N PRO E 36 8.85 21.80 3.05
CA PRO E 36 7.69 22.43 2.41
C PRO E 36 6.60 21.45 1.98
N ASP E 37 5.40 21.98 1.74
CA ASP E 37 4.22 21.19 1.39
C ASP E 37 4.46 20.24 0.22
N ASN E 38 5.26 20.67 -0.74
CA ASN E 38 5.50 19.88 -1.95
C ASN E 38 6.60 18.85 -1.79
N VAL E 39 7.17 18.77 -0.59
CA VAL E 39 8.28 17.85 -0.36
C VAL E 39 7.86 16.69 0.54
N PRO E 40 7.68 15.50 -0.07
CA PRO E 40 7.28 14.30 0.68
C PRO E 40 8.34 13.93 1.71
N ALA E 41 7.93 13.28 2.79
CA ALA E 41 8.90 12.77 3.77
C ALA E 41 9.81 11.73 3.13
N ASP E 42 9.32 11.09 2.05
CA ASP E 42 10.06 10.02 1.41
C ASP E 42 11.27 10.54 0.62
N ARG E 43 11.32 11.85 0.40
CA ARG E 43 12.37 12.43 -0.43
C ARG E 43 13.53 13.03 0.37
N VAL E 44 13.38 13.13 1.69
CA VAL E 44 14.38 13.81 2.51
C VAL E 44 15.69 13.01 2.63
N PHE E 45 16.81 13.71 2.51
CA PHE E 45 18.14 13.14 2.73
C PHE E 45 19.05 14.23 3.27
N ASP E 46 20.03 13.84 4.07
CA ASP E 46 20.98 14.79 4.63
C ASP E 46 22.12 15.05 3.65
N PHE E 47 22.02 16.17 2.93
CA PHE E 47 22.99 16.49 1.90
C PHE E 47 23.47 17.93 2.02
N ASP E 48 24.78 18.08 2.10
CA ASP E 48 25.42 19.39 2.18
C ASP E 48 26.52 19.41 1.13
N ILE E 49 26.25 20.09 0.03
CA ILE E 49 27.20 20.22 -1.07
C ILE E 49 28.50 20.88 -0.61
N TYR E 50 28.49 21.55 0.53
CA TYR E 50 29.69 22.21 1.02
C TYR E 50 30.42 21.40 2.10
N ARG E 51 29.92 20.20 2.40
CA ARG E 51 30.46 19.36 3.47
C ARG E 51 31.62 18.50 2.97
N ASP E 52 32.66 18.37 3.79
CA ASP E 52 33.81 17.51 3.47
C ASP E 52 33.43 16.06 3.21
N VAL E 53 34.18 15.41 2.33
CA VAL E 53 34.07 13.96 2.16
C VAL E 53 34.50 13.31 3.47
N PRO E 54 33.70 12.35 3.96
CA PRO E 54 34.07 11.63 5.18
C PRO E 54 35.41 10.90 5.03
N LEU E 57 37.27 8.25 2.95
CA LEU E 57 36.77 7.68 1.71
C LEU E 57 37.17 8.55 0.51
N ASP E 58 37.00 8.00 -0.70
CA ASP E 58 37.34 8.70 -1.94
C ASP E 58 36.15 9.49 -2.48
N PHE E 59 36.39 10.76 -2.84
CA PHE E 59 35.37 11.69 -3.33
C PHE E 59 34.31 11.05 -4.22
N HIS E 60 34.76 10.45 -5.31
CA HIS E 60 33.85 9.89 -6.31
C HIS E 60 33.24 8.58 -5.86
N GLN E 61 33.91 7.89 -4.97
CA GLN E 61 33.28 6.74 -4.33
C GLN E 61 32.18 7.20 -3.39
N SER E 62 32.46 8.27 -2.64
CA SER E 62 31.48 8.84 -1.72
C SER E 62 30.19 9.12 -2.44
N TRP E 63 30.28 9.85 -3.56
CA TRP E 63 29.10 10.24 -4.33
C TRP E 63 28.29 9.04 -4.84
N ARG E 64 29.00 7.98 -5.20
CA ARG E 64 28.37 6.80 -5.78
C ARG E 64 27.50 6.10 -4.76
N GLU E 65 27.95 6.13 -3.51
CA GLU E 65 27.20 5.51 -2.43
CA GLU E 65 27.20 5.51 -2.42
C GLU E 65 25.92 6.29 -2.14
N ILE E 66 26.03 7.62 -2.23
CA ILE E 66 24.89 8.53 -2.05
C ILE E 66 23.82 8.27 -3.11
N MET E 67 24.28 7.99 -4.33
CA MET E 67 23.37 7.67 -5.44
C MET E 67 22.69 6.32 -5.19
N ARG E 68 23.47 5.36 -4.71
CA ARG E 68 22.98 4.00 -4.50
C ARG E 68 22.00 3.89 -3.33
N GLN E 69 22.12 4.79 -2.36
CA GLN E 69 21.31 4.71 -1.15
C GLN E 69 20.14 5.70 -1.14
N ALA E 70 19.88 6.32 -2.29
CA ALA E 70 18.71 7.17 -2.44
C ALA E 70 17.55 6.34 -2.99
N PRO E 71 16.37 6.45 -2.37
CA PRO E 71 15.22 5.70 -2.88
C PRO E 71 14.77 6.20 -4.25
N HIS E 72 14.81 7.52 -4.44
CA HIS E 72 14.36 8.15 -5.67
C HIS E 72 15.51 8.89 -6.36
N PRO E 73 15.49 8.94 -7.70
CA PRO E 73 16.51 9.66 -8.48
C PRO E 73 16.55 11.16 -8.14
N LEU E 74 15.41 11.72 -7.79
CA LEU E 74 15.35 13.10 -7.32
C LEU E 74 15.00 13.17 -5.83
N MET E 75 15.95 13.68 -5.04
CA MET E 75 15.73 13.82 -3.60
C MET E 75 15.77 15.29 -3.18
N TRP E 76 15.53 15.55 -1.91
CA TRP E 76 15.44 16.92 -1.40
C TRP E 76 16.14 17.07 -0.05
N THR E 77 16.99 18.09 0.09
CA THR E 77 17.76 18.29 1.31
C THR E 77 17.34 19.55 2.06
N PRO E 78 17.30 19.49 3.38
CA PRO E 78 17.01 20.69 4.17
C PRO E 78 18.16 21.70 4.18
N HIS E 79 19.36 21.31 3.77
CA HIS E 79 20.47 22.25 3.85
C HIS E 79 20.45 23.32 2.75
N ASN E 80 21.14 24.43 3.03
CA ASN E 80 21.40 25.49 2.06
C ASN E 80 20.14 26.03 1.40
N GLY E 81 19.18 26.44 2.23
CA GLY E 81 17.91 26.98 1.76
C GLY E 81 16.86 25.94 1.46
N GLY E 82 17.29 24.68 1.35
CA GLY E 82 16.41 23.61 0.94
C GLY E 82 16.32 23.47 -0.57
N HIS E 83 16.79 22.36 -1.11
CA HIS E 83 16.75 22.18 -2.55
C HIS E 83 16.72 20.73 -2.99
N TRP E 84 16.28 20.54 -4.24
CA TRP E 84 16.27 19.23 -4.89
C TRP E 84 17.64 18.86 -5.43
N VAL E 85 17.87 17.55 -5.58
CA VAL E 85 19.12 17.03 -6.13
C VAL E 85 18.88 15.87 -7.11
N ALA E 86 19.45 15.96 -8.32
CA ALA E 86 19.40 14.87 -9.28
C ALA E 86 20.52 13.87 -9.01
N LEU E 87 20.16 12.60 -8.93
CA LEU E 87 21.12 11.59 -8.50
C LEU E 87 21.27 10.44 -9.49
N ARG E 88 20.85 10.66 -10.72
CA ARG E 88 21.09 9.72 -11.82
C ARG E 88 21.45 10.49 -13.08
N SER E 89 22.27 9.89 -13.93
CA SER E 89 22.87 10.56 -15.08
C SER E 89 21.87 11.28 -15.98
N ASP E 90 20.87 10.56 -16.48
CA ASP E 90 19.89 11.12 -17.40
C ASP E 90 19.15 12.30 -16.77
N LEU E 91 18.77 12.14 -15.51
CA LEU E 91 18.07 13.18 -14.78
C LEU E 91 18.94 14.45 -14.68
N ALA E 92 20.17 14.28 -14.22
CA ALA E 92 21.12 15.40 -14.12
C ALA E 92 21.29 16.14 -15.44
N GLU E 93 21.48 15.38 -16.53
CA GLU E 93 21.67 15.97 -17.84
C GLU E 93 20.47 16.80 -18.29
N THR E 94 19.26 16.30 -18.02
CA THR E 94 18.04 17.01 -18.39
C THR E 94 17.89 18.33 -17.64
N VAL E 95 18.14 18.33 -16.34
CA VAL E 95 18.06 19.53 -15.53
C VAL E 95 19.07 20.54 -16.03
N MET E 96 20.24 20.01 -16.35
CA MET E 96 21.36 20.78 -16.86
C MET E 96 21.04 21.50 -18.17
N SER E 97 20.23 20.86 -19.02
CA SER E 97 20.07 21.25 -20.41
C SER E 97 18.70 21.86 -20.72
N ASP E 98 17.66 21.36 -20.06
CA ASP E 98 16.29 21.73 -20.43
C ASP E 98 15.94 23.14 -19.95
N PHE E 99 16.39 24.13 -20.73
CA PHE E 99 16.21 25.52 -20.36
C PHE E 99 14.75 25.96 -20.35
N GLU E 100 13.89 25.20 -21.00
CA GLU E 100 12.46 25.54 -21.02
C GLU E 100 11.84 25.48 -19.62
N ARG E 101 12.38 24.64 -18.75
CA ARG E 101 11.86 24.50 -17.39
C ARG E 101 12.91 24.60 -16.28
N PHE E 102 14.18 24.49 -16.64
CA PHE E 102 15.27 24.67 -15.67
C PHE E 102 16.19 25.82 -16.10
N SER E 103 16.21 26.89 -15.32
CA SER E 103 16.80 28.16 -15.76
C SER E 103 18.13 28.47 -15.08
N ASN E 104 19.04 29.11 -15.81
CA ASN E 104 20.29 29.54 -15.20
C ASN E 104 20.17 30.88 -14.47
N HIS E 105 18.92 31.30 -14.23
CA HIS E 105 18.64 32.50 -13.43
C HIS E 105 19.35 32.44 -12.10
N THR E 106 19.42 31.23 -11.53
CA THR E 106 20.15 30.98 -10.29
C THR E 106 20.84 29.61 -10.36
N VAL E 107 22.13 29.55 -10.07
CA VAL E 107 22.83 28.26 -10.14
C VAL E 107 23.55 27.87 -8.84
N LEU E 108 23.37 28.65 -7.79
CA LEU E 108 24.09 28.40 -6.56
C LEU E 108 23.12 28.37 -5.40
N VAL E 109 23.36 27.47 -4.45
CA VAL E 109 22.57 27.44 -3.23
C VAL E 109 23.40 27.90 -2.03
N PRO E 110 22.74 28.53 -1.04
CA PRO E 110 21.30 28.84 -1.05
C PRO E 110 20.92 29.97 -2.01
N LYS E 111 19.76 29.80 -2.64
CA LYS E 111 19.26 30.71 -3.65
C LYS E 111 19.20 32.15 -3.15
N GLU E 112 18.75 32.33 -1.91
CA GLU E 112 18.46 33.65 -1.38
C GLU E 112 19.70 34.36 -0.86
N THR E 113 20.83 33.66 -0.80
CA THR E 113 22.08 34.30 -0.44
C THR E 113 23.06 34.30 -1.63
N ALA E 114 23.83 33.21 -1.75
CA ALA E 114 24.84 33.09 -2.79
C ALA E 114 24.24 33.12 -4.18
N GLY E 115 23.11 32.44 -4.36
CA GLY E 115 22.39 32.43 -5.62
C GLY E 115 22.11 33.81 -6.19
N GLU E 116 21.62 34.72 -5.36
CA GLU E 116 21.29 36.07 -5.81
C GLU E 116 22.57 36.88 -5.96
N ALA E 117 23.44 36.77 -4.96
CA ALA E 117 24.67 37.56 -4.92
C ALA E 117 25.55 37.37 -6.16
N TYR E 118 25.54 36.16 -6.72
CA TYR E 118 26.47 35.83 -7.81
C TYR E 118 25.80 35.78 -9.18
N ARG E 119 24.50 36.06 -9.23
CA ARG E 119 23.79 36.11 -10.50
C ARG E 119 24.34 37.21 -11.39
N LEU E 120 24.75 36.85 -12.59
CA LEU E 120 25.33 37.85 -13.49
C LEU E 120 25.11 37.49 -14.95
N ILE E 121 24.52 38.43 -15.68
CA ILE E 121 24.49 38.39 -17.13
C ILE E 121 25.93 38.34 -17.65
N PRO E 122 26.19 37.53 -18.70
CA PRO E 122 25.23 36.73 -19.46
C PRO E 122 25.19 35.24 -19.10
N LEU E 123 25.92 34.81 -18.08
CA LEU E 123 25.85 33.43 -17.62
C LEU E 123 24.48 33.07 -17.05
N SER E 124 23.80 34.07 -16.53
CA SER E 124 22.52 33.90 -15.86
C SER E 124 21.37 33.74 -16.84
N LEU E 125 21.63 34.00 -18.12
CA LEU E 125 20.60 33.96 -19.16
C LEU E 125 20.28 32.55 -19.68
N ASP E 126 19.06 32.38 -20.19
CA ASP E 126 18.64 31.19 -20.92
C ASP E 126 18.49 31.51 -22.40
N PRO E 127 18.53 30.47 -23.25
CA PRO E 127 18.16 30.68 -24.66
C PRO E 127 16.70 31.13 -24.77
N PRO E 128 16.37 31.97 -25.77
CA PRO E 128 17.28 32.36 -26.84
C PRO E 128 18.24 33.46 -26.46
N GLU E 129 18.00 34.10 -25.31
CA GLU E 129 18.77 35.28 -24.92
C GLU E 129 20.27 34.93 -24.80
N HIS E 130 20.55 33.79 -24.19
CA HIS E 130 21.92 33.34 -23.97
C HIS E 130 22.65 33.05 -25.28
N ARG E 131 21.91 32.61 -26.29
CA ARG E 131 22.47 32.13 -27.57
C ARG E 131 23.58 32.99 -28.19
N PRO E 132 23.36 34.31 -28.36
CA PRO E 132 24.45 35.10 -28.95
C PRO E 132 25.71 35.13 -28.08
N PHE E 133 25.53 35.06 -26.76
CA PHE E 133 26.68 35.12 -25.86
C PHE E 133 27.45 33.79 -25.88
N ARG E 134 26.72 32.69 -25.94
CA ARG E 134 27.35 31.38 -26.12
C ARG E 134 28.26 31.40 -27.35
N SER E 135 27.77 31.99 -28.43
CA SER E 135 28.58 32.07 -29.64
C SER E 135 29.84 32.91 -29.41
N LEU E 136 29.72 33.97 -28.63
CA LEU E 136 30.86 34.82 -28.35
C LEU E 136 31.92 34.09 -27.52
N LEU E 137 31.50 33.41 -26.45
CA LEU E 137 32.44 32.76 -25.54
C LEU E 137 33.18 31.62 -26.23
N ASN E 138 32.44 30.81 -26.98
CA ASN E 138 33.05 29.65 -27.61
C ASN E 138 33.97 30.07 -28.76
N GLU E 139 33.62 31.15 -29.46
CA GLU E 139 34.47 31.64 -30.54
C GLU E 139 35.78 32.18 -29.98
N ASN E 140 35.69 32.93 -28.89
CA ASN E 140 36.88 33.60 -28.43
C ASN E 140 37.84 32.78 -27.59
N LEU E 141 37.37 31.64 -27.06
CA LEU E 141 38.26 30.73 -26.33
C LEU E 141 38.53 29.49 -27.16
N GLY E 142 38.33 29.61 -28.47
CA GLY E 142 38.50 28.48 -29.36
C GLY E 142 39.95 28.31 -29.70
N PRO E 143 40.30 27.17 -30.33
CA PRO E 143 41.70 26.80 -30.63
C PRO E 143 42.47 27.89 -31.38
N LYS E 144 41.82 28.56 -32.34
CA LYS E 144 42.53 29.54 -33.17
C LYS E 144 42.96 30.78 -32.38
N PRO E 145 42.03 31.42 -31.64
CA PRO E 145 42.57 32.54 -30.83
C PRO E 145 43.44 32.09 -29.65
N LEU E 146 43.28 30.84 -29.20
CA LEU E 146 44.05 30.34 -28.05
C LEU E 146 45.48 29.90 -28.41
N ARG E 147 45.79 29.78 -29.70
CA ARG E 147 47.06 29.18 -30.12
C ARG E 147 48.35 29.72 -29.45
N PRO E 148 48.50 31.05 -29.34
CA PRO E 148 49.70 31.54 -28.65
C PRO E 148 49.73 31.21 -27.15
N ILE E 149 48.63 30.75 -26.58
CA ILE E 149 48.62 30.49 -25.15
C ILE E 149 49.35 29.17 -24.82
N GLU E 150 49.61 28.35 -25.82
CA GLU E 150 50.33 27.11 -25.55
C GLU E 150 51.71 27.43 -24.97
N GLN E 151 52.45 28.33 -25.60
CA GLN E 151 53.81 28.64 -25.12
C GLN E 151 53.75 29.39 -23.79
N VAL E 152 52.65 30.10 -23.53
CA VAL E 152 52.47 30.80 -22.27
C VAL E 152 52.36 29.81 -21.10
N VAL E 153 51.56 28.77 -21.30
CA VAL E 153 51.39 27.73 -20.29
C VAL E 153 52.69 26.97 -20.10
N THR E 154 53.35 26.64 -21.20
CA THR E 154 54.64 25.97 -21.13
C THR E 154 55.67 26.75 -20.32
N ASP E 155 55.88 28.03 -20.63
CA ASP E 155 56.92 28.78 -19.93
C ASP E 155 56.60 28.93 -18.45
N LEU E 156 55.31 28.98 -18.12
CA LEU E 156 54.91 29.16 -16.74
C LEU E 156 55.08 27.87 -15.95
N ALA E 157 54.55 26.79 -16.51
CA ALA E 157 54.70 25.45 -15.92
C ALA E 157 56.17 25.13 -15.66
N VAL E 158 57.00 25.33 -16.67
CA VAL E 158 58.43 25.02 -16.58
C VAL E 158 59.10 25.84 -15.47
N SER E 159 58.83 27.12 -15.43
CA SER E 159 59.38 27.99 -14.38
C SER E 159 59.00 27.53 -12.97
N LEU E 160 57.74 27.16 -12.79
CA LEU E 160 57.26 26.74 -11.48
C LEU E 160 57.93 25.43 -11.10
N ILE E 161 57.92 24.50 -12.04
CA ILE E 161 58.55 23.20 -11.78
C ILE E 161 60.03 23.32 -11.45
N GLU E 162 60.79 24.08 -12.24
CA GLU E 162 62.22 24.23 -11.95
C GLU E 162 62.46 24.94 -10.63
N GLY E 163 61.52 25.79 -10.23
CA GLY E 163 61.61 26.47 -8.94
C GLY E 163 61.67 25.55 -7.73
N PHE E 164 60.71 24.63 -7.60
CA PHE E 164 60.70 23.76 -6.41
C PHE E 164 61.37 22.40 -6.63
N ARG E 165 61.73 22.08 -7.87
CA ARG E 165 62.32 20.77 -8.17
C ARG E 165 63.52 20.45 -7.25
N PRO E 166 64.40 21.43 -6.96
CA PRO E 166 65.52 21.03 -6.10
C PRO E 166 65.13 20.73 -4.64
N LYS E 167 63.93 21.12 -4.19
CA LYS E 167 63.49 20.81 -2.83
C LYS E 167 63.09 19.35 -2.57
N GLY E 168 62.71 18.63 -3.62
CA GLY E 168 62.32 17.24 -3.50
C GLY E 168 60.93 17.08 -2.93
N ARG E 169 60.20 18.18 -2.84
CA ARG E 169 58.84 18.17 -2.29
C ARG E 169 58.18 19.50 -2.55
N CYS E 170 56.85 19.49 -2.66
CA CYS E 170 56.08 20.72 -2.78
C CYS E 170 54.63 20.51 -2.39
N ASN E 171 53.99 21.57 -1.89
CA ASN E 171 52.55 21.57 -1.79
C ASN E 171 52.00 21.79 -3.18
N PHE E 172 51.45 20.74 -3.81
CA PHE E 172 51.07 20.83 -5.22
C PHE E 172 50.03 21.91 -5.48
N THR E 173 49.00 21.95 -4.64
CA THR E 173 47.95 22.95 -4.80
C THR E 173 48.46 24.38 -4.71
N HIS E 174 49.13 24.73 -3.62
CA HIS E 174 49.58 26.11 -3.42
C HIS E 174 50.81 26.50 -4.25
N GLU E 175 51.74 25.58 -4.48
CA GLU E 175 53.00 25.95 -5.13
C GLU E 175 52.98 25.79 -6.64
N PHE E 176 51.99 25.06 -7.16
CA PHE E 176 51.91 24.86 -8.60
C PHE E 176 50.54 25.19 -9.15
N ALA E 177 49.53 24.43 -8.77
CA ALA E 177 48.24 24.49 -9.44
C ALA E 177 47.61 25.88 -9.35
N GLU E 178 47.66 26.49 -8.17
CA GLU E 178 47.03 27.80 -7.99
C GLU E 178 47.81 28.90 -8.65
N GLN E 179 49.02 28.58 -9.11
CA GLN E 179 49.87 29.61 -9.68
C GLN E 179 49.60 29.82 -11.17
N LEU E 180 48.78 28.96 -11.76
CA LEU E 180 48.58 28.96 -13.22
C LEU E 180 47.41 29.83 -13.72
N PRO E 181 46.19 29.64 -13.17
CA PRO E 181 45.06 30.19 -13.95
C PRO E 181 44.95 31.71 -14.07
N VAL E 182 45.38 32.52 -13.11
CA VAL E 182 45.14 33.95 -13.32
CA VAL E 182 45.21 33.98 -13.24
C VAL E 182 46.22 34.52 -14.25
N ARG E 183 47.46 34.04 -14.15
CA ARG E 183 48.51 34.44 -15.08
C ARG E 183 48.11 34.09 -16.51
N ILE E 184 47.48 32.93 -16.69
CA ILE E 184 47.00 32.52 -18.01
C ILE E 184 45.85 33.43 -18.50
N PHE E 185 44.86 33.69 -17.65
CA PHE E 185 43.82 34.67 -17.96
C PHE E 185 44.40 36.02 -18.44
N MET E 186 45.40 36.49 -17.72
CA MET E 186 46.00 37.79 -17.99
C MET E 186 46.64 37.86 -19.35
N ARG E 187 47.14 36.74 -19.84
CA ARG E 187 47.71 36.71 -21.17
CA ARG E 187 47.71 36.71 -21.17
C ARG E 187 46.61 36.63 -22.23
N ILE E 188 45.49 36.00 -21.88
CA ILE E 188 44.38 35.85 -22.82
C ILE E 188 43.76 37.25 -23.08
N VAL E 189 43.60 38.05 -22.03
CA VAL E 189 43.07 39.40 -22.23
C VAL E 189 44.15 40.49 -22.23
N ASP E 190 45.43 40.10 -22.20
CA ASP E 190 46.56 41.03 -22.24
C ASP E 190 46.54 42.10 -21.12
N LEU E 191 46.71 41.67 -19.88
CA LEU E 191 46.85 42.59 -18.76
C LEU E 191 48.31 42.60 -18.32
N PRO E 192 48.81 43.75 -17.80
CA PRO E 192 50.21 43.82 -17.38
C PRO E 192 50.54 42.86 -16.23
N VAL E 193 51.70 42.23 -16.30
CA VAL E 193 52.07 41.21 -15.33
C VAL E 193 52.14 41.79 -13.92
N GLU E 194 52.40 43.10 -13.84
CA GLU E 194 52.36 43.85 -12.59
C GLU E 194 51.06 43.72 -11.78
N ASP E 195 49.96 43.46 -12.47
CA ASP E 195 48.64 43.44 -11.83
C ASP E 195 48.28 42.09 -11.25
N LEU E 196 49.18 41.13 -11.38
CA LEU E 196 48.87 39.75 -10.96
C LEU E 196 48.40 39.66 -9.50
N PRO E 197 49.16 40.20 -8.53
CA PRO E 197 48.68 40.04 -7.15
C PRO E 197 47.30 40.63 -6.90
N LYS E 198 47.03 41.78 -7.50
CA LYS E 198 45.73 42.42 -7.37
C LYS E 198 44.61 41.55 -7.94
N LEU E 199 44.81 40.99 -9.12
CA LEU E 199 43.74 40.20 -9.72
C LEU E 199 43.48 38.93 -8.95
N LYS E 200 44.55 38.28 -8.50
CA LYS E 200 44.42 37.05 -7.72
C LYS E 200 43.67 37.35 -6.44
N HIS E 201 43.99 38.49 -5.84
CA HIS E 201 43.30 38.96 -4.64
C HIS E 201 41.79 39.14 -4.89
N LEU E 202 41.45 39.89 -5.92
CA LEU E 202 40.05 40.11 -6.27
C LEU E 202 39.35 38.80 -6.66
N ALA E 203 40.07 37.89 -7.34
CA ALA E 203 39.46 36.62 -7.74
C ALA E 203 39.15 35.79 -6.51
N ASP E 204 40.08 35.80 -5.56
CA ASP E 204 39.95 35.03 -4.34
C ASP E 204 38.84 35.58 -3.44
N GLN E 205 38.78 36.90 -3.30
CA GLN E 205 37.77 37.53 -2.46
C GLN E 205 36.36 37.48 -3.07
N TYR E 206 36.28 37.20 -4.37
CA TYR E 206 35.01 37.04 -5.08
C TYR E 206 34.44 35.64 -4.85
N THR E 207 35.28 34.62 -4.97
CA THR E 207 34.82 33.24 -4.90
C THR E 207 34.77 32.70 -3.47
N ARG E 208 35.63 33.22 -2.61
CA ARG E 208 35.58 32.86 -1.19
C ARG E 208 35.78 34.10 -0.32
N PRO E 209 34.73 34.92 -0.18
CA PRO E 209 34.79 36.16 0.61
C PRO E 209 34.86 35.88 2.12
N ASP E 210 35.41 36.82 2.88
CA ASP E 210 35.66 36.58 4.30
C ASP E 210 35.29 37.75 5.21
N GLY E 211 35.21 38.95 4.66
CA GLY E 211 34.84 40.11 5.43
C GLY E 211 36.01 41.05 5.71
N PRO E 214 32.05 43.19 2.58
CA PRO E 214 32.50 43.22 1.19
C PRO E 214 31.55 42.47 0.24
N LEU E 215 32.11 41.66 -0.65
CA LEU E 215 31.40 40.90 -1.68
C LEU E 215 30.89 41.78 -2.81
N ASP E 216 30.21 42.86 -2.48
CA ASP E 216 29.81 43.86 -3.49
C ASP E 216 30.96 44.80 -3.76
N ASP E 217 31.77 45.04 -2.73
CA ASP E 217 32.89 45.96 -2.83
C ASP E 217 34.08 45.37 -3.58
N VAL E 218 34.13 44.04 -3.72
CA VAL E 218 35.19 43.44 -4.53
C VAL E 218 34.84 43.54 -6.01
N THR E 219 33.55 43.33 -6.34
CA THR E 219 33.08 43.44 -7.70
C THR E 219 33.22 44.88 -8.18
N LYS E 220 32.85 45.81 -7.30
CA LYS E 220 33.06 47.23 -7.51
C LYS E 220 34.51 47.48 -7.91
N GLN E 221 35.44 46.85 -7.18
CA GLN E 221 36.85 46.96 -7.47
C GLN E 221 37.23 46.28 -8.79
N PHE E 222 36.60 45.14 -9.09
CA PHE E 222 36.78 44.47 -10.37
C PHE E 222 36.41 45.39 -11.52
N ARG E 223 35.25 46.04 -11.40
CA ARG E 223 34.82 46.97 -12.45
C ARG E 223 35.68 48.19 -12.52
N GLU E 224 36.13 48.67 -11.35
CA GLU E 224 37.00 49.84 -11.32
C GLU E 224 38.32 49.51 -12.01
N TYR E 225 38.74 48.26 -11.88
CA TYR E 225 39.99 47.80 -12.49
C TYR E 225 39.84 47.61 -14.00
N LEU E 226 38.74 46.96 -14.39
CA LEU E 226 38.54 46.57 -15.78
C LEU E 226 38.01 47.71 -16.67
N ARG E 227 37.32 48.69 -16.09
CA ARG E 227 36.63 49.67 -16.92
C ARG E 227 37.61 50.51 -17.75
N PRO E 228 38.68 51.04 -17.13
CA PRO E 228 39.73 51.72 -17.90
C PRO E 228 40.40 50.88 -18.97
N VAL E 229 40.54 49.57 -18.77
CA VAL E 229 41.19 48.73 -19.77
C VAL E 229 40.27 48.53 -20.95
N ILE E 230 38.99 48.28 -20.68
CA ILE E 230 38.02 48.09 -21.74
C ILE E 230 37.95 49.36 -22.57
N GLU E 231 37.95 50.49 -21.89
CA GLU E 231 38.00 51.80 -22.55
C GLU E 231 39.22 51.93 -23.45
N ALA E 232 40.39 51.56 -22.94
CA ALA E 232 41.62 51.63 -23.71
C ALA E 232 41.53 50.81 -25.02
N ARG E 233 40.94 49.62 -24.94
CA ARG E 233 40.87 48.72 -26.09
C ARG E 233 39.85 49.17 -27.13
N ARG E 234 38.86 49.97 -26.74
CA ARG E 234 37.99 50.61 -27.71
C ARG E 234 38.77 51.67 -28.48
N ILE E 235 39.62 52.40 -27.76
CA ILE E 235 40.47 53.42 -28.36
C ILE E 235 41.57 52.79 -29.22
N LYS E 236 42.18 51.73 -28.73
CA LYS E 236 43.26 51.07 -29.47
C LYS E 236 43.18 49.56 -29.30
N PRO E 237 42.41 48.89 -30.18
CA PRO E 237 42.22 47.44 -30.09
C PRO E 237 43.48 46.65 -30.43
N GLY E 238 43.67 45.52 -29.77
CA GLY E 238 44.77 44.63 -30.09
C GLY E 238 44.26 43.32 -30.66
N GLU E 239 44.93 42.22 -30.32
CA GLU E 239 44.53 40.88 -30.75
C GLU E 239 43.99 40.05 -29.57
N ASP E 240 43.94 40.69 -28.41
CA ASP E 240 43.53 40.03 -27.16
C ASP E 240 42.01 39.80 -27.08
N MET E 241 41.57 39.09 -26.03
CA MET E 241 40.16 38.71 -25.96
C MET E 241 39.22 39.90 -25.78
N ILE E 242 39.62 40.89 -24.98
CA ILE E 242 38.76 42.06 -24.76
C ILE E 242 38.49 42.77 -26.09
N SER E 243 39.55 43.03 -26.85
CA SER E 243 39.45 43.69 -28.16
C SER E 243 38.57 42.91 -29.13
N ARG E 244 38.70 41.59 -29.15
CA ARG E 244 37.91 40.75 -30.06
C ARG E 244 36.44 40.80 -29.69
N MET E 245 36.14 40.84 -28.39
CA MET E 245 34.77 40.87 -27.91
C MET E 245 34.08 42.20 -28.15
N ILE E 246 34.73 43.28 -27.76
CA ILE E 246 34.15 44.62 -27.86
C ILE E 246 33.91 45.04 -29.31
N ASN E 247 34.67 44.48 -30.24
CA ASN E 247 34.48 44.77 -31.65
C ASN E 247 33.75 43.64 -32.36
N GLY E 248 33.55 42.53 -31.65
CA GLY E 248 32.70 41.46 -32.12
C GLY E 248 31.24 41.84 -31.95
N GLU E 249 30.34 40.96 -32.34
CA GLU E 249 28.92 41.28 -32.27
C GLU E 249 28.13 40.24 -31.47
N VAL E 250 27.06 40.72 -30.84
CA VAL E 250 26.07 39.84 -30.22
C VAL E 250 24.69 40.36 -30.60
N GLY E 251 23.91 39.54 -31.30
CA GLY E 251 22.71 40.02 -31.94
C GLY E 251 23.10 41.03 -33.00
N GLY E 252 22.58 42.24 -32.88
CA GLY E 252 22.95 43.32 -33.79
C GLY E 252 24.40 43.72 -33.67
N LEU E 255 28.80 45.21 -27.99
CA LEU E 255 28.92 44.75 -26.60
C LEU E 255 28.94 45.91 -25.63
N THR E 256 28.02 45.88 -24.66
CA THR E 256 27.99 46.86 -23.59
C THR E 256 29.22 46.75 -22.71
N ASP E 257 29.72 47.90 -22.24
CA ASP E 257 30.83 47.94 -21.29
C ASP E 257 30.64 47.03 -20.09
N ILE E 258 29.43 47.04 -19.54
CA ILE E 258 29.10 46.21 -18.39
C ILE E 258 29.10 44.73 -18.75
N GLU E 259 28.56 44.41 -19.92
CA GLU E 259 28.54 43.04 -20.42
C GLU E 259 29.97 42.53 -20.57
N ALA E 260 30.83 43.38 -21.14
CA ALA E 260 32.24 43.08 -21.34
C ALA E 260 32.95 42.91 -20.00
N GLU E 261 32.60 43.76 -19.04
CA GLU E 261 33.15 43.67 -17.68
C GLU E 261 32.75 42.36 -17.04
N ASN E 262 31.46 42.04 -17.11
CA ASN E 262 30.95 40.80 -16.52
C ASN E 262 31.63 39.57 -17.08
N ILE E 263 31.81 39.56 -18.40
CA ILE E 263 32.37 38.42 -19.09
C ILE E 263 33.82 38.18 -18.64
N CYS E 264 34.62 39.25 -18.51
CA CYS E 264 35.98 39.11 -17.99
C CYS E 264 35.99 38.46 -16.60
N ILE E 265 35.09 38.92 -15.73
CA ILE E 265 34.94 38.32 -14.40
C ILE E 265 34.67 36.86 -14.49
N GLN E 266 33.64 36.54 -15.28
CA GLN E 266 33.19 35.16 -15.41
C GLN E 266 34.23 34.24 -16.02
N VAL E 267 34.97 34.72 -17.02
CA VAL E 267 36.02 33.93 -17.65
C VAL E 267 37.18 33.69 -16.69
N LEU E 268 37.55 34.72 -15.93
CA LEU E 268 38.62 34.59 -14.94
C LEU E 268 38.23 33.61 -13.83
N VAL E 269 37.05 33.76 -13.26
CA VAL E 269 36.66 32.88 -12.16
C VAL E 269 36.28 31.47 -12.64
N GLY E 270 35.80 31.37 -13.87
CA GLY E 270 35.37 30.09 -14.43
C GLY E 270 36.49 29.09 -14.68
N GLY E 271 37.68 29.60 -14.95
CA GLY E 271 38.84 28.77 -15.22
C GLY E 271 39.81 28.64 -14.05
N LEU E 272 39.38 29.09 -12.87
CA LEU E 272 40.28 29.11 -11.72
C LEU E 272 40.16 27.84 -10.85
N ASP E 273 39.12 27.75 -10.00
CA ASP E 273 38.97 26.62 -9.10
C ASP E 273 38.79 25.32 -9.88
N THR E 274 38.08 25.40 -10.99
CA THR E 274 37.92 24.24 -11.89
C THR E 274 39.28 23.64 -12.26
N VAL E 275 40.15 24.45 -12.85
CA VAL E 275 41.45 23.96 -13.31
C VAL E 275 42.35 23.57 -12.16
N VAL E 276 42.35 24.36 -11.08
CA VAL E 276 43.17 24.04 -9.91
C VAL E 276 42.76 22.69 -9.29
N ASN E 277 41.45 22.50 -9.15
CA ASN E 277 40.93 21.29 -8.53
C ASN E 277 41.07 20.06 -9.44
N MET E 278 40.92 20.26 -10.75
CA MET E 278 41.08 19.16 -11.70
C MET E 278 42.53 18.70 -11.72
N LEU E 279 43.49 19.62 -11.75
CA LEU E 279 44.90 19.24 -11.65
C LEU E 279 45.18 18.48 -10.36
N GLY E 280 44.55 18.94 -9.28
CA GLY E 280 44.62 18.30 -7.98
C GLY E 280 44.20 16.84 -7.99
N PHE E 281 43.11 16.53 -8.65
CA PHE E 281 42.68 15.14 -8.74
C PHE E 281 43.61 14.34 -9.62
N THR E 282 44.05 14.98 -10.68
CA THR E 282 44.92 14.38 -11.67
C THR E 282 46.23 13.95 -11.04
N PHE E 283 46.92 14.85 -10.35
CA PHE E 283 48.27 14.52 -9.87
C PHE E 283 48.26 13.75 -8.55
N SER E 284 47.23 13.93 -7.73
CA SER E 284 47.09 13.05 -6.57
C SER E 284 46.83 11.63 -7.05
N HIS E 285 46.05 11.47 -8.12
CA HIS E 285 45.82 10.13 -8.67
C HIS E 285 47.11 9.55 -9.24
N LEU E 286 47.86 10.35 -9.99
CA LEU E 286 49.14 9.86 -10.51
C LEU E 286 50.13 9.48 -9.42
N ALA E 287 50.09 10.21 -8.31
CA ALA E 287 50.97 9.90 -7.19
C ALA E 287 50.60 8.56 -6.52
N LYS E 288 49.32 8.18 -6.62
CA LYS E 288 48.85 6.94 -6.00
C LYS E 288 48.88 5.73 -6.94
N ASP E 289 48.59 5.98 -8.22
CA ASP E 289 48.58 4.96 -9.26
C ASP E 289 49.98 4.79 -9.87
N HIS E 290 50.84 4.06 -9.17
CA HIS E 290 52.24 3.92 -9.58
C HIS E 290 52.38 3.38 -11.01
N ALA E 291 51.56 2.39 -11.35
CA ALA E 291 51.64 1.78 -12.67
C ALA E 291 51.35 2.79 -13.77
N LEU E 292 50.31 3.61 -13.57
CA LEU E 292 49.93 4.63 -14.54
C LEU E 292 51.01 5.70 -14.69
N ARG E 293 51.48 6.19 -13.56
CA ARG E 293 52.54 7.20 -13.53
C ARG E 293 53.80 6.74 -14.29
N ARG E 294 54.22 5.50 -14.04
CA ARG E 294 55.46 5.00 -14.65
C ARG E 294 55.29 4.71 -16.15
N ALA E 295 54.08 4.33 -16.55
CA ALA E 295 53.76 4.19 -17.97
C ALA E 295 53.91 5.51 -18.71
N ILE E 296 53.34 6.57 -18.15
CA ILE E 296 53.41 7.88 -18.79
C ILE E 296 54.84 8.45 -18.77
N ALA E 297 55.59 8.17 -17.71
CA ALA E 297 56.94 8.70 -17.61
C ALA E 297 57.81 8.17 -18.74
N ALA E 298 57.60 6.91 -19.10
CA ALA E 298 58.40 6.29 -20.15
C ALA E 298 57.85 6.60 -21.54
N ASP E 299 56.55 6.88 -21.62
CA ASP E 299 55.92 7.14 -22.93
C ASP E 299 54.98 8.36 -22.91
N PRO E 300 55.51 9.54 -23.23
CA PRO E 300 54.71 10.78 -23.24
C PRO E 300 53.62 10.80 -24.32
N SER E 301 53.70 9.91 -25.31
CA SER E 301 52.66 9.84 -26.35
C SER E 301 51.33 9.42 -25.74
N LEU E 302 51.37 8.85 -24.54
CA LEU E 302 50.16 8.39 -23.87
C LEU E 302 49.34 9.51 -23.27
N ILE E 303 49.88 10.72 -23.26
CA ILE E 303 49.26 11.80 -22.51
C ILE E 303 47.93 12.23 -23.13
N ASP E 304 47.87 12.25 -24.46
CA ASP E 304 46.65 12.61 -25.18
C ASP E 304 45.43 11.83 -24.70
N ASP E 305 45.56 10.51 -24.65
CA ASP E 305 44.46 9.66 -24.24
C ASP E 305 44.23 9.67 -22.72
N ALA E 306 45.31 9.79 -21.95
CA ALA E 306 45.20 9.85 -20.49
C ALA E 306 44.43 11.10 -20.05
N LEU E 307 44.76 12.23 -20.66
CA LEU E 307 44.06 13.50 -20.49
C LEU E 307 42.55 13.35 -20.59
N LEU E 308 42.09 12.71 -21.66
CA LEU E 308 40.67 12.43 -21.83
C LEU E 308 40.11 11.58 -20.70
N GLU E 309 40.90 10.63 -20.22
CA GLU E 309 40.41 9.74 -19.16
C GLU E 309 40.39 10.45 -17.81
N PHE E 310 41.37 11.32 -17.55
CA PHE E 310 41.30 12.17 -16.35
C PHE E 310 40.01 12.99 -16.31
N PHE E 311 39.67 13.63 -17.43
CA PHE E 311 38.44 14.42 -17.46
C PHE E 311 37.21 13.53 -17.27
N ARG E 312 37.26 12.30 -17.77
CA ARG E 312 36.11 11.41 -17.64
C ARG E 312 35.95 10.93 -16.21
N ARG E 313 37.08 10.72 -15.55
CA ARG E 313 37.11 9.99 -14.28
C ARG E 313 36.91 10.91 -13.07
N PHE E 314 37.23 12.18 -13.24
CA PHE E 314 37.23 13.10 -12.09
C PHE E 314 36.37 14.33 -12.30
N PRO E 315 35.06 14.13 -12.58
CA PRO E 315 34.21 15.33 -12.68
C PRO E 315 34.18 16.06 -11.34
N VAL E 316 34.04 17.40 -11.36
CA VAL E 316 34.16 18.18 -10.14
C VAL E 316 33.04 19.21 -9.88
N VAL E 317 32.36 19.66 -10.93
CA VAL E 317 31.38 20.77 -10.81
C VAL E 317 29.98 20.32 -10.40
N SER E 318 29.37 21.02 -9.45
CA SER E 318 27.95 20.82 -9.13
C SER E 318 27.18 22.11 -9.35
N SER E 319 26.51 22.18 -10.49
CA SER E 319 25.70 23.33 -10.81
C SER E 319 24.27 23.05 -10.37
N ALA E 320 23.44 24.09 -10.38
CA ALA E 320 22.05 23.95 -10.02
C ALA E 320 21.22 24.75 -10.99
N ARG E 321 19.90 24.58 -10.92
CA ARG E 321 18.97 25.31 -11.77
C ARG E 321 17.76 25.78 -10.95
N GLU E 322 17.16 26.88 -11.38
CA GLU E 322 15.95 27.41 -10.76
C GLU E 322 14.72 26.91 -11.53
N VAL E 323 13.69 26.48 -10.79
CA VAL E 323 12.39 26.11 -11.38
C VAL E 323 11.63 27.37 -11.79
N LEU E 324 11.24 27.46 -13.05
CA LEU E 324 10.64 28.69 -13.56
C LEU E 324 9.15 28.81 -13.24
N ARG E 325 8.44 27.68 -13.28
CA ARG E 325 7.01 27.70 -13.00
C ARG E 325 6.61 26.38 -12.36
N ASP E 326 5.48 26.40 -11.64
CA ASP E 326 4.92 25.18 -11.07
C ASP E 326 4.78 24.11 -12.14
N GLN E 327 5.18 22.89 -11.80
CA GLN E 327 5.16 21.79 -12.75
C GLN E 327 5.35 20.45 -12.07
N GLU E 328 5.00 19.37 -12.79
CA GLU E 328 5.23 18.01 -12.34
C GLU E 328 6.55 17.49 -12.91
N PHE E 329 7.30 16.77 -12.09
CA PHE E 329 8.62 16.28 -12.50
C PHE E 329 9.14 15.19 -11.58
N GLU E 330 9.41 14.01 -12.14
CA GLU E 330 9.99 12.88 -11.39
C GLU E 330 9.16 12.47 -10.17
N GLY E 331 7.86 12.33 -10.35
CA GLY E 331 6.99 11.88 -9.28
C GLY E 331 6.66 12.91 -8.21
N VAL E 332 7.23 14.11 -8.30
CA VAL E 332 6.91 15.16 -7.32
C VAL E 332 6.37 16.41 -7.99
N LEU E 333 5.97 17.37 -7.17
CA LEU E 333 5.45 18.63 -7.68
C LEU E 333 6.39 19.78 -7.32
N LEU E 334 7.06 20.32 -8.33
CA LEU E 334 8.01 21.41 -8.12
C LEU E 334 7.30 22.76 -8.04
N LYS E 335 7.56 23.51 -7.00
CA LYS E 335 7.08 24.88 -6.91
C LYS E 335 7.99 25.79 -7.72
N ALA E 336 7.44 26.88 -8.24
CA ALA E 336 8.27 27.89 -8.89
C ALA E 336 9.20 28.49 -7.85
N GLY E 337 10.44 28.72 -8.24
CA GLY E 337 11.45 29.24 -7.33
C GLY E 337 12.24 28.15 -6.62
N ASP E 338 11.81 26.91 -6.75
CA ASP E 338 12.54 25.77 -6.19
C ASP E 338 13.92 25.65 -6.84
N MET E 339 14.87 25.06 -6.13
CA MET E 339 16.21 24.86 -6.68
C MET E 339 16.47 23.38 -6.91
N VAL E 340 16.98 23.07 -8.10
CA VAL E 340 17.39 21.71 -8.47
C VAL E 340 18.88 21.63 -8.79
N MET E 341 19.62 20.90 -7.97
CA MET E 341 21.05 20.69 -8.20
C MET E 341 21.28 19.47 -9.09
N ALA E 342 22.14 19.64 -10.10
CA ALA E 342 22.41 18.58 -11.07
C ALA E 342 23.89 18.39 -11.29
N PRO E 343 24.57 17.68 -10.38
CA PRO E 343 26.03 17.52 -10.44
C PRO E 343 26.53 16.78 -11.68
N THR E 344 27.59 17.31 -12.28
CA THR E 344 28.26 16.61 -13.35
C THR E 344 28.76 15.26 -12.84
N VAL E 345 29.05 15.20 -11.55
CA VAL E 345 29.61 14.01 -10.93
C VAL E 345 28.75 12.75 -11.13
N VAL E 346 27.43 12.90 -10.95
CA VAL E 346 26.53 11.74 -11.01
C VAL E 346 26.34 11.23 -12.44
N VAL E 347 26.80 12.01 -13.42
CA VAL E 347 26.70 11.62 -14.82
C VAL E 347 27.73 10.54 -15.13
N ALA E 348 29.00 10.90 -14.93
CA ALA E 348 30.11 10.01 -15.23
C ALA E 348 30.09 8.77 -14.34
N MET E 349 29.68 8.98 -13.09
CA MET E 349 29.75 7.91 -12.11
C MET E 349 28.53 6.99 -12.15
N ASP E 350 27.62 7.21 -13.10
CA ASP E 350 26.45 6.33 -13.22
C ASP E 350 26.83 5.02 -13.93
N ASP E 351 26.48 3.90 -13.32
CA ASP E 351 26.84 2.58 -13.85
C ASP E 351 26.20 2.29 -15.19
N ALA E 352 25.08 2.95 -15.46
CA ALA E 352 24.42 2.81 -16.76
C ALA E 352 25.19 3.55 -17.82
N ARG E 353 25.97 4.55 -17.41
CA ARG E 353 26.65 5.31 -18.44
C ARG E 353 28.13 4.99 -18.65
N ASN E 354 28.89 4.45 -17.69
CA ASN E 354 30.17 3.90 -18.15
C ASN E 354 30.42 2.63 -17.40
N GLU E 355 31.18 1.73 -18.03
CA GLU E 355 31.61 0.46 -17.43
C GLU E 355 32.73 0.63 -16.41
N ASP E 356 32.46 0.27 -15.15
CA ASP E 356 33.41 0.45 -14.05
C ASP E 356 33.93 1.87 -14.04
N PRO E 357 33.06 2.83 -13.68
CA PRO E 357 33.43 4.25 -13.78
C PRO E 357 34.60 4.67 -12.89
N LEU E 358 34.77 4.00 -11.74
CA LEU E 358 35.82 4.39 -10.81
C LEU E 358 37.19 3.93 -11.31
N GLU E 359 37.20 3.15 -12.37
CA GLU E 359 38.43 2.60 -12.92
C GLU E 359 39.06 3.54 -13.94
N PHE E 360 40.30 3.94 -13.68
CA PHE E 360 41.07 4.70 -14.65
C PHE E 360 41.58 3.78 -15.75
N ARG E 361 41.07 3.97 -16.96
CA ARG E 361 41.36 3.10 -18.08
C ARG E 361 41.84 3.86 -19.33
N LEU E 362 43.04 3.50 -19.80
CA LEU E 362 43.57 4.08 -21.03
C LEU E 362 43.06 3.37 -22.29
N GLY E 363 42.57 2.14 -22.15
CA GLY E 363 42.06 1.44 -23.31
C GLY E 363 40.60 1.75 -23.59
N ARG E 364 40.10 2.82 -22.98
CA ARG E 364 38.65 3.04 -22.89
C ARG E 364 38.02 3.50 -24.20
N LYS E 365 37.02 2.72 -24.63
CA LYS E 365 36.29 2.97 -25.87
C LYS E 365 35.11 3.92 -25.67
N ALA E 366 35.02 4.95 -26.51
CA ALA E 366 33.92 5.92 -26.50
C ALA E 366 33.55 6.37 -25.09
N ARG E 367 34.41 7.18 -24.48
CA ARG E 367 34.14 7.70 -23.14
C ARG E 367 32.89 8.58 -23.11
N GLN E 368 32.09 8.43 -22.06
CA GLN E 368 30.90 9.26 -21.90
C GLN E 368 30.90 10.02 -20.58
N HIS E 369 30.68 11.32 -20.66
CA HIS E 369 30.58 12.16 -19.46
C HIS E 369 30.08 13.57 -19.76
N SER E 370 29.85 14.33 -18.69
CA SER E 370 29.47 15.73 -18.82
CA SER E 370 29.46 15.72 -18.82
C SER E 370 30.25 16.60 -17.85
N THR E 371 31.56 16.37 -17.75
CA THR E 371 32.47 17.14 -16.90
C THR E 371 32.42 18.64 -17.28
N PHE E 372 32.14 18.91 -18.55
CA PHE E 372 32.05 20.29 -19.03
C PHE E 372 30.59 20.74 -19.18
N GLY E 373 29.67 19.90 -18.69
CA GLY E 373 28.26 20.27 -18.64
C GLY E 373 27.51 19.88 -19.90
N LYS E 374 26.27 20.35 -20.04
CA LYS E 374 25.51 20.06 -21.25
C LYS E 374 24.50 21.16 -21.59
N GLY E 375 24.25 21.34 -22.88
CA GLY E 375 23.28 22.33 -23.31
C GLY E 375 23.96 23.63 -23.68
N SER E 376 23.20 24.73 -23.59
CA SER E 376 23.70 26.01 -24.05
C SER E 376 24.89 26.48 -23.22
N HIS E 377 24.95 26.04 -21.96
CA HIS E 377 25.95 26.58 -21.05
C HIS E 377 27.22 25.73 -20.96
N THR E 378 27.37 24.80 -21.91
CA THR E 378 28.52 23.90 -21.94
C THR E 378 29.81 24.69 -21.99
N CYS E 379 30.76 24.28 -21.16
CA CYS E 379 31.97 25.06 -20.91
C CYS E 379 32.68 25.56 -22.18
N PRO E 380 32.78 26.88 -22.35
CA PRO E 380 33.54 27.42 -23.49
C PRO E 380 35.06 27.33 -23.28
N GLY E 381 35.47 26.99 -22.06
CA GLY E 381 36.88 26.95 -21.71
C GLY E 381 37.46 25.55 -21.74
N ALA E 382 36.66 24.63 -22.27
CA ALA E 382 37.07 23.23 -22.32
C ALA E 382 38.34 23.03 -23.14
N HIS E 383 38.46 23.72 -24.28
CA HIS E 383 39.65 23.65 -25.09
C HIS E 383 40.90 24.14 -24.33
N LEU E 384 40.77 25.26 -23.60
CA LEU E 384 41.88 25.79 -22.83
C LEU E 384 42.25 24.79 -21.73
N ALA E 385 41.24 24.26 -21.06
CA ALA E 385 41.47 23.29 -20.00
C ALA E 385 42.30 22.09 -20.49
N ARG E 386 41.93 21.52 -21.62
CA ARG E 386 42.66 20.39 -22.17
C ARG E 386 44.09 20.74 -22.56
N MET E 387 44.27 21.93 -23.12
CA MET E 387 45.61 22.39 -23.50
C MET E 387 46.49 22.55 -22.29
N GLU E 388 45.92 23.12 -21.23
CA GLU E 388 46.61 23.30 -19.96
C GLU E 388 47.02 21.95 -19.41
N MET E 389 46.09 20.99 -19.39
CA MET E 389 46.49 19.71 -18.82
C MET E 389 47.51 18.96 -19.68
N LYS E 390 47.42 19.08 -21.00
CA LYS E 390 48.39 18.46 -21.89
C LYS E 390 49.80 19.01 -21.62
N VAL E 391 49.90 20.32 -21.52
CA VAL E 391 51.20 20.97 -21.31
C VAL E 391 51.75 20.65 -19.92
N VAL E 392 50.89 20.67 -18.92
CA VAL E 392 51.35 20.44 -17.56
C VAL E 392 51.85 18.99 -17.41
N LEU E 393 51.06 18.05 -17.90
CA LEU E 393 51.44 16.64 -17.88
C LEU E 393 52.78 16.39 -18.58
N ARG E 394 52.94 16.96 -19.78
CA ARG E 394 54.19 16.86 -20.52
C ARG E 394 55.40 17.37 -19.77
N GLU E 395 55.31 18.59 -19.26
CA GLU E 395 56.45 19.25 -18.62
C GLU E 395 56.78 18.61 -17.29
N TRP E 396 55.72 18.29 -16.54
CA TRP E 396 55.91 17.64 -15.27
C TRP E 396 56.65 16.32 -15.47
N PHE E 397 56.16 15.48 -16.38
CA PHE E 397 56.76 14.16 -16.56
C PHE E 397 58.15 14.21 -17.19
N ALA E 398 58.48 15.29 -17.90
CA ALA E 398 59.85 15.43 -18.38
C ALA E 398 60.80 15.63 -17.20
N ARG E 399 60.37 16.42 -16.22
CA ARG E 399 61.27 16.92 -15.18
C ARG E 399 61.21 16.17 -13.84
N ILE E 400 60.03 15.65 -13.52
CA ILE E 400 59.80 14.89 -12.29
C ILE E 400 58.99 13.63 -12.64
N PRO E 401 59.69 12.64 -13.20
CA PRO E 401 59.04 11.43 -13.75
C PRO E 401 58.43 10.59 -12.65
N GLU E 402 59.07 10.60 -11.48
CA GLU E 402 58.70 9.72 -10.38
C GLU E 402 58.50 10.54 -9.12
N PHE E 403 57.34 10.34 -8.50
CA PHE E 403 56.91 11.15 -7.38
C PHE E 403 55.79 10.40 -6.69
N ARG E 404 55.48 10.79 -5.46
CA ARG E 404 54.36 10.19 -4.72
C ARG E 404 53.85 11.18 -3.68
N ILE E 405 52.73 10.85 -3.03
CA ILE E 405 52.26 11.66 -1.91
C ILE E 405 53.31 11.52 -0.83
N GLU E 406 53.61 12.59 -0.12
CA GLU E 406 54.61 12.52 0.93
C GLU E 406 54.15 11.53 2.01
N ASP E 407 55.05 10.60 2.37
CA ASP E 407 54.81 9.52 3.33
C ASP E 407 53.66 8.61 2.90
N ASP E 408 53.35 8.64 1.61
CA ASP E 408 52.19 7.95 1.03
C ASP E 408 50.93 8.17 1.89
N ALA E 409 50.78 9.38 2.42
CA ALA E 409 49.63 9.74 3.25
C ALA E 409 48.32 9.63 2.48
N PRO E 410 47.21 9.37 3.20
CA PRO E 410 45.99 9.24 2.40
C PRO E 410 45.48 10.61 1.89
N LEU E 411 44.62 10.56 0.87
CA LEU E 411 44.01 11.76 0.35
C LEU E 411 42.79 12.12 1.18
N ARG E 412 42.52 13.42 1.28
CA ARG E 412 41.33 13.91 1.93
C ARG E 412 40.64 14.79 0.92
N TYR E 413 39.32 14.97 1.05
CA TYR E 413 38.59 15.71 0.03
C TYR E 413 37.51 16.61 0.61
N SER E 414 37.15 17.61 -0.19
CA SER E 414 36.07 18.52 0.18
C SER E 414 35.04 18.61 -0.95
N ASN E 415 33.80 18.93 -0.58
CA ASN E 415 32.75 19.18 -1.56
C ASN E 415 32.45 20.66 -1.70
N GLY E 416 31.92 21.05 -2.85
CA GLY E 416 31.54 22.43 -3.06
C GLY E 416 31.05 22.59 -4.48
N ILE E 417 30.99 23.83 -4.96
CA ILE E 417 30.60 24.05 -6.35
C ILE E 417 31.63 23.37 -7.25
N VAL E 418 32.89 23.43 -6.81
CA VAL E 418 33.93 22.64 -7.43
C VAL E 418 34.54 21.72 -6.35
N GLY E 419 34.29 20.41 -6.45
CA GLY E 419 34.91 19.44 -5.56
C GLY E 419 36.44 19.50 -5.61
N SER E 420 37.10 18.99 -4.58
CA SER E 420 38.57 19.06 -4.52
C SER E 420 39.21 18.03 -3.60
N VAL E 421 40.46 17.70 -3.92
CA VAL E 421 41.36 17.05 -3.00
C VAL E 421 41.99 18.10 -2.10
N LYS E 422 41.96 17.86 -0.79
CA LYS E 422 42.56 18.79 0.17
C LYS E 422 44.07 18.86 -0.08
N PRO E 423 44.65 20.05 0.10
CA PRO E 423 46.04 20.32 -0.34
C PRO E 423 47.00 19.23 0.13
N PHE E 424 47.75 18.72 -0.82
CA PHE E 424 48.60 17.56 -0.57
C PHE E 424 50.03 17.84 -0.98
N VAL E 425 50.96 17.10 -0.39
CA VAL E 425 52.38 17.30 -0.64
C VAL E 425 52.93 16.18 -1.51
N LEU E 426 53.63 16.53 -2.58
CA LEU E 426 54.29 15.53 -3.40
C LEU E 426 55.75 15.49 -3.02
N GLU E 427 56.36 14.31 -3.09
CA GLU E 427 57.79 14.16 -2.88
C GLU E 427 58.45 13.37 -4.02
N TRP E 428 59.72 13.67 -4.32
CA TRP E 428 60.51 13.01 -5.36
C TRP E 428 61.99 13.03 -4.99
N PRO E 429 62.81 12.14 -5.59
CA PRO E 429 64.27 12.27 -5.52
C PRO E 429 64.76 13.31 -6.56
N VAL E 430 65.81 14.12 -6.38
CA VAL E 430 66.70 14.21 -5.24
C VAL E 430 66.59 15.60 -4.61
N GLU F 34 -0.81 10.19 25.36
CA GLU F 34 -2.23 10.47 25.52
C GLU F 34 -3.02 10.19 24.24
N ARG F 35 -2.42 9.47 23.30
CA ARG F 35 -3.10 9.09 22.06
C ARG F 35 -3.55 7.64 22.11
N PRO F 36 -4.86 7.41 22.30
CA PRO F 36 -5.46 6.07 22.47
C PRO F 36 -5.15 5.10 21.33
N ASP F 37 -5.44 3.82 21.58
CA ASP F 37 -5.15 2.76 20.62
C ASP F 37 -6.10 2.78 19.42
N ASN F 38 -7.25 3.43 19.56
CA ASN F 38 -8.23 3.46 18.48
C ASN F 38 -8.06 4.70 17.60
N VAL F 39 -7.05 5.50 17.90
CA VAL F 39 -6.80 6.71 17.14
C VAL F 39 -5.53 6.58 16.30
N PRO F 40 -5.70 6.29 15.00
CA PRO F 40 -4.55 6.20 14.09
C PRO F 40 -3.90 7.57 13.91
N ALA F 41 -2.57 7.58 13.86
CA ALA F 41 -1.82 8.83 13.72
C ALA F 41 -2.19 9.59 12.44
N ASP F 42 -2.84 8.91 11.51
CA ASP F 42 -3.26 9.51 10.24
C ASP F 42 -4.31 10.61 10.42
N ARG F 43 -5.08 10.54 11.49
CA ARG F 43 -6.19 11.47 11.68
C ARG F 43 -5.99 12.36 12.92
N VAL F 44 -4.73 12.51 13.31
CA VAL F 44 -4.32 13.42 14.36
C VAL F 44 -4.10 14.83 13.79
N PHE F 45 -4.43 15.85 14.58
CA PHE F 45 -4.24 17.22 14.17
C PHE F 45 -4.40 18.10 15.40
N ASP F 46 -3.80 19.28 15.37
CA ASP F 46 -3.81 20.17 16.51
C ASP F 46 -5.05 21.06 16.50
N PHE F 47 -6.08 20.65 17.22
CA PHE F 47 -7.31 21.45 17.26
C PHE F 47 -7.67 21.82 18.67
N ASP F 48 -7.84 23.12 18.89
CA ASP F 48 -8.21 23.61 20.20
C ASP F 48 -9.44 24.49 20.02
N ILE F 49 -10.62 23.96 20.32
CA ILE F 49 -11.87 24.72 20.12
C ILE F 49 -11.88 26.03 20.92
N TYR F 50 -10.96 26.18 21.87
CA TYR F 50 -10.96 27.37 22.71
C TYR F 50 -9.88 28.38 22.32
N ARG F 51 -9.11 28.06 21.28
CA ARG F 51 -7.98 28.86 20.86
C ARG F 51 -8.40 29.98 19.92
N ASP F 52 -7.82 31.16 20.08
CA ASP F 52 -8.16 32.29 19.21
C ASP F 52 -7.94 31.94 17.74
N VAL F 53 -8.67 32.63 16.88
CA VAL F 53 -8.42 32.62 15.44
C VAL F 53 -7.13 33.38 15.15
N PRO F 54 -6.24 32.78 14.35
CA PRO F 54 -4.98 33.41 13.97
C PRO F 54 -5.18 34.82 13.43
N GLU F 55 -4.38 35.75 13.96
CA GLU F 55 -4.47 37.17 13.61
C GLU F 55 -4.42 37.41 12.10
N GLY F 56 -5.38 38.18 11.59
CA GLY F 56 -5.44 38.48 10.16
C GLY F 56 -6.34 37.56 9.36
N LEU F 57 -6.81 36.47 9.97
CA LEU F 57 -7.72 35.57 9.28
C LEU F 57 -9.17 35.80 9.70
N ASP F 58 -10.10 35.49 8.82
CA ASP F 58 -11.53 35.53 9.16
C ASP F 58 -11.96 34.21 9.79
N PHE F 59 -12.67 34.29 10.93
CA PHE F 59 -13.22 33.13 11.64
C PHE F 59 -13.69 32.02 10.69
N HIS F 60 -14.65 32.35 9.83
CA HIS F 60 -15.25 31.30 9.01
C HIS F 60 -14.34 30.90 7.86
N GLN F 61 -13.48 31.82 7.40
CA GLN F 61 -12.42 31.45 6.46
C GLN F 61 -11.44 30.50 7.12
N SER F 62 -11.09 30.78 8.37
CA SER F 62 -10.20 29.94 9.16
C SER F 62 -10.73 28.52 9.26
N TRP F 63 -12.04 28.39 9.43
CA TRP F 63 -12.64 27.08 9.65
C TRP F 63 -12.60 26.19 8.39
N ARG F 64 -12.87 26.77 7.23
CA ARG F 64 -12.92 25.98 6.01
C ARG F 64 -11.56 25.41 5.64
N GLU F 65 -10.50 26.16 5.93
CA GLU F 65 -9.14 25.71 5.60
C GLU F 65 -8.59 24.81 6.70
N PRO F 73 -12.41 13.73 7.00
CA PRO F 73 -13.82 13.74 7.40
C PRO F 73 -13.97 13.77 8.92
N LEU F 74 -13.80 12.61 9.54
CA LEU F 74 -13.71 12.49 10.99
C LEU F 74 -12.24 12.38 11.40
N MET F 75 -11.81 13.31 12.25
CA MET F 75 -10.43 13.36 12.72
C MET F 75 -10.36 13.48 14.26
N TRP F 76 -9.16 13.54 14.83
CA TRP F 76 -9.02 13.49 16.29
C TRP F 76 -7.95 14.45 16.82
N THR F 77 -8.27 15.14 17.91
CA THR F 77 -7.34 16.10 18.49
C THR F 77 -6.91 15.70 19.89
N PRO F 78 -5.63 15.91 20.21
CA PRO F 78 -5.05 15.74 21.53
C PRO F 78 -5.66 16.66 22.58
N HIS F 79 -6.17 17.80 22.17
CA HIS F 79 -6.57 18.82 23.14
C HIS F 79 -7.88 18.49 23.86
N ASN F 80 -8.03 19.13 25.02
CA ASN F 80 -9.26 19.12 25.78
C ASN F 80 -9.74 17.70 26.08
N GLY F 81 -8.80 16.88 26.54
CA GLY F 81 -9.09 15.52 26.97
C GLY F 81 -8.94 14.51 25.86
N GLY F 82 -8.84 15.01 24.63
CA GLY F 82 -8.77 14.16 23.46
C GLY F 82 -10.15 13.83 22.91
N HIS F 83 -10.43 14.29 21.70
CA HIS F 83 -11.74 14.04 21.13
C HIS F 83 -11.76 14.09 19.61
N TRP F 84 -12.82 13.49 19.05
CA TRP F 84 -13.06 13.51 17.62
C TRP F 84 -13.70 14.82 17.19
N VAL F 85 -13.53 15.14 15.89
CA VAL F 85 -14.10 16.34 15.29
C VAL F 85 -14.69 16.03 13.92
N ALA F 86 -15.99 16.28 13.74
CA ALA F 86 -16.63 16.17 12.44
C ALA F 86 -16.26 17.37 11.58
N LEU F 87 -15.61 17.12 10.45
CA LEU F 87 -15.09 18.21 9.62
C LEU F 87 -15.73 18.30 8.25
N ARG F 88 -16.84 17.59 8.07
CA ARG F 88 -17.67 17.73 6.88
C ARG F 88 -19.12 17.96 7.28
N SER F 89 -19.88 18.57 6.39
CA SER F 89 -21.26 18.96 6.68
C SER F 89 -22.20 17.79 7.01
N ASP F 90 -22.22 16.78 6.16
CA ASP F 90 -23.11 15.63 6.36
CA ASP F 90 -23.12 15.64 6.37
C ASP F 90 -22.77 14.89 7.66
N LEU F 91 -21.50 14.65 7.89
CA LEU F 91 -21.02 13.98 9.10
C LEU F 91 -21.42 14.76 10.35
N ALA F 92 -21.25 16.08 10.28
CA ALA F 92 -21.61 16.98 11.36
C ALA F 92 -23.07 16.81 11.78
N GLU F 93 -23.97 16.95 10.80
CA GLU F 93 -25.40 16.79 11.03
C GLU F 93 -25.77 15.39 11.55
N THR F 94 -25.03 14.38 11.12
CA THR F 94 -25.26 13.01 11.58
C THR F 94 -24.98 12.84 13.07
N VAL F 95 -23.80 13.27 13.49
CA VAL F 95 -23.41 13.19 14.90
C VAL F 95 -24.39 14.02 15.74
N MET F 96 -24.76 15.17 15.17
CA MET F 96 -25.70 16.12 15.78
C MET F 96 -27.09 15.53 16.08
N SER F 97 -27.59 14.71 15.16
CA SER F 97 -28.96 14.21 15.22
CA SER F 97 -28.96 14.22 15.25
C SER F 97 -29.10 12.73 15.57
N ASP F 98 -28.05 11.93 15.34
CA ASP F 98 -28.18 10.48 15.56
C ASP F 98 -28.09 10.09 17.03
N PHE F 99 -29.20 10.28 17.74
CA PHE F 99 -29.23 10.01 19.18
C PHE F 99 -29.02 8.53 19.50
N GLU F 100 -29.39 7.66 18.56
CA GLU F 100 -29.20 6.23 18.71
C GLU F 100 -27.74 5.86 18.96
N ARG F 101 -26.82 6.71 18.51
CA ARG F 101 -25.38 6.46 18.63
C ARG F 101 -24.63 7.59 19.32
N PHE F 102 -25.09 8.83 19.13
CA PHE F 102 -24.42 10.01 19.68
C PHE F 102 -25.37 10.73 20.66
N SER F 103 -24.93 10.84 21.91
CA SER F 103 -25.82 11.17 23.02
C SER F 103 -25.52 12.53 23.62
N ASN F 104 -26.57 13.28 23.95
CA ASN F 104 -26.42 14.59 24.58
C ASN F 104 -26.10 14.48 26.08
N HIS F 105 -25.71 13.28 26.51
CA HIS F 105 -25.37 13.05 27.91
C HIS F 105 -24.16 13.89 28.29
N THR F 106 -23.29 14.16 27.31
CA THR F 106 -22.18 15.10 27.47
C THR F 106 -22.00 15.89 26.18
N VAL F 107 -22.03 17.23 26.25
CA VAL F 107 -21.83 18.04 25.02
C VAL F 107 -20.65 19.00 25.09
N LEU F 108 -19.89 18.96 26.18
CA LEU F 108 -18.75 19.86 26.35
C LEU F 108 -17.44 19.07 26.47
N VAL F 109 -16.35 19.67 25.96
CA VAL F 109 -15.02 19.11 26.16
C VAL F 109 -14.18 20.05 27.01
N PRO F 110 -13.29 19.50 27.84
CA PRO F 110 -13.10 18.05 28.06
C PRO F 110 -14.26 17.42 28.83
N LYS F 111 -14.50 16.14 28.58
CA LYS F 111 -15.65 15.43 29.16
C LYS F 111 -15.53 15.25 30.67
N GLU F 112 -14.29 15.12 31.15
CA GLU F 112 -14.03 14.76 32.54
C GLU F 112 -14.06 15.96 33.49
N THR F 113 -14.21 17.15 32.94
CA THR F 113 -14.32 18.34 33.77
C THR F 113 -15.60 19.09 33.42
N ALA F 114 -15.53 19.93 32.39
CA ALA F 114 -16.65 20.77 31.97
C ALA F 114 -17.85 19.95 31.51
N GLY F 115 -17.60 18.94 30.68
CA GLY F 115 -18.65 18.05 30.23
C GLY F 115 -19.53 17.54 31.34
N GLU F 116 -18.91 17.06 32.42
CA GLU F 116 -19.66 16.54 33.55
C GLU F 116 -20.21 17.67 34.41
N ALA F 117 -19.43 18.72 34.56
CA ALA F 117 -19.84 19.83 35.42
C ALA F 117 -21.09 20.53 34.90
N TYR F 118 -21.27 20.57 33.58
CA TYR F 118 -22.40 21.30 33.00
C TYR F 118 -23.54 20.41 32.52
N ARG F 119 -23.39 19.10 32.71
CA ARG F 119 -24.42 18.13 32.38
C ARG F 119 -25.66 18.35 33.23
N LEU F 120 -26.81 18.51 32.59
CA LEU F 120 -28.02 18.91 33.30
C LEU F 120 -29.28 18.47 32.55
N ILE F 121 -30.17 17.76 33.24
CA ILE F 121 -31.46 17.42 32.69
C ILE F 121 -32.25 18.73 32.50
N PRO F 122 -33.05 18.84 31.42
CA PRO F 122 -33.35 17.87 30.36
C PRO F 122 -32.50 18.03 29.11
N LEU F 123 -31.65 19.05 29.05
CA LEU F 123 -30.75 19.21 27.91
C LEU F 123 -29.86 17.98 27.72
N SER F 124 -29.61 17.27 28.80
CA SER F 124 -28.69 16.16 28.77
C SER F 124 -29.34 14.88 28.23
N LEU F 125 -30.65 14.88 28.12
CA LEU F 125 -31.41 13.69 27.73
C LEU F 125 -31.44 13.42 26.22
N ASP F 126 -31.62 12.15 25.86
CA ASP F 126 -31.86 11.73 24.48
C ASP F 126 -33.33 11.32 24.29
N PRO F 127 -33.80 11.27 23.03
CA PRO F 127 -35.07 10.59 22.75
C PRO F 127 -34.98 9.12 23.17
N PRO F 128 -36.10 8.53 23.63
CA PRO F 128 -37.44 9.13 23.73
C PRO F 128 -37.62 10.04 24.94
N GLU F 129 -36.69 10.01 25.88
CA GLU F 129 -36.84 10.74 27.15
C GLU F 129 -36.89 12.25 26.93
N HIS F 130 -36.11 12.73 25.97
CA HIS F 130 -36.01 14.15 25.70
C HIS F 130 -37.31 14.70 25.11
N ARG F 131 -38.06 13.83 24.43
CA ARG F 131 -39.22 14.24 23.62
C ARG F 131 -40.25 15.14 24.32
N PRO F 132 -40.73 14.78 25.52
CA PRO F 132 -41.73 15.67 26.13
C PRO F 132 -41.19 17.06 26.47
N PHE F 133 -39.90 17.14 26.81
CA PHE F 133 -39.29 18.42 27.16
C PHE F 133 -39.09 19.28 25.93
N ARG F 134 -38.71 18.64 24.82
CA ARG F 134 -38.62 19.34 23.55
C ARG F 134 -39.95 20.02 23.22
N SER F 135 -41.05 19.32 23.47
CA SER F 135 -42.39 19.86 23.21
C SER F 135 -42.67 21.06 24.10
N LEU F 136 -42.27 20.95 25.37
CA LEU F 136 -42.45 22.02 26.34
C LEU F 136 -41.66 23.26 25.94
N LEU F 137 -40.38 23.07 25.65
CA LEU F 137 -39.48 24.18 25.34
C LEU F 137 -39.91 24.89 24.07
N ASN F 138 -40.25 24.10 23.06
CA ASN F 138 -40.68 24.67 21.79
C ASN F 138 -42.03 25.36 21.88
N GLU F 139 -42.96 24.85 22.68
CA GLU F 139 -44.25 25.52 22.81
C GLU F 139 -44.13 26.85 23.54
N ASN F 140 -43.32 26.87 24.60
CA ASN F 140 -43.30 28.04 25.45
C ASN F 140 -42.43 29.19 24.95
N LEU F 141 -41.57 28.91 23.98
CA LEU F 141 -40.79 29.98 23.34
C LEU F 141 -41.28 30.23 21.93
N GLY F 142 -42.53 29.85 21.67
CA GLY F 142 -43.08 29.93 20.34
C GLY F 142 -43.58 31.33 20.06
N PRO F 143 -43.94 31.59 18.79
CA PRO F 143 -44.44 32.90 18.34
C PRO F 143 -45.57 33.45 19.21
N LYS F 144 -46.55 32.61 19.55
CA LYS F 144 -47.70 33.10 20.31
C LYS F 144 -47.33 33.55 21.74
N PRO F 145 -46.63 32.72 22.52
CA PRO F 145 -46.31 33.27 23.86
C PRO F 145 -45.33 34.44 23.84
N LEU F 146 -44.49 34.53 22.81
CA LEU F 146 -43.46 35.56 22.77
C LEU F 146 -43.92 36.87 22.13
N ARG F 147 -45.20 36.97 21.77
CA ARG F 147 -45.73 38.19 21.13
C ARG F 147 -45.46 39.49 21.91
N PRO F 148 -45.73 39.52 23.23
CA PRO F 148 -45.43 40.78 23.91
C PRO F 148 -43.93 41.08 24.06
N ILE F 149 -43.06 40.12 23.74
CA ILE F 149 -41.64 40.36 23.90
C ILE F 149 -41.12 41.32 22.82
N GLU F 150 -41.82 41.41 21.69
CA GLU F 150 -41.36 42.26 20.60
C GLU F 150 -41.18 43.70 21.06
N GLN F 151 -42.18 44.22 21.78
CA GLN F 151 -42.14 45.60 22.27
C GLN F 151 -41.06 45.74 23.35
N VAL F 152 -40.82 44.67 24.10
CA VAL F 152 -39.77 44.67 25.10
C VAL F 152 -38.42 44.93 24.46
N VAL F 153 -38.13 44.18 23.40
CA VAL F 153 -36.85 44.28 22.71
C VAL F 153 -36.73 45.64 22.07
N THR F 154 -37.83 46.13 21.54
CA THR F 154 -37.83 47.46 20.95
C THR F 154 -37.47 48.56 21.96
N ASP F 155 -38.16 48.57 23.09
CA ASP F 155 -37.93 49.61 24.09
C ASP F 155 -36.53 49.59 24.64
N LEU F 156 -35.95 48.40 24.72
CA LEU F 156 -34.64 48.24 25.31
C LEU F 156 -33.57 48.66 24.31
N ALA F 157 -33.71 48.17 23.09
CA ALA F 157 -32.77 48.52 22.03
C ALA F 157 -32.75 50.03 21.83
N VAL F 158 -33.92 50.64 21.76
CA VAL F 158 -34.03 52.09 21.58
C VAL F 158 -33.33 52.84 22.69
N SER F 159 -33.65 52.46 23.92
CA SER F 159 -33.02 53.00 25.12
C SER F 159 -31.48 52.98 25.05
N LEU F 160 -30.91 51.83 24.69
CA LEU F 160 -29.46 51.66 24.62
C LEU F 160 -28.86 52.52 23.49
N ILE F 161 -29.46 52.42 22.31
CA ILE F 161 -28.97 53.21 21.19
C ILE F 161 -29.00 54.71 21.47
N GLU F 162 -30.12 55.23 21.97
CA GLU F 162 -30.17 56.67 22.23
C GLU F 162 -29.20 57.08 23.34
N GLY F 163 -28.86 56.15 24.22
CA GLY F 163 -27.84 56.37 25.22
C GLY F 163 -26.45 56.76 24.70
N PHE F 164 -25.89 55.98 23.78
CA PHE F 164 -24.54 56.27 23.33
C PHE F 164 -24.51 57.03 22.00
N ARG F 165 -25.65 57.13 21.32
CA ARG F 165 -25.70 57.81 20.03
C ARG F 165 -25.01 59.20 20.01
N PRO F 166 -25.18 60.01 21.08
CA PRO F 166 -24.46 61.29 21.02
C PRO F 166 -22.94 61.19 21.10
N LYS F 167 -22.41 60.06 21.56
CA LYS F 167 -20.96 59.87 21.69
C LYS F 167 -20.23 59.67 20.36
N GLY F 168 -20.93 59.19 19.34
CA GLY F 168 -20.33 58.93 18.03
C GLY F 168 -19.49 57.66 17.97
N ARG F 169 -19.54 56.89 19.05
CA ARG F 169 -18.75 55.67 19.15
C ARG F 169 -19.26 54.85 20.32
N CYS F 170 -19.05 53.54 20.27
CA CYS F 170 -19.44 52.64 21.35
C CYS F 170 -18.74 51.32 21.18
N ASN F 171 -18.42 50.68 22.29
CA ASN F 171 -18.04 49.30 22.25
C ASN F 171 -19.31 48.48 22.05
N PHE F 172 -19.51 47.96 20.84
CA PHE F 172 -20.80 47.34 20.51
C PHE F 172 -21.12 46.18 21.45
N THR F 173 -20.13 45.33 21.71
CA THR F 173 -20.35 44.14 22.54
C THR F 173 -20.73 44.48 23.97
N HIS F 174 -19.97 45.36 24.61
CA HIS F 174 -20.23 45.70 26.01
C HIS F 174 -21.40 46.69 26.20
N GLU F 175 -21.47 47.71 25.35
CA GLU F 175 -22.45 48.77 25.54
C GLU F 175 -23.79 48.45 24.93
N PHE F 176 -23.87 47.47 24.04
CA PHE F 176 -25.17 47.16 23.42
C PHE F 176 -25.56 45.69 23.53
N ALA F 177 -24.80 44.83 22.84
CA ALA F 177 -25.19 43.45 22.63
C ALA F 177 -25.36 42.74 23.96
N GLU F 178 -24.42 42.92 24.86
CA GLU F 178 -24.46 42.23 26.16
C GLU F 178 -25.54 42.77 27.07
N GLN F 179 -26.12 43.93 26.72
CA GLN F 179 -27.15 44.53 27.56
C GLN F 179 -28.56 43.96 27.30
N LEU F 180 -28.70 43.10 26.30
CA LEU F 180 -30.02 42.62 25.87
C LEU F 180 -30.52 41.31 26.52
N PRO F 181 -29.72 40.23 26.45
CA PRO F 181 -30.38 38.94 26.69
C PRO F 181 -30.91 38.68 28.11
N VAL F 182 -30.23 39.14 29.15
CA VAL F 182 -30.73 38.85 30.49
C VAL F 182 -32.01 39.64 30.78
N ARG F 183 -32.04 40.92 30.41
CA ARG F 183 -33.25 41.72 30.58
C ARG F 183 -34.43 41.08 29.85
N ILE F 184 -34.16 40.54 28.66
CA ILE F 184 -35.21 39.92 27.85
C ILE F 184 -35.71 38.61 28.51
N PHE F 185 -34.79 37.75 28.93
CA PHE F 185 -35.14 36.58 29.71
C PHE F 185 -36.05 36.92 30.92
N MET F 186 -35.70 37.99 31.62
CA MET F 186 -36.44 38.36 32.83
C MET F 186 -37.88 38.74 32.53
N ARG F 187 -38.12 39.28 31.35
CA ARG F 187 -39.49 39.60 30.97
C ARG F 187 -40.23 38.35 30.46
N ILE F 188 -39.49 37.37 29.96
CA ILE F 188 -40.10 36.13 29.50
C ILE F 188 -40.57 35.30 30.72
N VAL F 189 -39.81 35.33 31.81
CA VAL F 189 -40.22 34.59 33.01
C VAL F 189 -40.82 35.49 34.10
N ASP F 190 -40.96 36.77 33.79
CA ASP F 190 -41.52 37.78 34.69
C ASP F 190 -40.77 37.88 36.02
N LEU F 191 -39.51 38.29 35.96
CA LEU F 191 -38.73 38.58 37.16
C LEU F 191 -38.62 40.10 37.33
N PRO F 192 -38.52 40.58 38.57
CA PRO F 192 -38.42 42.05 38.79
C PRO F 192 -37.12 42.66 38.28
N VAL F 193 -37.22 43.85 37.70
CA VAL F 193 -36.08 44.48 37.04
C VAL F 193 -34.94 44.76 38.02
N GLU F 194 -35.26 44.98 39.29
CA GLU F 194 -34.23 45.17 40.32
C GLU F 194 -33.26 43.99 40.49
N ASP F 195 -33.66 42.82 40.00
CA ASP F 195 -32.82 41.61 40.10
C ASP F 195 -31.84 41.47 38.95
N LEU F 196 -31.86 42.41 38.01
CA LEU F 196 -30.99 42.29 36.83
C LEU F 196 -29.49 42.14 37.18
N PRO F 197 -28.96 42.98 38.09
CA PRO F 197 -27.53 42.80 38.40
C PRO F 197 -27.15 41.42 38.95
N LYS F 198 -27.95 40.91 39.87
CA LYS F 198 -27.69 39.59 40.44
C LYS F 198 -27.75 38.47 39.41
N LEU F 199 -28.79 38.49 38.58
CA LEU F 199 -28.95 37.48 37.56
C LEU F 199 -27.87 37.56 36.46
N LYS F 200 -27.46 38.77 36.09
CA LYS F 200 -26.37 38.89 35.10
C LYS F 200 -25.09 38.32 35.71
N HIS F 201 -24.90 38.59 36.99
CA HIS F 201 -23.71 38.17 37.72
C HIS F 201 -23.65 36.66 37.77
N LEU F 202 -24.79 36.05 38.11
CA LEU F 202 -24.84 34.60 38.26
C LEU F 202 -24.71 33.88 36.91
N ALA F 203 -25.25 34.47 35.84
CA ALA F 203 -25.11 33.84 34.51
C ALA F 203 -23.68 33.94 33.99
N ASP F 204 -23.00 35.04 34.29
CA ASP F 204 -21.62 35.17 33.86
C ASP F 204 -20.68 34.21 34.65
N GLN F 205 -20.90 34.04 35.95
CA GLN F 205 -20.08 33.11 36.72
C GLN F 205 -20.37 31.64 36.38
N TYR F 206 -21.54 31.37 35.82
CA TYR F 206 -21.90 30.02 35.43
C TYR F 206 -21.23 29.64 34.13
N THR F 207 -21.27 30.53 33.14
CA THR F 207 -20.68 30.22 31.85
C THR F 207 -19.25 30.74 31.72
N PRO F 214 -15.96 26.98 42.41
CA PRO F 214 -17.17 27.56 42.99
C PRO F 214 -18.35 27.53 42.03
N LEU F 215 -18.29 26.64 41.05
CA LEU F 215 -19.36 26.56 40.05
C LEU F 215 -20.68 26.06 40.65
N ASP F 216 -20.63 25.06 41.50
CA ASP F 216 -21.89 24.53 42.03
C ASP F 216 -22.41 25.45 43.12
N ASP F 217 -21.52 26.27 43.69
CA ASP F 217 -21.92 27.33 44.60
C ASP F 217 -22.56 28.45 43.78
N VAL F 218 -22.18 28.52 42.51
CA VAL F 218 -22.79 29.46 41.58
C VAL F 218 -24.18 28.93 41.22
N THR F 219 -24.28 27.61 41.05
CA THR F 219 -25.54 26.97 40.69
C THR F 219 -26.48 26.88 41.90
N LYS F 220 -25.89 26.63 43.07
CA LYS F 220 -26.64 26.62 44.31
C LYS F 220 -27.38 27.92 44.43
N GLN F 221 -26.69 29.00 44.06
CA GLN F 221 -27.24 30.36 44.07
C GLN F 221 -28.39 30.59 43.07
N PHE F 222 -28.27 30.06 41.85
CA PHE F 222 -29.40 30.13 40.92
C PHE F 222 -30.66 29.50 41.52
N ARG F 223 -30.50 28.30 42.07
CA ARG F 223 -31.62 27.56 42.63
C ARG F 223 -32.18 28.23 43.85
N GLU F 224 -31.31 28.79 44.68
CA GLU F 224 -31.81 29.44 45.87
C GLU F 224 -32.52 30.72 45.44
N TYR F 225 -32.10 31.27 44.31
CA TYR F 225 -32.77 32.43 43.74
C TYR F 225 -34.12 32.02 43.16
N LEU F 226 -34.12 30.95 42.36
CA LEU F 226 -35.29 30.59 41.56
C LEU F 226 -36.35 29.81 42.34
N ARG F 227 -35.94 29.05 43.35
CA ARG F 227 -36.89 28.18 44.06
C ARG F 227 -38.10 28.93 44.64
N PRO F 228 -37.87 30.08 45.33
CA PRO F 228 -39.02 30.85 45.83
C PRO F 228 -39.91 31.47 44.76
N VAL F 229 -39.34 31.78 43.60
CA VAL F 229 -40.12 32.36 42.51
C VAL F 229 -41.05 31.32 41.93
N ILE F 230 -40.53 30.12 41.68
CA ILE F 230 -41.33 29.02 41.16
C ILE F 230 -42.41 28.62 42.15
N GLU F 231 -42.03 28.56 43.42
CA GLU F 231 -42.99 28.28 44.49
C GLU F 231 -44.06 29.37 44.56
N ALA F 232 -43.66 30.62 44.35
CA ALA F 232 -44.63 31.71 44.33
C ALA F 232 -45.58 31.59 43.13
N ARG F 233 -45.10 31.03 42.02
CA ARG F 233 -45.91 30.94 40.81
C ARG F 233 -46.91 29.78 40.87
N ARG F 234 -46.61 28.76 41.66
CA ARG F 234 -47.58 27.69 41.91
C ARG F 234 -48.75 28.25 42.71
N ILE F 235 -48.42 29.06 43.72
CA ILE F 235 -49.42 29.70 44.57
C ILE F 235 -50.27 30.68 43.78
N LYS F 236 -49.63 31.49 42.96
CA LYS F 236 -50.36 32.45 42.13
C LYS F 236 -49.79 32.47 40.72
N PRO F 237 -50.33 31.63 39.82
CA PRO F 237 -49.87 31.59 38.43
C PRO F 237 -50.20 32.86 37.62
N GLY F 238 -49.31 33.18 36.67
CA GLY F 238 -49.54 34.26 35.73
C GLY F 238 -49.48 33.74 34.31
N GLU F 239 -49.03 34.60 33.40
CA GLU F 239 -48.93 34.24 31.98
C GLU F 239 -47.48 34.05 31.52
N ASP F 240 -46.54 34.35 32.40
CA ASP F 240 -45.11 34.14 32.15
C ASP F 240 -44.72 32.69 31.88
N MET F 241 -43.46 32.47 31.50
N MET F 241 -43.46 32.49 31.48
CA MET F 241 -43.01 31.15 31.08
CA MET F 241 -42.99 31.17 31.09
C MET F 241 -42.96 30.14 32.23
C MET F 241 -43.01 30.16 32.24
N ILE F 242 -42.61 30.60 33.43
CA ILE F 242 -42.58 29.72 34.60
C ILE F 242 -43.98 29.23 34.93
N SER F 243 -44.95 30.14 34.96
CA SER F 243 -46.34 29.76 35.20
C SER F 243 -46.84 28.76 34.16
N ARG F 244 -46.54 29.00 32.87
CA ARG F 244 -47.04 28.12 31.82
C ARG F 244 -46.42 26.73 31.92
N MET F 245 -45.16 26.68 32.33
CA MET F 245 -44.47 25.40 32.39
CA MET F 245 -44.42 25.42 32.43
C MET F 245 -44.92 24.52 33.56
N ILE F 246 -45.03 25.11 34.75
CA ILE F 246 -45.40 24.32 35.92
C ILE F 246 -46.86 23.89 35.88
N ASN F 247 -47.69 24.66 35.17
CA ASN F 247 -49.10 24.30 35.02
C ASN F 247 -49.35 23.53 33.74
N GLY F 248 -48.27 23.27 33.02
CA GLY F 248 -48.31 22.37 31.88
C GLY F 248 -48.05 20.95 32.32
N GLU F 249 -47.57 20.12 31.39
CA GLU F 249 -47.29 18.73 31.71
C GLU F 249 -46.16 18.17 30.84
N VAL F 250 -45.64 17.02 31.26
CA VAL F 250 -44.64 16.30 30.47
C VAL F 250 -44.98 14.82 30.46
N GLY F 251 -46.26 14.50 30.67
CA GLY F 251 -46.73 13.13 30.63
C GLY F 251 -47.48 12.72 31.89
N GLY F 252 -48.23 13.65 32.45
CA GLY F 252 -49.04 13.36 33.62
C GLY F 252 -49.83 14.56 34.11
N PRO F 254 -46.03 16.55 35.38
CA PRO F 254 -46.38 17.69 36.22
C PRO F 254 -45.19 18.56 36.59
N LEU F 255 -44.02 18.23 36.05
CA LEU F 255 -42.81 19.07 36.14
C LEU F 255 -42.37 19.38 37.56
N THR F 256 -41.30 18.71 37.99
CA THR F 256 -40.74 18.96 39.32
C THR F 256 -40.09 20.33 39.40
N ASP F 257 -39.97 20.85 40.62
CA ASP F 257 -39.28 22.12 40.86
C ASP F 257 -37.87 22.14 40.30
N ILE F 258 -37.13 21.06 40.52
CA ILE F 258 -35.75 20.98 40.05
C ILE F 258 -35.70 21.02 38.52
N GLU F 259 -36.62 20.32 37.87
CA GLU F 259 -36.68 20.36 36.41
C GLU F 259 -36.94 21.79 35.95
N ALA F 260 -37.86 22.47 36.63
CA ALA F 260 -38.22 23.84 36.29
C ALA F 260 -37.05 24.81 36.52
N GLU F 261 -36.32 24.59 37.61
CA GLU F 261 -35.13 25.41 37.91
C GLU F 261 -34.10 25.23 36.80
N ASN F 262 -33.86 23.96 36.45
CA ASN F 262 -32.92 23.61 35.40
C ASN F 262 -33.27 24.30 34.09
N ILE F 263 -34.54 24.29 33.73
CA ILE F 263 -34.99 24.83 32.46
C ILE F 263 -34.73 26.34 32.43
N CYS F 264 -35.05 27.02 33.54
CA CYS F 264 -34.79 28.45 33.68
C CYS F 264 -33.31 28.80 33.45
N ILE F 265 -32.41 28.04 34.09
CA ILE F 265 -31.00 28.25 33.91
C ILE F 265 -30.62 28.07 32.45
N GLN F 266 -31.09 26.96 31.87
CA GLN F 266 -30.72 26.62 30.49
C GLN F 266 -31.27 27.60 29.45
N VAL F 267 -32.49 28.06 29.67
CA VAL F 267 -33.09 29.05 28.80
C VAL F 267 -32.33 30.38 28.89
N LEU F 268 -31.94 30.77 30.11
CA LEU F 268 -31.24 32.05 30.30
C LEU F 268 -29.85 31.97 29.67
N VAL F 269 -29.14 30.89 29.99
CA VAL F 269 -27.81 30.72 29.47
C VAL F 269 -27.83 30.44 27.97
N GLY F 270 -28.86 29.74 27.50
CA GLY F 270 -28.89 29.30 26.11
C GLY F 270 -28.96 30.46 25.14
N GLY F 271 -29.57 31.56 25.58
CA GLY F 271 -29.82 32.68 24.72
C GLY F 271 -28.96 33.88 25.04
N LEU F 272 -27.89 33.65 25.79
CA LEU F 272 -27.04 34.78 26.17
C LEU F 272 -25.84 34.90 25.22
N ASP F 273 -24.83 34.05 25.34
CA ASP F 273 -23.65 34.17 24.49
C ASP F 273 -23.95 34.01 23.00
N THR F 274 -24.87 33.10 22.68
CA THR F 274 -25.31 32.89 21.32
C THR F 274 -25.79 34.20 20.66
N VAL F 275 -26.73 34.88 21.31
CA VAL F 275 -27.29 36.11 20.74
C VAL F 275 -26.26 37.25 20.67
N VAL F 276 -25.51 37.45 21.76
CA VAL F 276 -24.48 38.49 21.81
C VAL F 276 -23.45 38.32 20.69
N ASN F 277 -22.99 37.10 20.51
CA ASN F 277 -21.94 36.87 19.53
C ASN F 277 -22.47 36.82 18.11
N MET F 278 -23.73 36.46 17.95
CA MET F 278 -24.36 36.54 16.63
C MET F 278 -24.52 38.01 16.24
N LEU F 279 -25.03 38.83 17.16
CA LEU F 279 -25.11 40.28 16.89
C LEU F 279 -23.72 40.84 16.56
N GLY F 280 -22.69 40.34 17.25
CA GLY F 280 -21.33 40.79 17.01
C GLY F 280 -20.85 40.49 15.60
N PHE F 281 -21.16 39.30 15.11
CA PHE F 281 -20.82 38.96 13.72
C PHE F 281 -21.61 39.79 12.73
N THR F 282 -22.86 40.03 13.08
CA THR F 282 -23.78 40.76 12.22
C THR F 282 -23.29 42.18 12.05
N PHE F 283 -23.01 42.87 13.16
CA PHE F 283 -22.71 44.30 13.07
C PHE F 283 -21.27 44.62 12.68
N SER F 284 -20.32 43.74 12.98
CA SER F 284 -18.96 43.91 12.48
CA SER F 284 -18.96 43.91 12.48
C SER F 284 -18.93 43.70 10.98
N HIS F 285 -19.76 42.79 10.48
CA HIS F 285 -19.85 42.59 9.03
C HIS F 285 -20.51 43.80 8.35
N LEU F 286 -21.60 44.31 8.93
CA LEU F 286 -22.22 45.52 8.37
C LEU F 286 -21.26 46.71 8.33
N ALA F 287 -20.43 46.83 9.36
CA ALA F 287 -19.48 47.93 9.41
C ALA F 287 -18.36 47.80 8.35
N LYS F 288 -18.06 46.57 7.91
CA LYS F 288 -17.07 46.36 6.84
C LYS F 288 -17.68 46.35 5.43
N ASP F 289 -18.91 45.87 5.31
CA ASP F 289 -19.57 45.72 4.02
C ASP F 289 -20.41 46.96 3.74
N HIS F 290 -19.74 48.00 3.24
CA HIS F 290 -20.36 49.31 3.04
C HIS F 290 -21.58 49.26 2.11
N ALA F 291 -21.50 48.47 1.06
CA ALA F 291 -22.61 48.43 0.10
C ALA F 291 -23.84 47.79 0.75
N LEU F 292 -23.62 46.78 1.57
CA LEU F 292 -24.74 46.14 2.24
C LEU F 292 -25.40 47.08 3.24
N ARG F 293 -24.56 47.69 4.07
CA ARG F 293 -25.02 48.58 5.10
C ARG F 293 -25.89 49.71 4.53
N ARG F 294 -25.41 50.34 3.46
CA ARG F 294 -26.11 51.48 2.86
C ARG F 294 -27.40 51.08 2.14
N ALA F 295 -27.44 49.85 1.64
CA ALA F 295 -28.67 49.29 1.05
C ALA F 295 -29.76 49.15 2.09
N ILE F 296 -29.41 48.55 3.23
CA ILE F 296 -30.38 48.40 4.31
C ILE F 296 -30.80 49.77 4.88
N ALA F 297 -29.85 50.69 5.02
CA ALA F 297 -30.16 52.01 5.57
C ALA F 297 -31.23 52.69 4.73
N ALA F 298 -31.14 52.46 3.42
CA ALA F 298 -32.03 53.06 2.44
C ALA F 298 -33.35 52.30 2.34
N ASP F 299 -33.30 50.98 2.52
CA ASP F 299 -34.50 50.16 2.38
C ASP F 299 -34.66 49.14 3.52
N PRO F 300 -35.33 49.55 4.60
CA PRO F 300 -35.56 48.64 5.73
C PRO F 300 -36.34 47.38 5.33
N SER F 301 -37.02 47.37 4.19
CA SER F 301 -37.74 46.18 3.76
C SER F 301 -36.80 45.01 3.52
N LEU F 302 -35.52 45.31 3.34
CA LEU F 302 -34.50 44.28 3.09
C LEU F 302 -34.11 43.48 4.34
N ILE F 303 -34.55 43.93 5.51
CA ILE F 303 -34.10 43.33 6.76
C ILE F 303 -34.56 41.88 6.93
N ASP F 304 -35.77 41.59 6.48
CA ASP F 304 -36.31 40.23 6.58
C ASP F 304 -35.41 39.22 5.86
N ASP F 305 -35.05 39.51 4.62
CA ASP F 305 -34.19 38.61 3.89
C ASP F 305 -32.77 38.64 4.46
N ALA F 306 -32.34 39.82 4.88
CA ALA F 306 -30.97 39.98 5.40
C ALA F 306 -30.71 39.13 6.64
N LEU F 307 -31.69 39.12 7.54
CA LEU F 307 -31.67 38.32 8.78
C LEU F 307 -31.39 36.84 8.52
N LEU F 308 -32.08 36.30 7.52
CA LEU F 308 -31.89 34.93 7.14
C LEU F 308 -30.48 34.71 6.60
N GLU F 309 -29.93 35.70 5.90
CA GLU F 309 -28.58 35.51 5.40
C GLU F 309 -27.54 35.65 6.52
N PHE F 310 -27.78 36.55 7.47
CA PHE F 310 -26.88 36.63 8.63
C PHE F 310 -26.80 35.31 9.39
N PHE F 311 -27.95 34.67 9.59
CA PHE F 311 -27.96 33.37 10.28
C PHE F 311 -27.27 32.26 9.48
N ARG F 312 -27.43 32.26 8.16
CA ARG F 312 -26.73 31.28 7.33
C ARG F 312 -25.22 31.51 7.28
N ARG F 313 -24.82 32.77 7.18
CA ARG F 313 -23.42 33.12 6.93
C ARG F 313 -22.51 33.00 8.17
N PHE F 314 -23.09 33.14 9.37
CA PHE F 314 -22.28 33.22 10.58
C PHE F 314 -22.66 32.23 11.66
N PRO F 315 -22.61 30.93 11.34
CA PRO F 315 -22.83 29.92 12.38
C PRO F 315 -21.79 30.10 13.49
N VAL F 316 -22.18 29.94 14.75
CA VAL F 316 -21.25 30.16 15.86
C VAL F 316 -21.11 28.97 16.85
N VAL F 317 -22.07 28.05 16.87
CA VAL F 317 -22.08 27.02 17.93
C VAL F 317 -21.28 25.76 17.58
N SER F 318 -20.51 25.24 18.55
CA SER F 318 -19.84 23.95 18.40
C SER F 318 -20.25 23.03 19.53
N SER F 319 -21.22 22.17 19.26
CA SER F 319 -21.67 21.25 20.29
C SER F 319 -20.90 19.95 20.14
N ALA F 320 -21.03 19.07 21.11
CA ALA F 320 -20.42 17.77 21.00
C ALA F 320 -21.38 16.71 21.48
N ARG F 321 -20.99 15.46 21.27
CA ARG F 321 -21.79 14.30 21.63
C ARG F 321 -20.90 13.24 22.26
N GLU F 322 -21.51 12.39 23.09
CA GLU F 322 -20.81 11.26 23.69
C GLU F 322 -21.15 10.01 22.89
N VAL F 323 -20.13 9.18 22.63
CA VAL F 323 -20.32 7.85 22.01
C VAL F 323 -20.85 6.86 23.05
N LEU F 324 -21.99 6.24 22.78
CA LEU F 324 -22.67 5.44 23.80
C LEU F 324 -22.10 4.02 23.87
N ARG F 325 -21.72 3.46 22.73
CA ARG F 325 -21.19 2.10 22.68
C ARG F 325 -20.05 1.98 21.70
N ASP F 326 -19.16 1.02 21.94
CA ASP F 326 -18.13 0.68 20.96
C ASP F 326 -18.79 0.46 19.61
N GLN F 327 -18.23 1.07 18.57
CA GLN F 327 -18.80 0.94 17.23
C GLN F 327 -17.81 1.37 16.14
N GLU F 328 -18.06 0.90 14.92
CA GLU F 328 -17.28 1.34 13.76
C GLU F 328 -17.99 2.55 13.13
N PHE F 329 -17.22 3.55 12.74
CA PHE F 329 -17.79 4.79 12.23
C PHE F 329 -16.76 5.58 11.44
N GLU F 330 -17.09 5.91 10.20
CA GLU F 330 -16.23 6.74 9.36
C GLU F 330 -14.82 6.17 9.22
N GLY F 331 -14.71 4.84 9.17
CA GLY F 331 -13.44 4.18 8.93
C GLY F 331 -12.61 3.93 10.17
N VAL F 332 -13.18 4.22 11.34
CA VAL F 332 -12.40 4.17 12.58
C VAL F 332 -13.18 3.41 13.66
N LEU F 333 -12.50 3.10 14.76
CA LEU F 333 -13.15 2.41 15.87
C LEU F 333 -13.40 3.41 17.01
N LEU F 334 -14.67 3.70 17.27
CA LEU F 334 -15.01 4.57 18.39
C LEU F 334 -15.19 3.78 19.68
N LYS F 335 -14.41 4.12 20.70
CA LYS F 335 -14.61 3.54 22.02
C LYS F 335 -15.81 4.20 22.70
N ALA F 336 -16.51 3.44 23.54
CA ALA F 336 -17.56 4.00 24.37
C ALA F 336 -16.94 5.03 25.30
N GLY F 337 -17.59 6.20 25.41
CA GLY F 337 -17.09 7.27 26.25
C GLY F 337 -16.27 8.27 25.46
N ASP F 338 -16.06 7.98 24.17
CA ASP F 338 -15.35 8.90 23.30
C ASP F 338 -16.22 10.14 23.09
N MET F 339 -15.59 11.27 22.79
CA MET F 339 -16.31 12.51 22.54
C MET F 339 -16.18 12.90 21.08
N VAL F 340 -17.30 13.23 20.44
CA VAL F 340 -17.28 13.69 19.05
C VAL F 340 -17.88 15.10 18.87
N MET F 341 -17.04 16.03 18.47
CA MET F 341 -17.46 17.41 18.20
C MET F 341 -18.04 17.54 16.79
N ALA F 342 -19.20 18.20 16.70
CA ALA F 342 -19.87 18.37 15.42
C ALA F 342 -20.37 19.80 15.26
N PRO F 343 -19.47 20.72 14.87
CA PRO F 343 -19.81 22.14 14.79
C PRO F 343 -20.89 22.47 13.75
N THR F 344 -21.78 23.38 14.12
CA THR F 344 -22.69 23.96 13.16
C THR F 344 -21.88 24.69 12.06
N VAL F 345 -20.69 25.17 12.40
CA VAL F 345 -19.85 25.88 11.43
C VAL F 345 -19.52 25.09 10.15
N VAL F 346 -19.12 23.83 10.28
CA VAL F 346 -18.68 23.06 9.11
C VAL F 346 -19.84 22.67 8.20
N VAL F 347 -21.05 23.03 8.61
CA VAL F 347 -22.26 22.71 7.87
C VAL F 347 -22.50 23.77 6.80
N ALA F 348 -22.70 25.01 7.24
CA ALA F 348 -22.98 26.11 6.33
C ALA F 348 -21.79 26.45 5.46
N MET F 349 -20.59 26.19 5.98
CA MET F 349 -19.37 26.57 5.29
C MET F 349 -18.88 25.51 4.32
N ASP F 350 -19.62 24.42 4.18
CA ASP F 350 -19.23 23.37 3.25
C ASP F 350 -19.65 23.70 1.82
N ASP F 351 -18.71 23.54 0.88
CA ASP F 351 -18.94 23.86 -0.52
C ASP F 351 -19.80 22.79 -1.21
N ALA F 352 -20.34 21.87 -0.43
CA ALA F 352 -21.19 20.82 -0.98
C ALA F 352 -22.64 21.28 -1.14
N ARG F 353 -23.06 22.25 -0.34
CA ARG F 353 -24.49 22.55 -0.23
C ARG F 353 -24.84 24.05 -0.28
N ASN F 354 -23.82 24.91 -0.34
CA ASN F 354 -24.06 26.33 -0.58
C ASN F 354 -22.98 26.90 -1.49
N GLU F 355 -23.40 27.40 -2.65
CA GLU F 355 -22.47 28.02 -3.59
C GLU F 355 -21.88 29.29 -2.98
N ASP F 356 -20.54 29.36 -2.95
CA ASP F 356 -19.82 30.47 -2.35
C ASP F 356 -20.36 30.76 -0.95
N PRO F 357 -20.05 29.89 0.01
CA PRO F 357 -20.67 30.04 1.34
C PRO F 357 -20.20 31.27 2.12
N LEU F 358 -18.98 31.74 1.86
CA LEU F 358 -18.46 32.89 2.58
C LEU F 358 -19.03 34.20 2.06
N GLU F 359 -19.71 34.14 0.92
CA GLU F 359 -20.28 35.34 0.33
C GLU F 359 -21.63 35.71 0.93
N PHE F 360 -21.74 36.94 1.40
CA PHE F 360 -23.02 37.43 1.89
C PHE F 360 -23.88 37.87 0.72
N ARG F 361 -24.98 37.18 0.51
CA ARG F 361 -25.84 37.42 -0.64
C ARG F 361 -27.32 37.51 -0.27
N LEU F 362 -27.91 38.66 -0.54
CA LEU F 362 -29.36 38.83 -0.41
C LEU F 362 -30.09 38.15 -1.57
N GLY F 363 -29.38 37.93 -2.67
CA GLY F 363 -29.97 37.32 -3.83
C GLY F 363 -30.13 35.82 -3.71
N ARG F 364 -29.81 35.30 -2.53
CA ARG F 364 -29.82 33.86 -2.32
C ARG F 364 -31.24 33.31 -2.31
N LYS F 365 -31.47 32.34 -3.21
CA LYS F 365 -32.78 31.72 -3.34
C LYS F 365 -32.89 30.50 -2.42
N ALA F 366 -31.80 29.76 -2.30
CA ALA F 366 -31.76 28.59 -1.44
C ALA F 366 -30.86 28.84 -0.24
N ARG F 367 -31.41 28.69 0.96
CA ARG F 367 -30.63 28.79 2.18
C ARG F 367 -30.76 27.54 3.03
N GLN F 368 -29.69 26.76 3.08
CA GLN F 368 -29.63 25.57 3.91
C GLN F 368 -28.50 25.71 4.91
N HIS F 369 -28.77 25.36 6.16
CA HIS F 369 -27.78 25.47 7.22
C HIS F 369 -28.26 24.82 8.50
N SER F 370 -27.38 24.75 9.48
CA SER F 370 -27.72 24.20 10.78
C SER F 370 -27.26 25.09 11.91
N THR F 371 -27.40 26.39 11.74
CA THR F 371 -27.00 27.36 12.76
C THR F 371 -27.73 27.09 14.07
N PHE F 372 -28.91 26.52 13.96
CA PHE F 372 -29.72 26.22 15.14
C PHE F 372 -29.75 24.72 15.47
N GLY F 373 -28.85 23.98 14.85
CA GLY F 373 -28.72 22.55 15.09
C GLY F 373 -29.64 21.72 14.23
N LYS F 374 -29.59 20.40 14.45
CA LYS F 374 -30.48 19.46 13.78
C LYS F 374 -30.86 18.34 14.75
N GLY F 375 -32.10 17.85 14.61
CA GLY F 375 -32.57 16.77 15.43
C GLY F 375 -33.42 17.25 16.59
N SER F 376 -33.49 16.42 17.63
CA SER F 376 -34.36 16.65 18.77
C SER F 376 -33.99 17.93 19.54
N HIS F 377 -32.71 18.28 19.50
CA HIS F 377 -32.20 19.37 20.30
C HIS F 377 -32.11 20.66 19.54
N THR F 378 -32.81 20.75 18.41
CA THR F 378 -32.78 21.95 17.60
C THR F 378 -33.27 23.11 18.45
N CYS F 379 -32.58 24.25 18.34
CA CYS F 379 -32.79 25.38 19.22
C CYS F 379 -34.25 25.84 19.31
N PRO F 380 -34.85 25.78 20.51
CA PRO F 380 -36.20 26.32 20.68
C PRO F 380 -36.24 27.83 20.76
N GLY F 381 -35.07 28.47 20.85
CA GLY F 381 -35.02 29.91 20.96
C GLY F 381 -34.88 30.61 19.62
N ALA F 382 -34.95 29.84 18.54
CA ALA F 382 -34.73 30.38 17.20
C ALA F 382 -35.73 31.49 16.82
N HIS F 383 -36.99 31.34 17.20
CA HIS F 383 -37.97 32.39 16.93
CA HIS F 383 -37.97 32.39 16.93
C HIS F 383 -37.61 33.68 17.66
N LEU F 384 -37.27 33.58 18.94
CA LEU F 384 -36.85 34.77 19.69
C LEU F 384 -35.59 35.36 19.07
N ALA F 385 -34.61 34.51 18.74
CA ALA F 385 -33.39 35.00 18.11
C ALA F 385 -33.66 35.83 16.85
N ARG F 386 -34.55 35.36 15.98
CA ARG F 386 -34.85 36.07 14.74
CA ARG F 386 -34.87 36.07 14.74
C ARG F 386 -35.65 37.35 15.01
N MET F 387 -36.51 37.32 16.01
CA MET F 387 -37.29 38.51 16.40
C MET F 387 -36.36 39.59 16.92
N GLU F 388 -35.42 39.19 17.78
CA GLU F 388 -34.44 40.10 18.36
C GLU F 388 -33.59 40.72 17.27
N MET F 389 -33.16 39.90 16.30
CA MET F 389 -32.34 40.43 15.22
C MET F 389 -33.09 41.44 14.34
N LYS F 390 -34.36 41.13 14.05
CA LYS F 390 -35.21 42.01 13.27
C LYS F 390 -35.39 43.37 13.94
N VAL F 391 -35.64 43.34 15.26
CA VAL F 391 -35.84 44.57 16.00
C VAL F 391 -34.57 45.40 16.11
N VAL F 392 -33.44 44.75 16.34
CA VAL F 392 -32.19 45.48 16.51
C VAL F 392 -31.75 46.11 15.20
N LEU F 393 -31.80 45.32 14.12
CA LEU F 393 -31.43 45.85 12.81
C LEU F 393 -32.30 47.05 12.46
N ARG F 394 -33.60 46.91 12.65
CA ARG F 394 -34.56 47.98 12.34
C ARG F 394 -34.32 49.27 13.12
N GLU F 395 -34.17 49.15 14.43
CA GLU F 395 -33.96 50.33 15.27
C GLU F 395 -32.60 50.96 15.08
N TRP F 396 -31.61 50.11 14.82
CA TRP F 396 -30.26 50.60 14.64
C TRP F 396 -30.19 51.43 13.36
N PHE F 397 -30.78 50.92 12.29
CA PHE F 397 -30.63 51.57 10.99
C PHE F 397 -31.49 52.82 10.91
N ALA F 398 -32.55 52.86 11.69
CA ALA F 398 -33.32 54.08 11.84
C ALA F 398 -32.44 55.18 12.46
N ARG F 399 -31.68 54.81 13.48
CA ARG F 399 -31.01 55.80 14.31
C ARG F 399 -29.56 56.08 13.92
N ILE F 400 -28.88 55.05 13.46
CA ILE F 400 -27.46 55.13 13.10
C ILE F 400 -27.28 54.41 11.77
N PRO F 401 -27.67 55.06 10.66
CA PRO F 401 -27.70 54.45 9.34
C PRO F 401 -26.28 54.13 8.85
N GLU F 402 -25.34 54.99 9.20
CA GLU F 402 -23.99 54.90 8.68
C GLU F 402 -23.00 54.85 9.82
N PHE F 403 -22.12 53.85 9.75
CA PHE F 403 -21.21 53.56 10.84
C PHE F 403 -20.12 52.63 10.31
N ARG F 404 -19.01 52.56 11.00
CA ARG F 404 -17.92 51.65 10.62
C ARG F 404 -17.15 51.23 11.84
N ILE F 405 -16.22 50.28 11.68
CA ILE F 405 -15.32 49.98 12.77
C ILE F 405 -14.46 51.21 13.01
N GLU F 406 -14.25 51.58 14.26
CA GLU F 406 -13.37 52.70 14.57
C GLU F 406 -12.01 52.56 13.88
N ASP F 407 -11.63 53.58 13.12
CA ASP F 407 -10.38 53.63 12.35
C ASP F 407 -10.27 52.49 11.36
N ASP F 408 -11.41 51.88 11.01
CA ASP F 408 -11.48 50.72 10.14
C ASP F 408 -10.47 49.63 10.54
N ALA F 409 -10.28 49.45 11.85
CA ALA F 409 -9.41 48.40 12.37
C ALA F 409 -9.84 47.00 11.93
N PRO F 410 -8.90 46.06 11.83
CA PRO F 410 -9.37 44.75 11.42
C PRO F 410 -10.09 44.01 12.57
N LEU F 411 -10.89 43.01 12.22
CA LEU F 411 -11.57 42.18 13.21
C LEU F 411 -10.59 41.13 13.72
N ARG F 412 -10.72 40.74 14.99
CA ARG F 412 -10.02 39.58 15.54
C ARG F 412 -11.08 38.67 16.14
N TYR F 413 -10.74 37.39 16.30
CA TYR F 413 -11.78 36.44 16.63
C TYR F 413 -11.36 35.42 17.67
N SER F 414 -12.35 34.98 18.42
CA SER F 414 -12.18 33.91 19.38
C SER F 414 -13.02 32.69 19.00
N ASN F 415 -12.50 31.51 19.29
CA ASN F 415 -13.24 30.25 19.18
C ASN F 415 -13.69 29.81 20.56
N GLY F 416 -14.77 29.03 20.61
CA GLY F 416 -15.23 28.45 21.85
C GLY F 416 -16.51 27.67 21.59
N ILE F 417 -17.29 27.42 22.63
CA ILE F 417 -18.56 26.74 22.42
C ILE F 417 -19.44 27.62 21.56
N VAL F 418 -19.35 28.91 21.85
CA VAL F 418 -19.87 29.95 20.95
C VAL F 418 -18.74 30.84 20.43
N GLY F 419 -18.45 30.73 19.14
CA GLY F 419 -17.44 31.57 18.50
C GLY F 419 -17.82 33.04 18.54
N SER F 420 -16.84 33.92 18.33
CA SER F 420 -17.09 35.34 18.50
C SER F 420 -16.09 36.25 17.82
N VAL F 421 -16.56 37.45 17.54
CA VAL F 421 -15.68 38.57 17.18
C VAL F 421 -15.25 39.26 18.46
N LYS F 422 -13.94 39.44 18.65
CA LYS F 422 -13.46 40.08 19.86
C LYS F 422 -14.04 41.50 19.93
N PRO F 423 -14.31 41.97 21.16
CA PRO F 423 -15.03 43.26 21.32
C PRO F 423 -14.47 44.36 20.42
N PHE F 424 -15.36 45.04 19.72
CA PHE F 424 -14.99 46.00 18.69
C PHE F 424 -15.74 47.31 18.90
N VAL F 425 -15.16 48.40 18.41
CA VAL F 425 -15.75 49.72 18.59
C VAL F 425 -16.33 50.23 17.27
N LEU F 426 -17.57 50.70 17.30
CA LEU F 426 -18.18 51.27 16.11
C LEU F 426 -18.10 52.78 16.24
N GLU F 427 -18.00 53.47 15.11
CA GLU F 427 -18.05 54.93 15.10
C GLU F 427 -19.05 55.44 14.05
N TRP F 428 -19.63 56.61 14.30
CA TRP F 428 -20.57 57.23 13.36
C TRP F 428 -20.47 58.75 13.48
N PRO F 429 -20.82 59.47 12.40
CA PRO F 429 -20.90 60.93 12.49
C PRO F 429 -21.94 61.41 13.49
N VAL F 430 -21.57 62.41 14.29
CA VAL F 430 -22.40 63.07 15.31
C VAL F 430 -23.36 62.15 16.06
#